data_5BMU
#
_entry.id   5BMU
#
_cell.length_a   92.063
_cell.length_b   92.063
_cell.length_c   185.948
_cell.angle_alpha   90.00
_cell.angle_beta   90.00
_cell.angle_gamma   120.00
#
_symmetry.space_group_name_H-M   'P 31'
#
loop_
_entity.id
_entity.type
_entity.pdbx_description
1 polymer 'Eukaryotic translation elongation factor 1 epsilon-1'
2 polymer 'Glutamate--tRNA ligase'
3 water water
#
loop_
_entity_poly.entity_id
_entity_poly.type
_entity_poly.pdbx_seq_one_letter_code
_entity_poly.pdbx_strand_id
1 'polypeptide(L)'
;GHMAAAAELSLLEKSLGLSKGNKYSAQGERQIPVLQTNNGPSLTGLTTIAAHLVKQANKEYLLGSTAEEKAIVQQWLEYR
VTQVDGHSSKNDIHTLLKDLNSYLEDKVYLTGYNFTLADILLYYGLHRFIVDLTVQEKEKYLNVSRWFCHIQHYPGIRQH
LSSVVFIKNRL
;
A,C,E,G
2 'polypeptide(L)'
;MATLSLTVNSGDPPLGALLAVEHVKDDVSISVEEGKENILHVSENVIFTDVNSILRYLARVATTAGLYGSNLMEHTEIDH
WLEFSATKLSSSDSFTSTINELNHSLSLRTYLVGNSLSLADLSVWATLKGNAAWQEQLKQKKAPVHVKRWFGFLEAQQAF
QSVGTKWDVSTTKAR
;
B,D,F,H
#
# COMPACT_ATOMS: atom_id res chain seq x y z
N HIS A 2 -22.18 15.34 -8.01
CA HIS A 2 -23.40 14.59 -7.58
C HIS A 2 -23.11 13.25 -6.85
N MET A 3 -22.20 12.42 -7.38
CA MET A 3 -21.65 11.25 -6.64
C MET A 3 -20.14 11.38 -6.53
N ALA A 4 -19.66 11.48 -5.30
CA ALA A 4 -18.24 11.60 -5.01
C ALA A 4 -17.49 10.38 -5.51
N ALA A 5 -16.26 10.59 -5.96
CA ALA A 5 -15.46 9.54 -6.57
C ALA A 5 -15.05 8.50 -5.56
N ALA A 6 -15.01 8.87 -4.27
CA ALA A 6 -14.73 7.90 -3.20
C ALA A 6 -15.93 7.03 -2.98
N ALA A 7 -17.11 7.62 -3.01
CA ALA A 7 -18.38 6.85 -3.06
C ALA A 7 -18.42 5.90 -4.26
N GLU A 8 -17.86 6.34 -5.40
CA GLU A 8 -17.83 5.50 -6.59
C GLU A 8 -16.95 4.27 -6.44
N LEU A 9 -15.86 4.42 -5.73
CA LEU A 9 -14.91 3.34 -5.53
C LEU A 9 -15.40 2.26 -4.57
N SER A 10 -16.10 2.67 -3.52
CA SER A 10 -16.75 1.73 -2.59
C SER A 10 -17.77 0.87 -3.27
N LEU A 11 -18.50 1.51 -4.20
CA LEU A 11 -19.47 0.86 -5.10
C LEU A 11 -18.81 -0.09 -6.09
N LEU A 12 -17.63 0.26 -6.56
CA LEU A 12 -16.89 -0.56 -7.49
C LEU A 12 -16.36 -1.80 -6.80
N GLU A 13 -15.93 -1.65 -5.55
CA GLU A 13 -15.37 -2.77 -4.82
C GLU A 13 -16.36 -3.92 -4.85
N LYS A 14 -17.64 -3.61 -4.61
CA LYS A 14 -18.64 -4.64 -4.52
C LYS A 14 -19.04 -5.11 -5.92
N SER A 15 -19.16 -4.18 -6.89
CA SER A 15 -19.31 -4.60 -8.31
C SER A 15 -18.35 -5.74 -8.64
N LEU A 16 -17.09 -5.53 -8.34
CA LEU A 16 -16.05 -6.52 -8.62
C LEU A 16 -16.20 -7.82 -7.83
N GLY A 17 -16.78 -7.74 -6.62
CA GLY A 17 -16.89 -8.88 -5.73
C GLY A 17 -15.82 -8.88 -4.62
N LEU A 18 -15.14 -7.75 -4.42
CA LEU A 18 -14.21 -7.64 -3.30
C LEU A 18 -14.98 -7.58 -2.00
N SER A 19 -14.53 -8.35 -1.02
CA SER A 19 -15.12 -8.36 0.31
C SER A 19 -14.59 -7.24 1.17
N LYS A 20 -13.28 -7.00 1.11
CA LYS A 20 -12.62 -5.91 1.82
C LYS A 20 -12.98 -4.54 1.23
N GLY A 21 -13.14 -3.55 2.11
CA GLY A 21 -13.52 -2.18 1.75
C GLY A 21 -12.57 -1.20 2.39
N ASN A 22 -11.89 -0.40 1.57
CA ASN A 22 -10.85 0.49 2.06
C ASN A 22 -11.41 1.84 2.47
N LYS A 23 -10.73 2.47 3.41
CA LYS A 23 -10.94 3.89 3.69
C LYS A 23 -10.41 4.67 2.48
N TYR A 24 -11.17 5.65 2.00
CA TYR A 24 -10.70 6.55 0.95
C TYR A 24 -10.77 8.00 1.40
N SER A 25 -9.74 8.74 1.06
CA SER A 25 -9.65 10.15 1.31
C SER A 25 -10.09 10.92 0.07
N ALA A 26 -10.11 12.24 0.25
CA ALA A 26 -10.21 13.13 -0.87
C ALA A 26 -9.32 14.34 -0.65
N GLN A 27 -8.85 14.90 -1.75
CA GLN A 27 -7.81 15.92 -1.77
C GLN A 27 -8.30 17.08 -2.62
N GLY A 28 -8.26 18.29 -2.07
CA GLY A 28 -8.59 19.52 -2.80
C GLY A 28 -10.06 19.73 -3.12
N GLU A 29 -10.33 20.74 -3.94
CA GLU A 29 -11.70 21.15 -4.30
C GLU A 29 -12.29 20.42 -5.51
N ARG A 30 -11.43 19.93 -6.40
CA ARG A 30 -11.80 18.92 -7.40
C ARG A 30 -12.25 17.66 -6.71
N GLN A 31 -11.65 17.41 -5.54
CA GLN A 31 -12.05 16.33 -4.66
C GLN A 31 -11.72 15.03 -5.29
N ILE A 32 -10.44 14.85 -5.54
CA ILE A 32 -9.96 13.66 -6.21
C ILE A 32 -9.87 12.53 -5.15
N PRO A 33 -10.20 11.28 -5.54
CA PRO A 33 -10.07 10.16 -4.61
C PRO A 33 -8.61 9.69 -4.40
N VAL A 34 -8.31 9.33 -3.16
CA VAL A 34 -6.95 9.04 -2.71
C VAL A 34 -7.00 7.77 -1.86
N LEU A 35 -6.00 6.91 -2.00
CA LEU A 35 -5.93 5.66 -1.22
C LEU A 35 -4.59 5.58 -0.52
N GLN A 36 -4.59 5.73 0.82
CA GLN A 36 -3.39 5.48 1.63
C GLN A 36 -3.10 3.98 1.57
N THR A 37 -2.13 3.60 0.73
CA THR A 37 -2.12 2.25 0.16
C THR A 37 -1.39 1.17 0.97
N ASN A 38 -1.83 -0.07 0.74
CA ASN A 38 -1.22 -1.28 1.31
C ASN A 38 -0.28 -2.00 0.31
N ASN A 39 0.19 -1.28 -0.71
CA ASN A 39 1.19 -1.78 -1.66
C ASN A 39 1.96 -0.66 -2.41
N GLY A 40 2.54 0.28 -1.65
CA GLY A 40 3.49 1.28 -2.23
C GLY A 40 3.43 2.72 -1.74
N PRO A 41 3.36 3.70 -2.67
CA PRO A 41 2.95 5.05 -2.28
C PRO A 41 1.45 5.22 -2.50
N SER A 42 0.86 6.17 -1.79
CA SER A 42 -0.55 6.51 -1.93
C SER A 42 -1.02 6.50 -3.40
N LEU A 43 -2.14 5.83 -3.64
CA LEU A 43 -2.76 5.85 -4.98
C LEU A 43 -3.73 7.02 -5.06
N THR A 44 -3.84 7.61 -6.26
CA THR A 44 -4.67 8.80 -6.46
C THR A 44 -5.41 8.79 -7.82
N GLY A 45 -6.54 9.49 -7.86
CA GLY A 45 -7.43 9.52 -9.03
C GLY A 45 -8.39 8.33 -9.12
N LEU A 46 -9.51 8.55 -9.82
CA LEU A 46 -10.60 7.56 -9.91
C LEU A 46 -10.14 6.26 -10.60
N THR A 47 -9.51 6.43 -11.77
CA THR A 47 -9.25 5.33 -12.69
C THR A 47 -8.00 4.54 -12.33
N THR A 48 -7.13 5.14 -11.57
CA THR A 48 -6.01 4.46 -11.03
C THR A 48 -6.31 3.48 -9.89
N ILE A 49 -7.15 3.93 -8.98
CA ILE A 49 -7.57 3.16 -7.86
C ILE A 49 -8.39 2.06 -8.39
N ALA A 50 -9.20 2.37 -9.36
CA ALA A 50 -10.04 1.41 -9.96
C ALA A 50 -9.31 0.28 -10.61
N ALA A 51 -8.22 0.57 -11.27
CA ALA A 51 -7.37 -0.37 -11.94
C ALA A 51 -6.72 -1.38 -10.99
N HIS A 52 -6.39 -0.82 -9.86
CA HIS A 52 -5.89 -1.48 -8.71
C HIS A 52 -6.85 -2.45 -8.09
N LEU A 53 -8.08 -2.05 -7.90
CA LEU A 53 -9.13 -2.86 -7.36
C LEU A 53 -9.47 -4.02 -8.28
N VAL A 54 -9.39 -3.76 -9.57
CA VAL A 54 -9.60 -4.70 -10.64
C VAL A 54 -8.57 -5.79 -10.51
N LYS A 55 -7.38 -5.37 -10.21
CA LYS A 55 -6.27 -6.18 -9.93
C LYS A 55 -6.27 -6.88 -8.62
N GLN A 56 -6.84 -6.27 -7.63
CA GLN A 56 -7.02 -6.85 -6.35
C GLN A 56 -7.97 -8.02 -6.50
N ALA A 57 -9.00 -7.85 -7.28
CA ALA A 57 -9.99 -8.82 -7.53
C ALA A 57 -9.60 -9.97 -8.39
N ASN A 58 -8.44 -9.87 -9.02
CA ASN A 58 -7.91 -10.79 -9.96
C ASN A 58 -8.72 -10.97 -11.22
N LYS A 59 -9.19 -9.85 -11.72
CA LYS A 59 -9.94 -9.79 -12.93
C LYS A 59 -9.30 -8.79 -13.89
N GLU A 60 -8.10 -9.09 -14.31
CA GLU A 60 -7.30 -8.27 -15.19
C GLU A 60 -7.88 -8.00 -16.54
N TYR A 61 -8.75 -9.19 -17.03
CA TYR A 61 -9.33 -9.12 -18.31
C TYR A 61 -10.31 -7.95 -18.40
N LEU A 62 -10.59 -7.12 -17.26
CA LEU A 62 -11.41 -5.95 -17.23
C LEU A 62 -10.74 -4.74 -17.86
N LEU A 63 -9.42 -4.71 -17.86
CA LEU A 63 -8.69 -3.69 -18.57
C LEU A 63 -8.25 -4.05 -20.00
N GLY A 64 -8.78 -5.15 -20.56
CA GLY A 64 -8.50 -5.63 -21.91
C GLY A 64 -7.48 -6.76 -21.90
N SER A 65 -7.46 -7.58 -22.96
CA SER A 65 -6.37 -8.55 -23.15
C SER A 65 -5.38 -8.02 -24.16
N THR A 66 -5.86 -7.74 -25.35
CA THR A 66 -4.99 -7.38 -26.45
C THR A 66 -4.48 -5.94 -26.26
N ALA A 67 -3.29 -5.61 -26.76
CA ALA A 67 -2.75 -4.23 -26.65
C ALA A 67 -3.77 -3.16 -27.07
N GLU A 68 -4.53 -3.54 -28.09
CA GLU A 68 -5.46 -2.68 -28.81
C GLU A 68 -6.76 -2.54 -28.07
N GLU A 69 -7.13 -3.50 -27.23
CA GLU A 69 -8.31 -3.37 -26.41
C GLU A 69 -8.00 -2.58 -25.14
N LYS A 70 -6.78 -2.71 -24.65
CA LYS A 70 -6.26 -1.93 -23.54
C LYS A 70 -6.13 -0.44 -23.86
N ALA A 71 -5.80 -0.13 -25.11
CA ALA A 71 -5.75 1.25 -25.57
C ALA A 71 -7.14 1.84 -25.65
N ILE A 72 -8.09 1.03 -26.08
CA ILE A 72 -9.53 1.36 -26.02
C ILE A 72 -10.03 1.57 -24.59
N VAL A 73 -9.57 0.71 -23.68
CA VAL A 73 -9.94 0.77 -22.26
C VAL A 73 -9.44 2.05 -21.58
N GLN A 74 -8.22 2.48 -21.92
CA GLN A 74 -7.71 3.73 -21.35
C GLN A 74 -8.39 4.92 -21.97
N GLN A 75 -8.80 4.75 -23.23
CA GLN A 75 -9.46 5.81 -23.97
C GLN A 75 -10.75 6.18 -23.25
N TRP A 76 -11.48 5.19 -22.79
CA TRP A 76 -12.75 5.47 -22.14
C TRP A 76 -12.55 5.86 -20.69
N LEU A 77 -11.47 5.38 -20.08
CA LEU A 77 -11.06 5.87 -18.80
C LEU A 77 -10.69 7.34 -18.81
N GLU A 78 -9.92 7.83 -19.80
CA GLU A 78 -9.61 9.28 -19.90
C GLU A 78 -10.89 10.08 -20.06
N TYR A 79 -11.67 9.70 -21.07
CA TYR A 79 -12.98 10.21 -21.38
C TYR A 79 -13.89 10.48 -20.16
N ARG A 80 -13.83 9.56 -19.21
CA ARG A 80 -14.65 9.57 -18.00
C ARG A 80 -14.19 10.63 -17.02
N VAL A 81 -12.87 10.79 -16.89
CA VAL A 81 -12.31 11.79 -15.99
C VAL A 81 -12.41 13.22 -16.57
N THR A 82 -12.41 13.32 -17.90
CA THR A 82 -12.36 14.63 -18.55
C THR A 82 -13.78 15.11 -18.90
N GLN A 83 -14.38 14.45 -19.86
CA GLN A 83 -15.65 14.92 -20.46
C GLN A 83 -16.87 14.62 -19.62
N VAL A 84 -16.79 13.64 -18.71
CA VAL A 84 -17.96 13.19 -17.96
C VAL A 84 -18.01 13.82 -16.56
N ASP A 85 -16.93 13.73 -15.78
CA ASP A 85 -16.84 14.48 -14.54
C ASP A 85 -16.52 15.93 -14.91
N SER A 89 -20.46 18.41 -19.58
CA SER A 89 -21.28 17.77 -18.60
C SER A 89 -22.13 18.75 -17.80
N LYS A 90 -22.18 20.01 -18.22
CA LYS A 90 -23.02 20.97 -17.53
C LYS A 90 -24.04 21.52 -18.47
N ASN A 91 -23.57 22.31 -19.42
CA ASN A 91 -24.44 22.93 -20.37
C ASN A 91 -25.11 21.97 -21.35
N ASP A 92 -24.33 21.02 -21.84
CA ASP A 92 -24.85 20.10 -22.81
C ASP A 92 -24.28 18.72 -22.76
N ILE A 93 -25.10 17.78 -22.34
CA ILE A 93 -24.71 16.41 -22.26
C ILE A 93 -25.15 15.72 -23.52
N HIS A 94 -25.96 16.39 -24.29
CA HIS A 94 -26.53 15.88 -25.50
C HIS A 94 -25.53 15.60 -26.54
N THR A 95 -24.56 16.45 -26.59
CA THR A 95 -23.50 16.31 -27.53
C THR A 95 -22.73 15.04 -27.27
N LEU A 96 -22.56 14.70 -26.01
CA LEU A 96 -21.96 13.44 -25.64
C LEU A 96 -22.83 12.24 -26.04
N LEU A 97 -24.11 12.33 -25.76
CA LEU A 97 -25.07 11.29 -26.05
C LEU A 97 -25.24 10.99 -27.50
N LYS A 98 -25.18 12.01 -28.31
CA LYS A 98 -25.24 11.88 -29.71
C LYS A 98 -24.08 11.11 -30.21
N ASP A 99 -22.90 11.49 -29.76
CA ASP A 99 -21.69 10.86 -30.19
C ASP A 99 -21.56 9.44 -29.82
N LEU A 100 -21.86 9.15 -28.59
CA LEU A 100 -21.82 7.83 -28.07
C LEU A 100 -22.83 6.95 -28.78
N ASN A 101 -23.96 7.49 -29.10
CA ASN A 101 -24.98 6.75 -29.86
C ASN A 101 -24.42 6.17 -31.17
N SER A 102 -23.61 6.96 -31.88
CA SER A 102 -23.06 6.57 -33.18
C SER A 102 -21.95 5.57 -32.97
N TYR A 103 -21.05 5.88 -32.03
CA TYR A 103 -20.04 4.92 -31.59
C TYR A 103 -20.64 3.56 -31.24
N LEU A 104 -21.80 3.55 -30.55
CA LEU A 104 -22.46 2.31 -30.06
C LEU A 104 -23.39 1.54 -31.02
N GLU A 105 -23.68 2.12 -32.18
CA GLU A 105 -24.49 1.40 -33.20
C GLU A 105 -24.02 -0.01 -33.64
N ASP A 106 -22.72 -0.28 -33.55
CA ASP A 106 -22.16 -1.56 -34.01
C ASP A 106 -21.37 -2.26 -32.91
N LYS A 107 -21.76 -2.01 -31.67
CA LYS A 107 -20.98 -2.41 -30.51
C LYS A 107 -21.91 -2.62 -29.34
N VAL A 108 -21.80 -3.80 -28.74
CA VAL A 108 -22.45 -4.14 -27.46
C VAL A 108 -21.75 -3.43 -26.32
N TYR A 109 -20.42 -3.43 -26.35
CA TYR A 109 -19.59 -2.86 -25.30
C TYR A 109 -18.73 -1.77 -25.87
N LEU A 110 -18.03 -1.05 -24.98
CA LEU A 110 -17.30 0.16 -25.32
C LEU A 110 -15.95 -0.16 -25.97
N THR A 111 -15.54 -1.39 -25.68
CA THR A 111 -14.35 -2.08 -26.23
C THR A 111 -15.17 -2.80 -27.22
N GLY A 112 -14.60 -3.31 -28.36
CA GLY A 112 -15.54 -3.94 -29.27
C GLY A 112 -16.55 -4.96 -28.84
N TYR A 113 -16.31 -6.11 -28.58
CA TYR A 113 -17.21 -7.15 -28.21
C TYR A 113 -17.14 -7.58 -26.79
N ASN A 114 -16.23 -7.03 -26.04
CA ASN A 114 -16.07 -7.41 -24.64
C ASN A 114 -16.38 -6.44 -23.55
N PHE A 115 -16.81 -7.00 -22.44
CA PHE A 115 -17.06 -6.29 -21.19
C PHE A 115 -15.72 -5.88 -20.59
N THR A 116 -15.56 -4.59 -20.29
CA THR A 116 -14.38 -4.06 -19.62
C THR A 116 -14.80 -3.02 -18.60
N LEU A 117 -13.82 -2.60 -17.79
CA LEU A 117 -13.99 -1.56 -16.77
C LEU A 117 -14.50 -0.21 -17.34
N ALA A 118 -14.15 0.06 -18.59
CA ALA A 118 -14.81 1.12 -19.35
C ALA A 118 -16.34 1.09 -19.23
N ASP A 119 -16.94 -0.06 -19.45
CA ASP A 119 -18.41 -0.15 -19.37
C ASP A 119 -18.93 0.23 -17.94
N ILE A 120 -18.33 -0.37 -16.90
CA ILE A 120 -18.67 -0.09 -15.51
C ILE A 120 -18.53 1.38 -15.21
N LEU A 121 -17.34 1.91 -15.48
CA LEU A 121 -17.06 3.31 -15.18
C LEU A 121 -17.90 4.27 -15.98
N LEU A 122 -18.01 4.06 -17.28
CA LEU A 122 -18.81 4.99 -18.07
C LEU A 122 -20.26 4.94 -17.65
N TYR A 123 -20.73 3.77 -17.26
CA TYR A 123 -22.07 3.59 -16.71
C TYR A 123 -22.29 4.37 -15.43
N TYR A 124 -21.41 4.26 -14.44
CA TYR A 124 -21.58 5.00 -13.18
C TYR A 124 -21.60 6.49 -13.45
N GLY A 125 -20.63 6.96 -14.23
CA GLY A 125 -20.50 8.39 -14.55
C GLY A 125 -21.65 9.02 -15.34
N LEU A 126 -22.27 8.23 -16.21
CA LEU A 126 -23.44 8.66 -16.96
C LEU A 126 -24.77 8.49 -16.20
N HIS A 127 -24.80 7.72 -15.10
CA HIS A 127 -26.05 7.30 -14.41
C HIS A 127 -27.02 8.44 -14.03
N ARG A 128 -26.48 9.47 -13.40
CA ARG A 128 -27.22 10.70 -13.03
C ARG A 128 -27.87 11.42 -14.22
N PHE A 129 -27.23 11.35 -15.38
CA PHE A 129 -27.79 11.92 -16.61
C PHE A 129 -28.92 11.10 -17.20
N ILE A 130 -28.68 9.81 -17.45
CA ILE A 130 -29.64 8.91 -18.13
C ILE A 130 -30.93 8.75 -17.28
N VAL A 131 -30.79 8.88 -15.96
CA VAL A 131 -31.93 8.94 -15.03
C VAL A 131 -32.87 10.14 -15.33
N ASP A 132 -32.27 11.32 -15.50
CA ASP A 132 -33.00 12.57 -15.77
C ASP A 132 -33.44 12.73 -17.24
N LEU A 133 -33.43 11.64 -18.01
CA LEU A 133 -33.79 11.62 -19.43
C LEU A 133 -35.25 11.22 -19.61
N THR A 134 -35.91 11.84 -20.58
CA THR A 134 -37.31 11.55 -20.93
C THR A 134 -37.44 10.26 -21.73
N VAL A 135 -38.68 9.79 -21.84
CA VAL A 135 -39.03 8.60 -22.64
C VAL A 135 -38.72 8.87 -24.13
N GLN A 136 -38.95 10.12 -24.55
CA GLN A 136 -38.64 10.55 -25.91
C GLN A 136 -37.14 10.54 -26.19
N GLU A 137 -36.35 11.06 -25.27
CA GLU A 137 -34.90 11.16 -25.49
C GLU A 137 -34.27 9.78 -25.55
N LYS A 138 -34.72 8.87 -24.71
CA LYS A 138 -34.21 7.50 -24.77
C LYS A 138 -34.45 6.83 -26.13
N GLU A 139 -35.53 7.19 -26.84
CA GLU A 139 -35.74 6.75 -28.24
C GLU A 139 -34.66 7.38 -29.13
N LYS A 140 -34.57 8.71 -29.11
CA LYS A 140 -33.50 9.47 -29.82
C LYS A 140 -32.06 8.93 -29.63
N TYR A 141 -31.74 8.43 -28.44
CA TYR A 141 -30.39 7.93 -28.15
C TYR A 141 -30.40 6.39 -28.04
N LEU A 142 -31.04 5.75 -29.01
CA LEU A 142 -31.37 4.30 -28.97
C LEU A 142 -30.24 3.33 -28.54
N ASN A 143 -29.03 3.54 -29.07
CA ASN A 143 -27.92 2.63 -28.82
C ASN A 143 -27.35 2.79 -27.39
N VAL A 144 -27.49 4.01 -26.86
CA VAL A 144 -27.12 4.38 -25.51
C VAL A 144 -28.04 3.68 -24.53
N SER A 145 -29.30 3.72 -24.84
CA SER A 145 -30.28 3.11 -24.07
C SER A 145 -30.06 1.66 -23.96
N ARG A 146 -29.70 1.07 -25.06
CA ARG A 146 -29.49 -0.33 -25.11
C ARG A 146 -28.33 -0.79 -24.32
N TRP A 147 -27.21 -0.12 -24.50
CA TRP A 147 -26.02 -0.41 -23.81
C TRP A 147 -26.20 -0.24 -22.30
N PHE A 148 -26.84 0.83 -21.88
CA PHE A 148 -27.06 1.12 -20.50
C PHE A 148 -27.96 0.13 -19.84
N CYS A 149 -29.04 -0.23 -20.51
CA CYS A 149 -29.93 -1.18 -19.95
C CYS A 149 -29.17 -2.46 -19.77
N HIS A 150 -28.30 -2.74 -20.71
CA HIS A 150 -27.49 -3.89 -20.61
C HIS A 150 -26.55 -3.91 -19.40
N ILE A 151 -25.84 -2.83 -19.15
CA ILE A 151 -24.94 -2.66 -18.03
C ILE A 151 -25.66 -2.67 -16.68
N GLN A 152 -26.89 -2.16 -16.60
CA GLN A 152 -27.58 -2.15 -15.33
C GLN A 152 -27.88 -3.54 -14.84
N HIS A 153 -28.24 -4.32 -15.79
CA HIS A 153 -28.59 -5.71 -15.53
C HIS A 153 -27.39 -6.66 -15.72
N TYR A 154 -26.17 -6.12 -15.89
CA TYR A 154 -24.96 -6.95 -15.80
C TYR A 154 -24.80 -7.42 -14.33
N PRO A 155 -24.41 -8.69 -14.14
CA PRO A 155 -24.29 -9.24 -12.80
C PRO A 155 -23.43 -8.43 -11.88
N GLY A 156 -24.01 -8.03 -10.76
CA GLY A 156 -23.28 -7.46 -9.66
C GLY A 156 -22.93 -5.99 -9.81
N ILE A 157 -23.34 -5.34 -10.90
CA ILE A 157 -22.77 -4.03 -11.26
C ILE A 157 -23.55 -2.86 -10.64
N ARG A 158 -24.89 -2.95 -10.68
CA ARG A 158 -25.77 -1.86 -10.31
C ARG A 158 -25.72 -1.57 -8.84
N GLN A 159 -25.73 -2.63 -8.04
CA GLN A 159 -25.75 -2.54 -6.58
C GLN A 159 -27.01 -1.78 -6.17
N HIS A 160 -26.86 -0.67 -5.50
CA HIS A 160 -27.97 0.08 -4.95
C HIS A 160 -28.25 1.28 -5.86
N LEU A 161 -27.77 1.29 -7.09
CA LEU A 161 -28.09 2.39 -8.01
C LEU A 161 -29.50 2.24 -8.62
N SER A 162 -30.12 3.38 -8.89
CA SER A 162 -31.45 3.47 -9.49
C SER A 162 -31.62 2.75 -10.84
N SER A 163 -32.75 2.06 -11.00
CA SER A 163 -33.15 1.41 -12.27
C SER A 163 -33.80 2.41 -13.22
N VAL A 164 -33.28 2.48 -14.44
CA VAL A 164 -33.91 3.30 -15.49
C VAL A 164 -34.78 2.36 -16.34
N VAL A 165 -35.96 2.86 -16.72
CA VAL A 165 -36.95 2.07 -17.45
C VAL A 165 -36.72 2.20 -18.94
N PHE A 166 -36.84 1.09 -19.67
CA PHE A 166 -36.47 1.01 -21.08
C PHE A 166 -37.39 0.12 -21.93
N ILE A 167 -38.42 0.74 -22.51
CA ILE A 167 -39.52 0.05 -23.22
C ILE A 167 -39.00 -1.05 -24.18
N LYS A 168 -39.38 -2.29 -23.90
CA LYS A 168 -38.61 -3.47 -24.34
C LYS A 168 -38.54 -3.75 -25.84
N ASN A 169 -39.64 -3.51 -26.55
CA ASN A 169 -39.92 -4.11 -27.88
C ASN A 169 -40.25 -5.59 -27.79
N THR B 3 -25.40 -40.69 -20.66
CA THR B 3 -24.88 -40.57 -22.07
C THR B 3 -26.05 -40.37 -23.02
N LEU B 4 -26.16 -39.17 -23.54
CA LEU B 4 -27.14 -38.84 -24.51
C LEU B 4 -26.32 -38.45 -25.71
N SER B 5 -26.68 -38.99 -26.85
CA SER B 5 -25.96 -38.69 -28.04
C SER B 5 -26.78 -38.31 -29.23
N LEU B 6 -26.26 -37.35 -29.95
CA LEU B 6 -26.90 -36.89 -31.14
C LEU B 6 -26.02 -37.14 -32.36
N THR B 7 -26.66 -37.50 -33.45
CA THR B 7 -25.98 -37.76 -34.68
C THR B 7 -26.37 -36.61 -35.58
N VAL B 8 -25.40 -36.01 -36.24
CA VAL B 8 -25.64 -34.84 -37.08
C VAL B 8 -25.59 -35.10 -38.58
N ASN B 9 -26.40 -34.37 -39.34
CA ASN B 9 -26.52 -34.50 -40.81
C ASN B 9 -25.27 -33.89 -41.36
N SER B 10 -24.43 -34.76 -41.92
CA SER B 10 -23.03 -34.46 -42.14
C SER B 10 -22.76 -33.44 -43.22
N GLY B 11 -23.58 -33.47 -44.24
CA GLY B 11 -23.70 -32.39 -45.20
C GLY B 11 -24.25 -31.07 -44.76
N ASP B 12 -25.31 -31.11 -43.98
CA ASP B 12 -25.95 -29.92 -43.57
C ASP B 12 -26.14 -29.96 -42.08
N PRO B 13 -25.00 -29.71 -41.33
CA PRO B 13 -25.19 -29.75 -39.90
C PRO B 13 -26.21 -28.79 -39.50
N PRO B 14 -26.96 -29.23 -38.44
CA PRO B 14 -27.97 -28.28 -38.04
C PRO B 14 -27.17 -27.45 -37.14
N LEU B 15 -26.84 -26.27 -37.61
CA LEU B 15 -26.07 -25.36 -36.79
C LEU B 15 -27.12 -24.94 -35.85
N GLY B 16 -26.74 -24.66 -34.66
CA GLY B 16 -27.68 -24.24 -33.66
C GLY B 16 -27.98 -25.39 -32.82
N ALA B 17 -27.98 -26.58 -33.39
CA ALA B 17 -28.16 -27.76 -32.60
C ALA B 17 -26.91 -28.03 -31.80
N LEU B 18 -25.78 -28.00 -32.48
CA LEU B 18 -24.43 -28.15 -31.91
C LEU B 18 -24.04 -26.97 -31.03
N LEU B 19 -24.44 -25.77 -31.43
CA LEU B 19 -24.31 -24.56 -30.60
C LEU B 19 -24.79 -24.83 -29.19
N ALA B 20 -26.02 -25.34 -29.08
CA ALA B 20 -26.60 -25.77 -27.80
C ALA B 20 -25.82 -26.92 -27.18
N VAL B 21 -25.41 -27.90 -27.99
CA VAL B 21 -24.60 -29.05 -27.53
C VAL B 21 -23.27 -28.57 -26.92
N GLU B 22 -22.56 -27.69 -27.64
CA GLU B 22 -21.32 -27.09 -27.11
C GLU B 22 -21.60 -26.07 -25.98
N HIS B 23 -22.83 -25.56 -25.93
CA HIS B 23 -23.27 -24.75 -24.78
C HIS B 23 -23.71 -25.56 -23.54
N VAL B 24 -23.97 -26.83 -23.73
CA VAL B 24 -24.43 -27.72 -22.68
C VAL B 24 -23.49 -28.92 -22.41
N LYS B 25 -22.24 -28.82 -22.79
CA LYS B 25 -21.29 -29.89 -22.54
C LYS B 25 -20.94 -30.13 -21.10
N ASP B 26 -20.86 -29.05 -20.37
CA ASP B 26 -20.47 -29.12 -18.99
C ASP B 26 -21.61 -29.14 -18.03
N ASP B 27 -22.76 -29.56 -18.50
CA ASP B 27 -23.90 -29.73 -17.66
C ASP B 27 -24.46 -31.13 -17.69
N VAL B 28 -24.30 -31.82 -18.78
CA VAL B 28 -24.76 -33.20 -19.01
C VAL B 28 -23.78 -33.90 -19.92
N SER B 29 -23.73 -35.24 -19.85
CA SER B 29 -22.83 -36.00 -20.73
C SER B 29 -23.44 -35.98 -22.13
N ILE B 30 -22.68 -35.49 -23.12
CA ILE B 30 -23.11 -35.50 -24.53
C ILE B 30 -21.99 -35.84 -25.53
N SER B 31 -22.28 -36.80 -26.41
CA SER B 31 -21.48 -37.07 -27.62
C SER B 31 -22.13 -36.47 -28.87
N VAL B 32 -21.30 -36.20 -29.87
CA VAL B 32 -21.78 -35.87 -31.21
C VAL B 32 -21.18 -36.86 -32.20
N GLU B 33 -22.07 -37.50 -32.97
CA GLU B 33 -21.68 -38.38 -34.05
C GLU B 33 -22.18 -37.81 -35.38
N GLU B 34 -21.64 -38.32 -36.47
CA GLU B 34 -22.04 -37.86 -37.81
C GLU B 34 -22.30 -39.04 -38.73
N GLY B 35 -22.91 -38.74 -39.87
CA GLY B 35 -23.50 -39.73 -40.73
C GLY B 35 -25.00 -39.60 -40.54
N LYS B 36 -25.76 -40.25 -41.42
CA LYS B 36 -27.22 -40.32 -41.31
C LYS B 36 -27.87 -38.92 -41.45
N GLU B 37 -28.70 -38.57 -40.49
CA GLU B 37 -29.45 -37.36 -40.46
C GLU B 37 -29.29 -36.84 -39.08
N ASN B 38 -29.79 -35.65 -38.82
CA ASN B 38 -29.67 -35.02 -37.52
C ASN B 38 -30.78 -35.38 -36.55
N ILE B 39 -30.46 -36.18 -35.55
CA ILE B 39 -31.41 -36.63 -34.56
C ILE B 39 -30.74 -36.87 -33.23
N LEU B 40 -31.50 -36.92 -32.15
CA LEU B 40 -30.94 -36.99 -30.79
C LEU B 40 -31.55 -38.15 -30.02
N HIS B 41 -30.72 -38.91 -29.32
CA HIS B 41 -31.15 -40.13 -28.60
C HIS B 41 -30.94 -39.95 -27.10
N VAL B 42 -32.02 -40.10 -26.33
CA VAL B 42 -32.01 -39.73 -24.90
C VAL B 42 -32.30 -40.87 -23.96
N SER B 43 -33.29 -41.66 -24.29
CA SER B 43 -33.44 -43.01 -23.76
C SER B 43 -33.62 -44.03 -24.90
N GLU B 44 -33.62 -43.55 -26.16
CA GLU B 44 -33.40 -44.38 -27.36
C GLU B 44 -34.57 -45.33 -27.67
N ASN B 45 -35.55 -45.33 -26.76
CA ASN B 45 -36.94 -45.69 -27.00
C ASN B 45 -37.72 -44.39 -27.28
N VAL B 46 -37.33 -43.35 -26.56
CA VAL B 46 -37.76 -41.98 -26.77
C VAL B 46 -36.64 -41.23 -27.55
N ILE B 47 -37.00 -40.60 -28.66
CA ILE B 47 -36.02 -39.86 -29.51
C ILE B 47 -36.63 -38.52 -29.89
N PHE B 48 -35.80 -37.63 -30.39
CA PHE B 48 -36.23 -36.40 -31.05
C PHE B 48 -35.45 -36.21 -32.34
N THR B 49 -36.14 -35.77 -33.39
CA THR B 49 -35.60 -35.75 -34.76
C THR B 49 -36.04 -34.53 -35.53
N ASP B 50 -36.06 -33.39 -34.88
CA ASP B 50 -36.53 -32.15 -35.49
C ASP B 50 -35.72 -31.12 -34.75
N VAL B 51 -35.52 -29.96 -35.37
CA VAL B 51 -34.50 -29.04 -34.88
C VAL B 51 -34.95 -28.49 -33.52
N ASN B 52 -36.15 -27.91 -33.49
CA ASN B 52 -36.68 -27.24 -32.31
C ASN B 52 -37.02 -28.15 -31.12
N SER B 53 -37.28 -29.42 -31.39
CA SER B 53 -37.43 -30.40 -30.33
C SER B 53 -36.12 -30.58 -29.56
N ILE B 54 -35.03 -30.78 -30.29
CA ILE B 54 -33.72 -31.10 -29.70
C ILE B 54 -33.17 -29.93 -28.84
N LEU B 55 -33.23 -28.72 -29.38
CA LEU B 55 -32.89 -27.47 -28.66
C LEU B 55 -33.66 -27.35 -27.33
N ARG B 56 -34.98 -27.49 -27.41
CA ARG B 56 -35.84 -27.45 -26.22
C ARG B 56 -35.49 -28.53 -25.20
N TYR B 57 -35.24 -29.75 -25.68
CA TYR B 57 -34.98 -30.85 -24.78
C TYR B 57 -33.66 -30.67 -24.03
N LEU B 58 -32.61 -30.30 -24.75
CA LEU B 58 -31.28 -30.05 -24.13
C LEU B 58 -31.32 -28.86 -23.16
N ALA B 59 -32.03 -27.81 -23.57
CA ALA B 59 -32.23 -26.64 -22.72
C ALA B 59 -33.05 -26.98 -21.46
N ARG B 60 -33.98 -27.92 -21.59
CA ARG B 60 -34.74 -28.43 -20.43
C ARG B 60 -33.97 -29.36 -19.50
N VAL B 61 -33.16 -30.27 -20.04
CA VAL B 61 -32.37 -31.19 -19.23
C VAL B 61 -31.21 -30.50 -18.51
N ALA B 62 -30.47 -29.64 -19.21
CA ALA B 62 -29.33 -28.94 -18.57
C ALA B 62 -29.73 -27.62 -17.90
N THR B 63 -30.56 -27.71 -16.88
CA THR B 63 -31.07 -26.53 -16.17
C THR B 63 -29.98 -25.72 -15.49
N THR B 64 -28.87 -26.38 -15.14
CA THR B 64 -27.61 -25.74 -14.76
C THR B 64 -27.19 -24.66 -15.75
N ALA B 65 -27.41 -24.91 -17.05
CA ALA B 65 -27.28 -23.87 -18.08
C ALA B 65 -28.49 -22.97 -17.88
N GLY B 66 -28.44 -21.78 -18.42
CA GLY B 66 -29.58 -20.88 -18.32
C GLY B 66 -30.37 -20.82 -19.60
N LEU B 67 -30.18 -21.79 -20.46
CA LEU B 67 -30.65 -21.74 -21.80
C LEU B 67 -32.10 -21.61 -22.04
N TYR B 68 -32.92 -21.79 -21.02
CA TYR B 68 -34.33 -21.58 -21.19
C TYR B 68 -34.90 -20.32 -20.52
N GLY B 69 -34.07 -19.49 -19.93
CA GLY B 69 -34.53 -18.29 -19.28
C GLY B 69 -34.97 -18.47 -17.85
N SER B 70 -35.42 -17.43 -17.18
CA SER B 70 -35.81 -17.54 -15.78
C SER B 70 -37.26 -17.38 -15.43
N ASN B 71 -37.96 -16.61 -16.21
CA ASN B 71 -39.37 -16.35 -15.99
C ASN B 71 -40.15 -17.40 -16.76
N LEU B 72 -41.47 -17.38 -16.61
CA LEU B 72 -42.36 -18.11 -17.51
C LEU B 72 -42.56 -17.30 -18.76
N MET B 73 -42.49 -15.99 -18.64
CA MET B 73 -42.61 -15.07 -19.77
C MET B 73 -41.48 -15.29 -20.77
N GLU B 74 -40.28 -15.44 -20.20
CA GLU B 74 -39.07 -15.65 -20.95
C GLU B 74 -39.10 -16.98 -21.63
N HIS B 75 -39.66 -17.99 -20.94
CA HIS B 75 -39.87 -19.31 -21.56
C HIS B 75 -40.73 -19.17 -22.80
N THR B 76 -41.81 -18.41 -22.66
CA THR B 76 -42.79 -18.23 -23.73
C THR B 76 -42.18 -17.55 -24.97
N GLU B 77 -41.42 -16.48 -24.73
CA GLU B 77 -40.55 -15.84 -25.72
C GLU B 77 -39.59 -16.75 -26.45
N ILE B 78 -38.87 -17.54 -25.68
CA ILE B 78 -37.93 -18.49 -26.23
C ILE B 78 -38.59 -19.45 -27.21
N ASP B 79 -39.74 -19.97 -26.82
CA ASP B 79 -40.57 -20.77 -27.74
C ASP B 79 -41.04 -19.96 -28.97
N HIS B 80 -41.54 -18.75 -28.71
CA HIS B 80 -41.91 -17.81 -29.76
C HIS B 80 -40.81 -17.64 -30.80
N TRP B 81 -39.58 -17.42 -30.34
CA TRP B 81 -38.43 -17.21 -31.24
C TRP B 81 -38.14 -18.43 -32.11
N LEU B 82 -38.26 -19.62 -31.52
CA LEU B 82 -38.04 -20.85 -32.27
C LEU B 82 -39.05 -21.01 -33.40
N GLU B 83 -40.31 -20.65 -33.15
CA GLU B 83 -41.33 -20.70 -34.20
C GLU B 83 -41.01 -19.73 -35.32
N PHE B 84 -40.85 -18.46 -34.93
CA PHE B 84 -40.45 -17.36 -35.81
C PHE B 84 -39.29 -17.74 -36.73
N SER B 85 -38.18 -18.22 -36.16
CA SER B 85 -37.04 -18.64 -36.98
C SER B 85 -37.39 -19.84 -37.88
N ALA B 86 -38.08 -20.84 -37.34
CA ALA B 86 -38.52 -22.02 -38.12
C ALA B 86 -39.64 -21.77 -39.16
N THR B 87 -40.36 -20.65 -39.08
CA THR B 87 -41.35 -20.26 -40.10
C THR B 87 -40.85 -19.13 -40.98
N LYS B 88 -40.74 -17.94 -40.41
CA LYS B 88 -40.39 -16.73 -41.15
C LYS B 88 -38.94 -16.63 -41.63
N LEU B 89 -38.00 -17.31 -40.97
CA LEU B 89 -36.58 -17.35 -41.44
C LEU B 89 -36.20 -18.67 -42.10
N SER B 90 -37.14 -19.61 -42.21
CA SER B 90 -36.88 -20.87 -42.90
C SER B 90 -36.77 -20.64 -44.41
N SER B 91 -37.89 -20.31 -45.04
CA SER B 91 -37.93 -19.91 -46.46
C SER B 91 -38.43 -18.46 -46.56
N SER B 92 -37.72 -17.65 -47.34
CA SER B 92 -37.94 -16.20 -47.35
C SER B 92 -39.15 -15.81 -48.21
N ASP B 93 -40.00 -14.97 -47.65
CA ASP B 93 -41.09 -14.29 -48.36
C ASP B 93 -41.59 -13.24 -47.38
N SER B 94 -41.62 -11.98 -47.84
CA SER B 94 -41.69 -10.82 -46.95
C SER B 94 -40.50 -10.83 -45.97
N PHE B 95 -39.30 -11.12 -46.47
CA PHE B 95 -38.09 -11.05 -45.63
C PHE B 95 -37.89 -9.65 -45.05
N THR B 96 -38.14 -8.62 -45.85
CA THR B 96 -38.00 -7.24 -45.42
C THR B 96 -38.79 -6.94 -44.14
N SER B 97 -40.06 -7.33 -44.13
CA SER B 97 -40.88 -7.26 -42.92
C SER B 97 -40.50 -8.32 -41.87
N THR B 98 -39.98 -9.48 -42.31
CA THR B 98 -39.44 -10.52 -41.40
C THR B 98 -38.29 -9.99 -40.55
N ILE B 99 -37.29 -9.40 -41.23
CA ILE B 99 -36.10 -8.92 -40.55
C ILE B 99 -36.19 -7.47 -40.10
N ASN B 100 -37.24 -6.76 -40.52
CA ASN B 100 -37.58 -5.50 -39.89
C ASN B 100 -37.87 -5.78 -38.41
N GLU B 101 -38.76 -6.76 -38.17
CA GLU B 101 -39.14 -7.19 -36.82
C GLU B 101 -37.95 -7.65 -35.96
N LEU B 102 -36.98 -8.34 -36.55
CA LEU B 102 -35.79 -8.79 -35.81
C LEU B 102 -34.81 -7.64 -35.56
N ASN B 103 -34.69 -6.75 -36.53
CA ASN B 103 -34.05 -5.48 -36.31
C ASN B 103 -34.75 -4.60 -35.25
N HIS B 104 -36.07 -4.69 -35.17
CA HIS B 104 -36.86 -3.77 -34.39
C HIS B 104 -36.84 -4.12 -32.93
N SER B 105 -36.96 -5.42 -32.62
CA SER B 105 -36.97 -5.89 -31.23
C SER B 105 -35.56 -6.03 -30.65
N LEU B 106 -34.55 -6.25 -31.51
CA LEU B 106 -33.13 -6.15 -31.12
C LEU B 106 -32.64 -4.74 -30.79
N SER B 107 -33.44 -3.69 -31.02
CA SER B 107 -33.02 -2.29 -30.77
C SER B 107 -32.54 -2.06 -29.34
N LEU B 108 -33.37 -2.44 -28.38
CA LEU B 108 -33.03 -2.27 -26.97
C LEU B 108 -32.60 -3.55 -26.25
N ARG B 109 -32.33 -4.62 -26.99
CA ARG B 109 -31.96 -5.90 -26.42
C ARG B 109 -30.54 -6.36 -26.89
N THR B 110 -29.71 -6.78 -25.93
CA THR B 110 -28.35 -7.29 -26.19
C THR B 110 -28.53 -8.75 -26.59
N TYR B 111 -29.31 -9.44 -25.78
CA TYR B 111 -29.86 -10.74 -26.17
C TYR B 111 -31.34 -10.64 -26.44
N LEU B 112 -31.88 -11.54 -27.21
CA LEU B 112 -33.29 -11.63 -27.48
C LEU B 112 -34.06 -11.86 -26.20
N VAL B 113 -33.35 -12.48 -25.30
CA VAL B 113 -33.67 -12.88 -23.95
C VAL B 113 -33.92 -11.80 -22.91
N GLY B 114 -33.09 -10.81 -22.93
CA GLY B 114 -33.15 -9.76 -21.98
C GLY B 114 -31.80 -9.69 -21.38
N ASN B 115 -31.53 -10.58 -20.46
CA ASN B 115 -30.25 -10.59 -19.82
C ASN B 115 -29.15 -11.43 -20.43
N SER B 116 -29.40 -12.68 -20.72
CA SER B 116 -28.36 -13.57 -21.19
C SER B 116 -28.69 -14.50 -22.29
N LEU B 117 -27.69 -15.20 -22.75
CA LEU B 117 -27.88 -16.13 -23.84
C LEU B 117 -28.85 -17.22 -23.56
N SER B 118 -29.78 -17.37 -24.44
CA SER B 118 -30.83 -18.39 -24.33
C SER B 118 -31.05 -19.04 -25.69
N LEU B 119 -31.93 -20.04 -25.74
CA LEU B 119 -32.23 -20.73 -26.99
C LEU B 119 -32.59 -19.81 -28.15
N ALA B 120 -33.39 -18.78 -27.87
CA ALA B 120 -33.78 -17.80 -28.90
C ALA B 120 -32.59 -17.43 -29.77
N ASP B 121 -31.46 -17.10 -29.12
CA ASP B 121 -30.30 -16.57 -29.83
C ASP B 121 -29.70 -17.62 -30.72
N LEU B 122 -29.39 -18.76 -30.11
CA LEU B 122 -28.69 -19.85 -30.78
C LEU B 122 -29.50 -20.20 -32.00
N SER B 123 -30.79 -20.39 -31.76
CA SER B 123 -31.71 -20.77 -32.84
C SER B 123 -31.81 -19.73 -33.96
N VAL B 124 -32.05 -18.47 -33.60
CA VAL B 124 -32.24 -17.39 -34.61
C VAL B 124 -30.98 -17.17 -35.43
N TRP B 125 -29.86 -17.04 -34.73
CA TRP B 125 -28.54 -16.85 -35.33
C TRP B 125 -28.21 -17.96 -36.32
N ALA B 126 -28.45 -19.22 -35.94
CA ALA B 126 -28.20 -20.38 -36.80
C ALA B 126 -28.98 -20.37 -38.11
N THR B 127 -30.28 -20.08 -38.02
CA THR B 127 -31.13 -20.01 -39.21
C THR B 127 -30.78 -18.77 -40.05
N LEU B 128 -30.67 -17.60 -39.44
CA LEU B 128 -30.15 -16.40 -40.15
C LEU B 128 -28.92 -16.76 -40.98
N LYS B 129 -27.95 -17.39 -40.33
CA LYS B 129 -26.68 -17.72 -40.99
C LYS B 129 -26.93 -18.50 -42.28
N GLY B 130 -27.65 -19.62 -42.16
CA GLY B 130 -28.09 -20.44 -43.31
C GLY B 130 -29.05 -19.80 -44.32
N ASN B 131 -29.66 -18.66 -43.97
CA ASN B 131 -30.43 -17.83 -44.91
C ASN B 131 -29.50 -17.05 -45.84
N ALA B 132 -29.63 -17.28 -47.15
CA ALA B 132 -28.75 -16.66 -48.15
C ALA B 132 -29.23 -15.28 -48.61
N ALA B 133 -30.54 -15.00 -48.44
CA ALA B 133 -31.09 -13.68 -48.70
C ALA B 133 -30.47 -12.64 -47.74
N TRP B 134 -30.30 -13.05 -46.49
CA TRP B 134 -29.69 -12.22 -45.48
C TRP B 134 -28.17 -12.13 -45.67
N GLN B 135 -27.58 -13.22 -46.18
CA GLN B 135 -26.19 -13.20 -46.68
C GLN B 135 -25.97 -12.16 -47.80
N GLU B 136 -26.99 -11.99 -48.64
CA GLU B 136 -26.99 -10.96 -49.70
C GLU B 136 -27.06 -9.53 -49.20
N GLN B 137 -27.76 -9.33 -48.09
CA GLN B 137 -27.69 -8.06 -47.35
C GLN B 137 -26.29 -7.71 -46.81
N LEU B 138 -25.47 -8.74 -46.61
CA LEU B 138 -24.15 -8.66 -46.02
C LEU B 138 -23.07 -8.22 -47.02
N LYS B 139 -22.99 -8.92 -48.16
CA LYS B 139 -22.01 -8.57 -49.21
C LYS B 139 -22.34 -7.23 -49.90
N GLN B 140 -23.61 -6.83 -49.87
CA GLN B 140 -24.06 -5.50 -50.33
C GLN B 140 -24.02 -4.42 -49.22
N LYS B 141 -23.66 -4.83 -47.99
CA LYS B 141 -23.55 -3.93 -46.82
C LYS B 141 -24.79 -3.05 -46.60
N LYS B 142 -25.97 -3.65 -46.75
CA LYS B 142 -27.26 -2.93 -46.63
C LYS B 142 -28.13 -3.55 -45.52
N ALA B 143 -27.48 -4.01 -44.45
CA ALA B 143 -28.13 -4.78 -43.40
C ALA B 143 -28.92 -3.90 -42.40
N PRO B 144 -29.85 -4.51 -41.65
CA PRO B 144 -30.31 -3.95 -40.38
C PRO B 144 -29.21 -3.85 -39.30
N VAL B 145 -28.91 -2.63 -38.87
CA VAL B 145 -27.73 -2.37 -37.97
C VAL B 145 -27.76 -3.15 -36.62
N HIS B 146 -28.92 -3.23 -36.00
CA HIS B 146 -29.06 -3.99 -34.76
C HIS B 146 -28.92 -5.52 -34.94
N VAL B 147 -29.41 -6.06 -36.07
CA VAL B 147 -29.22 -7.50 -36.36
C VAL B 147 -27.75 -7.83 -36.64
N LYS B 148 -27.02 -6.83 -37.11
CA LYS B 148 -25.58 -6.95 -37.41
C LYS B 148 -24.68 -7.08 -36.18
N ARG B 149 -24.82 -6.11 -35.27
CA ARG B 149 -24.05 -6.16 -34.04
C ARG B 149 -24.36 -7.48 -33.29
N TRP B 150 -25.63 -7.88 -33.34
CA TRP B 150 -26.14 -8.99 -32.60
C TRP B 150 -25.55 -10.27 -33.20
N PHE B 151 -25.66 -10.40 -34.53
CA PHE B 151 -25.00 -11.45 -35.29
C PHE B 151 -23.48 -11.46 -35.11
N GLY B 152 -22.85 -10.30 -35.10
CA GLY B 152 -21.39 -10.21 -34.93
C GLY B 152 -20.88 -10.49 -33.53
N PHE B 153 -21.52 -9.85 -32.56
CA PHE B 153 -21.37 -10.15 -31.15
C PHE B 153 -21.40 -11.66 -30.84
N LEU B 154 -22.49 -12.34 -31.21
CA LEU B 154 -22.64 -13.78 -30.99
C LEU B 154 -21.64 -14.55 -31.83
N GLU B 155 -21.45 -14.15 -33.08
CA GLU B 155 -20.48 -14.82 -33.95
C GLU B 155 -19.10 -14.91 -33.32
N ALA B 156 -18.62 -13.76 -32.83
CA ALA B 156 -17.30 -13.61 -32.19
C ALA B 156 -17.04 -14.50 -30.96
N GLN B 157 -18.11 -14.87 -30.25
CA GLN B 157 -18.02 -15.61 -29.00
C GLN B 157 -17.38 -17.00 -29.06
N GLN B 158 -16.93 -17.45 -27.90
CA GLN B 158 -16.13 -18.68 -27.73
C GLN B 158 -16.68 -19.92 -28.45
N ALA B 159 -17.80 -20.45 -27.97
CA ALA B 159 -18.31 -21.73 -28.44
C ALA B 159 -18.89 -21.58 -29.84
N PHE B 160 -19.32 -20.35 -30.15
CA PHE B 160 -19.74 -19.98 -31.51
C PHE B 160 -18.64 -20.11 -32.57
N GLN B 161 -17.41 -19.81 -32.19
CA GLN B 161 -16.24 -19.92 -33.10
C GLN B 161 -15.80 -21.34 -33.31
N SER B 162 -15.99 -22.17 -32.30
CA SER B 162 -15.57 -23.56 -32.36
C SER B 162 -16.52 -24.33 -33.29
N VAL B 163 -17.82 -24.08 -33.12
CA VAL B 163 -18.83 -24.69 -33.98
C VAL B 163 -18.53 -24.34 -35.45
N GLY B 164 -18.26 -23.08 -35.75
CA GLY B 164 -17.78 -22.69 -37.08
C GLY B 164 -16.64 -23.59 -37.59
N THR B 165 -15.52 -23.57 -36.85
CA THR B 165 -14.28 -24.30 -37.20
C THR B 165 -14.45 -25.79 -37.57
N LYS B 166 -15.32 -26.49 -36.84
CA LYS B 166 -15.62 -27.90 -37.12
C LYS B 166 -16.53 -28.06 -38.32
N TRP B 167 -17.49 -27.14 -38.50
CA TRP B 167 -18.59 -27.32 -39.48
C TRP B 167 -18.77 -26.15 -40.47
N ASP B 168 -17.77 -25.86 -41.31
CA ASP B 168 -17.95 -24.84 -42.38
C ASP B 168 -17.49 -25.26 -43.78
N HIS C 2 -3.67 27.03 -20.86
CA HIS C 2 -2.69 28.09 -21.26
C HIS C 2 -1.88 27.66 -22.49
N MET C 3 -1.46 26.40 -22.50
CA MET C 3 -1.07 25.74 -23.74
C MET C 3 -2.20 24.82 -24.11
N ALA C 4 -2.84 25.15 -25.23
CA ALA C 4 -3.90 24.35 -25.82
C ALA C 4 -3.42 22.90 -26.02
N ALA C 5 -4.31 21.95 -25.77
CA ALA C 5 -3.99 20.55 -25.89
C ALA C 5 -3.61 20.23 -27.33
N ALA C 6 -4.20 20.90 -28.30
CA ALA C 6 -3.86 20.72 -29.68
C ALA C 6 -2.44 21.15 -30.04
N ALA C 7 -2.11 22.28 -29.48
CA ALA C 7 -0.82 22.85 -29.57
C ALA C 7 0.31 21.99 -28.93
N GLU C 8 0.02 21.44 -27.77
CA GLU C 8 0.90 20.59 -26.98
C GLU C 8 1.23 19.33 -27.72
N LEU C 9 0.27 18.80 -28.41
CA LEU C 9 0.40 17.63 -29.21
C LEU C 9 1.34 17.83 -30.36
N SER C 10 1.25 18.97 -31.01
CA SER C 10 2.18 19.24 -32.07
C SER C 10 3.64 19.26 -31.54
N LEU C 11 3.79 19.83 -30.34
CA LEU C 11 5.06 19.87 -29.68
C LEU C 11 5.62 18.49 -29.38
N LEU C 12 4.74 17.61 -28.98
CA LEU C 12 5.04 16.27 -28.73
C LEU C 12 5.42 15.49 -29.97
N GLU C 13 4.85 15.81 -31.09
CA GLU C 13 5.16 15.16 -32.31
C GLU C 13 6.57 15.42 -32.60
N LYS C 14 6.98 16.65 -32.34
CA LYS C 14 8.35 16.98 -32.52
C LYS C 14 9.32 16.30 -31.54
N SER C 15 8.95 16.21 -30.28
CA SER C 15 9.72 15.64 -29.20
C SER C 15 10.11 14.19 -29.36
N LEU C 16 9.23 13.49 -30.00
CA LEU C 16 9.34 12.07 -30.35
C LEU C 16 10.02 11.82 -31.72
N GLY C 17 10.50 12.88 -32.36
CA GLY C 17 11.10 12.78 -33.69
C GLY C 17 10.21 12.63 -34.92
N LEU C 18 8.87 12.66 -34.78
CA LEU C 18 7.99 12.46 -35.97
C LEU C 18 8.08 13.56 -37.01
N SER C 19 7.89 13.18 -38.27
CA SER C 19 7.97 14.14 -39.39
C SER C 19 6.60 14.73 -39.71
N LYS C 20 5.56 13.91 -39.63
CA LYS C 20 4.18 14.33 -39.90
C LYS C 20 3.54 15.23 -38.81
N GLY C 21 3.05 16.39 -39.22
CA GLY C 21 2.16 17.24 -38.43
C GLY C 21 0.68 17.03 -38.75
N ASN C 22 -0.03 16.26 -37.92
CA ASN C 22 -1.47 16.05 -38.10
C ASN C 22 -2.32 17.27 -37.78
N LYS C 23 -3.54 17.28 -38.34
CA LYS C 23 -4.59 18.22 -37.95
C LYS C 23 -5.20 17.77 -36.61
N TYR C 24 -5.22 18.68 -35.63
CA TYR C 24 -5.95 18.45 -34.40
C TYR C 24 -7.09 19.48 -34.33
N SER C 25 -8.29 19.04 -33.97
CA SER C 25 -9.43 19.94 -33.63
C SER C 25 -9.52 20.02 -32.09
N ALA C 26 -10.49 20.78 -31.61
CA ALA C 26 -10.82 20.82 -30.19
C ALA C 26 -12.32 20.99 -30.03
N GLN C 27 -12.95 20.08 -29.27
CA GLN C 27 -14.41 20.07 -29.00
C GLN C 27 -14.75 20.87 -27.79
N GLY C 28 -15.80 21.69 -27.88
CA GLY C 28 -16.44 22.31 -26.73
C GLY C 28 -15.60 23.28 -25.89
N GLU C 29 -16.19 23.69 -24.77
CA GLU C 29 -15.59 24.65 -23.83
C GLU C 29 -14.34 24.13 -23.15
N ARG C 30 -14.26 22.83 -22.92
CA ARG C 30 -13.07 22.16 -22.37
C ARG C 30 -11.96 22.03 -23.41
N GLN C 31 -12.33 22.03 -24.69
CA GLN C 31 -11.36 22.05 -25.79
C GLN C 31 -10.42 20.86 -25.68
N ILE C 32 -11.01 19.67 -25.61
CA ILE C 32 -10.25 18.42 -25.55
C ILE C 32 -9.84 18.16 -26.99
N PRO C 33 -8.58 17.73 -27.23
CA PRO C 33 -8.19 17.60 -28.63
C PRO C 33 -8.88 16.44 -29.35
N VAL C 34 -8.87 16.51 -30.67
CA VAL C 34 -9.45 15.51 -31.57
C VAL C 34 -8.56 15.32 -32.81
N LEU C 35 -8.24 14.06 -33.12
CA LEU C 35 -7.53 13.67 -34.34
C LEU C 35 -8.44 12.78 -35.24
N GLN C 36 -8.89 13.34 -36.36
CA GLN C 36 -9.66 12.59 -37.37
C GLN C 36 -8.78 11.46 -37.92
N THR C 37 -9.07 10.26 -37.46
CA THR C 37 -8.09 9.18 -37.49
C THR C 37 -8.11 8.43 -38.81
N ASN C 38 -6.98 7.77 -39.11
CA ASN C 38 -6.98 6.61 -39.99
C ASN C 38 -6.23 5.43 -39.32
N ASN C 39 -6.70 5.10 -38.11
CA ASN C 39 -6.49 3.79 -37.47
C ASN C 39 -7.72 3.33 -36.63
N GLY C 40 -8.93 3.71 -37.06
CA GLY C 40 -10.18 3.28 -36.41
C GLY C 40 -11.28 4.31 -36.44
N PRO C 41 -11.81 4.72 -35.25
CA PRO C 41 -12.63 5.92 -35.14
C PRO C 41 -11.84 7.11 -34.57
N SER C 42 -12.48 8.27 -34.60
CA SER C 42 -11.99 9.55 -34.07
C SER C 42 -11.28 9.44 -32.69
N LEU C 43 -10.08 10.02 -32.57
CA LEU C 43 -9.34 9.92 -31.29
C LEU C 43 -9.40 11.19 -30.47
N THR C 44 -9.63 10.98 -29.18
CA THR C 44 -9.89 12.07 -28.27
C THR C 44 -9.01 11.98 -27.03
N GLY C 45 -8.53 13.15 -26.62
CA GLY C 45 -7.86 13.33 -25.34
C GLY C 45 -6.38 13.39 -25.50
N LEU C 46 -5.77 14.43 -24.97
CA LEU C 46 -4.31 14.49 -24.90
C LEU C 46 -3.60 13.13 -24.73
N THR C 47 -3.87 12.39 -23.65
CA THR C 47 -3.07 11.21 -23.27
C THR C 47 -3.42 9.94 -24.07
N THR C 48 -4.64 9.85 -24.60
CA THR C 48 -4.91 8.77 -25.56
C THR C 48 -4.31 9.14 -26.91
N ILE C 49 -4.35 10.41 -27.28
CA ILE C 49 -3.69 10.80 -28.52
C ILE C 49 -2.19 10.65 -28.38
N ALA C 50 -1.62 11.07 -27.26
CA ALA C 50 -0.17 10.99 -27.08
C ALA C 50 0.32 9.56 -27.20
N ALA C 51 -0.44 8.63 -26.62
CA ALA C 51 -0.16 7.19 -26.73
C ALA C 51 -0.13 6.72 -28.19
N HIS C 52 -1.02 7.27 -29.03
CA HIS C 52 -0.93 7.04 -30.47
C HIS C 52 0.37 7.63 -31.05
N LEU C 53 0.63 8.91 -30.81
CA LEU C 53 1.81 9.58 -31.39
C LEU C 53 3.11 8.84 -31.05
N VAL C 54 3.26 8.48 -29.78
CA VAL C 54 4.34 7.62 -29.27
C VAL C 54 4.46 6.35 -30.09
N LYS C 55 3.35 5.63 -30.26
CA LYS C 55 3.30 4.45 -31.13
C LYS C 55 3.68 4.73 -32.61
N GLN C 56 3.02 5.66 -33.32
CA GLN C 56 3.46 6.07 -34.67
C GLN C 56 4.99 6.22 -34.74
N ALA C 57 5.55 6.94 -33.78
CA ALA C 57 7.02 7.05 -33.65
C ALA C 57 7.71 5.74 -33.25
N ASN C 58 6.93 4.74 -32.83
CA ASN C 58 7.37 3.43 -32.33
C ASN C 58 8.42 3.49 -31.21
N LYS C 59 8.06 4.20 -30.16
CA LYS C 59 8.77 4.20 -28.88
C LYS C 59 7.81 3.79 -27.77
N GLU C 60 7.21 2.60 -27.93
CA GLU C 60 6.20 2.05 -26.98
C GLU C 60 6.73 1.74 -25.56
N TYR C 61 8.05 1.66 -25.40
CA TYR C 61 8.66 1.65 -24.08
C TYR C 61 8.32 2.94 -23.28
N LEU C 62 8.03 4.05 -23.97
CA LEU C 62 7.80 5.33 -23.29
C LEU C 62 6.54 5.23 -22.47
N LEU C 63 5.60 4.40 -22.90
CA LEU C 63 4.39 4.08 -22.12
C LEU C 63 4.61 3.13 -20.93
N GLY C 64 5.88 2.76 -20.70
CA GLY C 64 6.30 1.85 -19.67
C GLY C 64 6.75 0.56 -20.30
N SER C 65 7.78 -0.06 -19.73
CA SER C 65 8.27 -1.36 -20.21
C SER C 65 7.63 -2.44 -19.38
N THR C 66 7.91 -2.45 -18.09
CA THR C 66 7.30 -3.47 -17.20
C THR C 66 5.81 -3.16 -16.90
N ALA C 67 4.98 -4.15 -16.71
CA ALA C 67 3.56 -3.93 -16.45
C ALA C 67 3.25 -3.01 -15.30
N GLU C 68 4.09 -3.14 -14.31
CA GLU C 68 4.08 -2.40 -13.09
C GLU C 68 4.25 -0.91 -13.38
N GLU C 69 5.17 -0.70 -14.26
CA GLU C 69 5.52 0.57 -14.73
C GLU C 69 4.49 1.25 -15.53
N LYS C 70 3.80 0.53 -16.36
CA LYS C 70 2.76 1.08 -17.17
C LYS C 70 1.73 1.68 -16.29
N ALA C 71 1.45 1.08 -15.17
CA ALA C 71 0.54 1.55 -14.17
C ALA C 71 0.92 2.86 -13.49
N ILE C 72 2.16 3.03 -13.15
CA ILE C 72 2.67 4.23 -12.61
C ILE C 72 2.58 5.29 -13.69
N VAL C 73 2.86 4.90 -14.90
CA VAL C 73 2.78 5.78 -16.01
C VAL C 73 1.35 6.28 -16.23
N GLN C 74 0.40 5.39 -16.12
CA GLN C 74 -0.96 5.69 -16.34
C GLN C 74 -1.50 6.56 -15.29
N GLN C 75 -0.91 6.44 -14.15
CA GLN C 75 -1.22 7.18 -12.99
C GLN C 75 -0.79 8.61 -13.09
N TRP C 76 0.32 8.85 -13.73
CA TRP C 76 0.84 10.14 -14.01
C TRP C 76 0.05 10.80 -15.13
N LEU C 77 -0.38 9.99 -16.09
CA LEU C 77 -1.18 10.49 -17.19
C LEU C 77 -2.50 10.98 -16.63
N GLU C 78 -3.06 10.22 -15.69
CA GLU C 78 -4.33 10.56 -15.05
C GLU C 78 -4.19 11.85 -14.24
N TYR C 79 -3.07 11.99 -13.53
CA TYR C 79 -2.82 13.14 -12.76
C TYR C 79 -2.67 14.38 -13.58
N ARG C 80 -2.21 14.20 -14.79
CA ARG C 80 -1.90 15.32 -15.70
C ARG C 80 -3.14 16.02 -16.13
N VAL C 81 -4.09 15.19 -16.56
CA VAL C 81 -5.37 15.62 -17.09
C VAL C 81 -6.37 16.00 -16.03
N THR C 82 -6.24 15.53 -14.80
CA THR C 82 -7.21 15.87 -13.75
C THR C 82 -6.68 16.95 -12.81
N GLN C 83 -5.61 16.63 -12.13
CA GLN C 83 -5.06 17.55 -11.13
C GLN C 83 -4.27 18.72 -11.71
N VAL C 84 -3.50 18.52 -12.77
CA VAL C 84 -2.60 19.59 -13.25
C VAL C 84 -3.31 20.62 -14.07
N ASP C 85 -3.99 20.18 -15.14
CA ASP C 85 -4.62 21.11 -16.07
C ASP C 85 -5.78 21.83 -15.44
N GLY C 86 -6.64 21.02 -14.88
CA GLY C 86 -7.94 21.35 -14.43
C GLY C 86 -7.98 22.39 -13.41
N HIS C 87 -9.11 23.04 -13.30
CA HIS C 87 -9.30 24.15 -12.41
C HIS C 87 -9.05 23.64 -11.06
N SER C 88 -8.92 24.55 -10.11
CA SER C 88 -8.48 24.17 -8.81
C SER C 88 -7.03 23.67 -9.04
N SER C 89 -6.35 24.40 -9.93
CA SER C 89 -4.97 24.35 -10.37
C SER C 89 -4.47 25.78 -10.34
N LYS C 90 -5.41 26.68 -10.61
CA LYS C 90 -5.16 28.09 -10.66
C LYS C 90 -4.77 28.65 -9.33
N ASN C 91 -5.43 28.19 -8.30
CA ASN C 91 -5.20 28.64 -6.95
C ASN C 91 -3.98 28.29 -6.17
N ASP C 92 -3.67 27.02 -6.13
CA ASP C 92 -2.59 26.56 -5.33
C ASP C 92 -1.81 25.49 -6.02
N ILE C 93 -0.64 25.84 -6.45
CA ILE C 93 0.22 24.89 -7.09
C ILE C 93 1.06 24.18 -6.06
N HIS C 94 1.07 24.74 -4.87
CA HIS C 94 1.87 24.31 -3.80
C HIS C 94 1.65 22.98 -3.21
N THR C 95 0.41 22.60 -3.13
CA THR C 95 0.05 21.34 -2.63
C THR C 95 0.55 20.26 -3.53
N LEU C 96 0.53 20.50 -4.83
CA LEU C 96 1.08 19.59 -5.80
C LEU C 96 2.59 19.54 -5.82
N LEU C 97 3.19 20.68 -5.81
CA LEU C 97 4.61 20.83 -5.81
C LEU C 97 5.21 20.23 -4.60
N LYS C 98 4.50 20.28 -3.50
CA LYS C 98 4.99 19.72 -2.23
C LYS C 98 5.04 18.21 -2.29
N ASP C 99 3.90 17.61 -2.61
CA ASP C 99 3.83 16.16 -2.72
C ASP C 99 4.74 15.67 -3.86
N LEU C 100 4.83 16.44 -4.94
CA LEU C 100 5.75 16.13 -6.01
C LEU C 100 7.23 16.22 -5.56
N ASN C 101 7.62 17.27 -4.85
CA ASN C 101 8.99 17.35 -4.27
C ASN C 101 9.38 16.14 -3.43
N SER C 102 8.46 15.64 -2.61
CA SER C 102 8.75 14.56 -1.68
C SER C 102 8.66 13.21 -2.38
N TYR C 103 7.68 13.07 -3.26
CA TYR C 103 7.65 11.98 -4.22
C TYR C 103 8.95 11.85 -5.00
N LEU C 104 9.50 12.96 -5.50
CA LEU C 104 10.65 12.95 -6.42
C LEU C 104 12.02 12.85 -5.77
N GLU C 105 12.06 12.83 -4.43
CA GLU C 105 13.34 12.76 -3.68
C GLU C 105 14.22 11.53 -3.96
N ASP C 106 13.63 10.38 -4.23
CA ASP C 106 14.38 9.13 -4.36
C ASP C 106 14.40 8.59 -5.82
N LYS C 107 14.08 9.42 -6.77
CA LYS C 107 13.90 9.06 -8.16
C LYS C 107 14.48 10.06 -9.14
N VAL C 108 14.69 9.62 -10.36
CA VAL C 108 15.11 10.48 -11.45
C VAL C 108 13.97 10.71 -12.40
N TYR C 109 13.09 9.74 -12.55
CA TYR C 109 11.97 9.84 -13.44
C TYR C 109 10.74 9.60 -12.65
N LEU C 110 9.59 9.93 -13.17
CA LEU C 110 8.31 9.83 -12.47
C LEU C 110 8.04 8.41 -12.03
N THR C 111 8.42 7.48 -12.86
CA THR C 111 8.30 6.08 -12.61
C THR C 111 9.47 5.47 -11.86
N GLY C 112 10.48 6.26 -11.55
CA GLY C 112 11.71 5.80 -11.04
C GLY C 112 12.92 6.07 -11.86
N TYR C 113 13.40 5.02 -12.46
CA TYR C 113 14.60 5.11 -13.24
C TYR C 113 14.49 5.08 -14.74
N ASN C 114 13.32 5.29 -15.31
CA ASN C 114 13.18 5.36 -16.75
C ASN C 114 12.42 6.52 -17.24
N PHE C 115 12.87 7.03 -18.34
CA PHE C 115 12.19 8.09 -19.06
C PHE C 115 10.92 7.54 -19.70
N THR C 116 9.79 8.13 -19.38
CA THR C 116 8.53 7.73 -19.94
C THR C 116 7.84 8.96 -20.47
N LEU C 117 6.71 8.71 -21.13
CA LEU C 117 5.79 9.71 -21.55
C LEU C 117 5.31 10.61 -20.38
N ALA C 118 5.19 10.01 -19.20
CA ALA C 118 4.81 10.74 -17.98
C ALA C 118 5.67 11.97 -17.73
N ASP C 119 6.97 11.83 -17.89
CA ASP C 119 7.86 12.94 -17.73
C ASP C 119 7.59 14.08 -18.79
N ILE C 120 7.39 13.72 -20.06
CA ILE C 120 7.18 14.71 -21.11
C ILE C 120 5.93 15.52 -20.82
N LEU C 121 4.83 14.80 -20.67
CA LEU C 121 3.53 15.39 -20.44
C LEU C 121 3.42 16.10 -19.07
N LEU C 122 4.09 15.60 -18.04
CA LEU C 122 4.08 16.33 -16.78
C LEU C 122 5.00 17.55 -16.86
N TYR C 123 6.09 17.46 -17.62
CA TYR C 123 6.89 18.63 -17.97
C TYR C 123 6.12 19.67 -18.77
N TYR C 124 5.49 19.27 -19.88
CA TYR C 124 4.78 20.23 -20.73
C TYR C 124 3.71 20.97 -19.96
N GLY C 125 2.95 20.25 -19.12
CA GLY C 125 1.84 20.83 -18.37
C GLY C 125 2.22 21.70 -17.17
N LEU C 126 3.29 21.31 -16.46
CA LEU C 126 3.80 22.09 -15.32
C LEU C 126 4.61 23.34 -15.73
N HIS C 127 5.13 23.35 -16.95
CA HIS C 127 5.99 24.45 -17.45
C HIS C 127 5.53 25.83 -17.02
N ARG C 128 4.32 26.23 -17.41
CA ARG C 128 3.78 27.55 -17.05
C ARG C 128 3.76 27.85 -15.56
N PHE C 129 3.72 26.81 -14.73
CA PHE C 129 3.80 26.96 -13.29
C PHE C 129 5.23 27.13 -12.78
N ILE C 130 6.18 26.32 -13.27
CA ILE C 130 7.59 26.40 -12.85
C ILE C 130 8.24 27.73 -13.30
N VAL C 131 7.78 28.29 -14.40
CA VAL C 131 8.32 29.56 -14.92
C VAL C 131 8.00 30.74 -13.99
N ASP C 132 6.79 30.82 -13.47
CA ASP C 132 6.41 31.92 -12.57
C ASP C 132 7.25 31.95 -11.30
N LEU C 133 7.55 30.77 -10.75
CA LEU C 133 8.26 30.60 -9.45
C LEU C 133 9.48 31.49 -9.15
N THR C 134 9.53 31.97 -7.90
CA THR C 134 10.63 32.79 -7.34
C THR C 134 11.87 31.95 -6.97
N VAL C 135 13.05 32.56 -7.08
CA VAL C 135 14.37 31.97 -6.70
C VAL C 135 14.27 31.08 -5.44
N GLN C 136 13.61 31.62 -4.41
CA GLN C 136 13.40 30.94 -3.14
C GLN C 136 12.51 29.69 -3.24
N GLU C 137 11.55 29.68 -4.15
CA GLU C 137 10.64 28.54 -4.31
C GLU C 137 11.27 27.34 -5.04
N LYS C 138 12.08 27.58 -6.07
CA LYS C 138 12.89 26.49 -6.68
C LYS C 138 13.90 25.86 -5.68
N GLU C 139 14.11 26.52 -4.54
CA GLU C 139 14.88 25.97 -3.41
C GLU C 139 13.96 25.22 -2.44
N LYS C 140 12.76 25.76 -2.22
CA LYS C 140 11.74 25.04 -1.48
C LYS C 140 11.43 23.69 -2.13
N TYR C 141 11.05 23.72 -3.41
CA TYR C 141 10.69 22.51 -4.19
C TYR C 141 11.88 22.00 -5.00
N LEU C 142 12.87 21.48 -4.27
CA LEU C 142 14.20 21.23 -4.81
C LEU C 142 14.22 20.10 -5.84
N ASN C 143 13.80 18.90 -5.44
CA ASN C 143 13.81 17.72 -6.34
C ASN C 143 13.01 17.94 -7.62
N VAL C 144 11.95 18.74 -7.50
CA VAL C 144 11.13 19.11 -8.65
C VAL C 144 11.98 19.90 -9.63
N SER C 145 12.63 20.94 -9.12
CA SER C 145 13.56 21.77 -9.89
C SER C 145 14.69 20.99 -10.52
N ARG C 146 15.17 19.99 -9.80
CA ARG C 146 16.11 19.03 -10.37
C ARG C 146 15.48 18.24 -11.51
N TRP C 147 14.31 17.67 -11.25
CA TRP C 147 13.62 16.85 -12.27
C TRP C 147 13.24 17.71 -13.49
N PHE C 148 12.60 18.85 -13.25
CA PHE C 148 12.30 19.80 -14.31
C PHE C 148 13.55 19.94 -15.17
N CYS C 149 14.63 20.40 -14.57
CA CYS C 149 15.92 20.67 -15.26
C CYS C 149 16.42 19.52 -16.12
N HIS C 150 16.40 18.30 -15.57
CA HIS C 150 16.81 17.11 -16.32
C HIS C 150 15.91 16.83 -17.50
N ILE C 151 14.62 17.18 -17.41
CA ILE C 151 13.72 16.98 -18.55
C ILE C 151 13.94 18.09 -19.57
N GLN C 152 14.19 19.33 -19.15
CA GLN C 152 14.27 20.45 -20.10
C GLN C 152 15.52 20.45 -20.98
N HIS C 153 16.59 19.81 -20.52
CA HIS C 153 17.76 19.55 -21.33
C HIS C 153 17.78 18.14 -21.96
N TYR C 154 16.71 17.35 -21.82
CA TYR C 154 16.65 15.95 -22.33
C TYR C 154 16.36 16.05 -23.83
N PRO C 155 17.06 15.28 -24.69
CA PRO C 155 17.07 15.55 -26.12
C PRO C 155 15.71 15.78 -26.79
N GLY C 156 15.59 16.88 -27.49
CA GLY C 156 14.39 17.17 -28.28
C GLY C 156 13.14 17.59 -27.48
N ILE C 157 13.18 17.51 -26.16
CA ILE C 157 11.95 17.60 -25.36
C ILE C 157 11.45 19.04 -25.27
N ARG C 158 12.36 19.97 -24.99
CA ARG C 158 12.00 21.35 -24.78
C ARG C 158 11.42 22.00 -26.02
N GLN C 159 11.91 21.60 -27.19
CA GLN C 159 11.56 22.23 -28.45
C GLN C 159 11.68 23.73 -28.27
N HIS C 160 10.60 24.49 -28.42
CA HIS C 160 10.66 25.94 -28.32
C HIS C 160 10.29 26.51 -26.93
N LEU C 161 9.98 25.68 -25.95
CA LEU C 161 9.63 26.19 -24.62
C LEU C 161 10.79 26.92 -23.91
N SER C 162 10.40 27.77 -22.97
CA SER C 162 11.31 28.61 -22.23
C SER C 162 12.20 27.78 -21.31
N SER C 163 13.44 28.23 -21.21
CA SER C 163 14.39 27.64 -20.27
C SER C 163 14.21 28.36 -18.96
N VAL C 164 14.20 27.57 -17.90
CA VAL C 164 14.24 28.11 -16.53
C VAL C 164 15.67 28.06 -16.01
N VAL C 165 16.15 29.18 -15.49
CA VAL C 165 17.46 29.23 -14.84
C VAL C 165 17.35 28.59 -13.46
N PHE C 166 18.16 27.55 -13.27
CA PHE C 166 18.28 26.86 -11.99
C PHE C 166 19.75 27.01 -11.55
N ILE C 167 19.98 27.88 -10.56
CA ILE C 167 21.33 28.22 -10.11
C ILE C 167 22.07 26.98 -9.58
N LYS C 168 23.17 26.64 -10.26
CA LYS C 168 23.81 25.33 -10.10
C LYS C 168 24.80 25.30 -8.96
N ASN C 169 25.11 24.07 -8.54
CA ASN C 169 25.86 23.84 -7.32
C ASN C 169 27.07 22.94 -7.51
N THR D 3 45.48 -3.32 -30.98
CA THR D 3 44.39 -3.34 -29.96
C THR D 3 44.88 -2.81 -28.59
N LEU D 4 43.92 -2.35 -27.79
CA LEU D 4 44.16 -1.87 -26.43
C LEU D 4 43.91 -3.02 -25.45
N SER D 5 44.89 -3.34 -24.60
CA SER D 5 44.70 -4.37 -23.56
C SER D 5 44.60 -3.79 -22.15
N LEU D 6 43.53 -4.17 -21.47
CA LEU D 6 43.30 -3.79 -20.09
C LEU D 6 43.36 -5.07 -19.30
N THR D 7 44.24 -5.13 -18.32
CA THR D 7 44.41 -6.33 -17.54
C THR D 7 44.37 -5.89 -16.11
N VAL D 8 43.53 -6.51 -15.31
CA VAL D 8 43.41 -6.09 -13.93
C VAL D 8 43.52 -7.14 -12.88
N ASN D 9 43.89 -6.69 -11.72
CA ASN D 9 44.01 -7.52 -10.60
C ASN D 9 42.64 -8.00 -10.28
N SER D 10 42.46 -9.30 -10.29
CA SER D 10 41.18 -9.86 -9.93
C SER D 10 40.93 -9.43 -8.50
N GLY D 11 42.03 -9.36 -7.74
CA GLY D 11 42.05 -9.02 -6.34
C GLY D 11 41.47 -7.69 -5.99
N ASP D 12 41.71 -6.68 -6.78
CA ASP D 12 41.15 -5.38 -6.53
C ASP D 12 40.65 -4.93 -7.86
N PRO D 13 39.50 -5.54 -8.31
CA PRO D 13 39.03 -5.10 -9.61
C PRO D 13 38.82 -3.66 -9.62
N PRO D 14 39.19 -3.00 -10.69
CA PRO D 14 38.97 -1.59 -10.79
C PRO D 14 37.68 -1.37 -11.50
N LEU D 15 36.68 -1.08 -10.73
CA LEU D 15 35.41 -0.76 -11.28
C LEU D 15 35.56 0.65 -11.65
N GLY D 16 34.66 1.15 -12.45
CA GLY D 16 34.77 2.49 -12.95
C GLY D 16 35.69 2.32 -14.11
N ALA D 17 36.80 1.64 -13.87
CA ALA D 17 37.76 1.32 -14.88
C ALA D 17 37.10 0.42 -15.84
N LEU D 18 36.35 -0.48 -15.27
CA LEU D 18 35.57 -1.42 -16.09
C LEU D 18 34.33 -0.78 -16.73
N LEU D 19 33.70 0.07 -15.95
CA LEU D 19 32.53 0.81 -16.29
C LEU D 19 32.88 1.70 -17.42
N ALA D 20 34.04 2.28 -17.36
CA ALA D 20 34.61 3.07 -18.46
C ALA D 20 34.66 2.23 -19.73
N VAL D 21 35.32 1.08 -19.66
CA VAL D 21 35.50 0.20 -20.84
C VAL D 21 34.17 -0.21 -21.48
N GLU D 22 33.24 -0.70 -20.68
CA GLU D 22 31.94 -1.15 -21.20
C GLU D 22 31.05 -0.04 -21.76
N HIS D 23 31.24 1.19 -21.29
CA HIS D 23 30.55 2.35 -21.86
C HIS D 23 31.13 2.80 -23.22
N VAL D 24 32.24 2.20 -23.62
CA VAL D 24 32.92 2.51 -24.87
C VAL D 24 33.41 1.25 -25.64
N LYS D 25 32.84 0.09 -25.31
CA LYS D 25 33.16 -1.18 -25.97
C LYS D 25 32.97 -1.16 -27.48
N ASP D 26 31.96 -0.40 -27.94
CA ASP D 26 31.54 -0.38 -29.35
C ASP D 26 32.29 0.61 -30.25
N ASP D 27 33.04 1.55 -29.67
CA ASP D 27 33.86 2.51 -30.44
C ASP D 27 35.33 2.04 -30.56
N VAL D 28 35.95 1.70 -29.43
CA VAL D 28 37.36 1.26 -29.41
C VAL D 28 37.46 -0.21 -29.03
N SER D 29 38.42 -0.91 -29.63
CA SER D 29 38.51 -2.37 -29.57
C SER D 29 39.31 -2.86 -28.36
N ILE D 30 38.62 -3.09 -27.23
CA ILE D 30 39.25 -3.46 -25.95
C ILE D 30 38.85 -4.85 -25.48
N SER D 31 39.85 -5.62 -25.04
CA SER D 31 39.65 -6.89 -24.34
C SER D 31 40.31 -6.81 -22.97
N VAL D 32 39.79 -7.60 -22.05
CA VAL D 32 40.26 -7.64 -20.67
C VAL D 32 40.62 -9.07 -20.27
N GLU D 33 41.91 -9.33 -20.06
CA GLU D 33 42.36 -10.56 -19.41
C GLU D 33 42.47 -10.27 -17.92
N GLU D 34 42.59 -11.33 -17.11
CA GLU D 34 42.84 -11.19 -15.68
C GLU D 34 44.34 -11.17 -15.44
N GLY D 35 44.79 -10.48 -14.40
CA GLY D 35 46.21 -10.22 -14.24
C GLY D 35 46.69 -9.77 -12.87
N LYS D 36 47.84 -9.12 -12.85
CA LYS D 36 48.60 -8.88 -11.62
C LYS D 36 48.07 -7.64 -10.90
N GLU D 37 48.21 -6.50 -11.57
CA GLU D 37 47.79 -5.20 -11.06
C GLU D 37 46.99 -4.49 -12.15
N ASN D 38 46.51 -3.30 -11.88
CA ASN D 38 45.69 -2.62 -12.86
C ASN D 38 46.45 -1.77 -13.79
N ILE D 39 46.60 -2.28 -14.98
CA ILE D 39 47.37 -1.66 -16.01
C ILE D 39 46.68 -1.73 -17.34
N LEU D 40 47.00 -0.78 -18.21
CA LEU D 40 46.44 -0.67 -19.54
C LEU D 40 47.50 -0.45 -20.60
N HIS D 41 47.42 -1.18 -21.69
CA HIS D 41 48.36 -1.05 -22.79
C HIS D 41 47.70 -0.30 -23.91
N VAL D 42 48.30 0.78 -24.37
CA VAL D 42 47.69 1.63 -25.39
C VAL D 42 48.30 1.73 -26.78
N SER D 43 49.38 2.46 -26.90
CA SER D 43 50.05 2.64 -28.18
C SER D 43 51.32 1.83 -28.17
N GLU D 44 51.38 0.72 -28.88
CA GLU D 44 52.58 -0.07 -28.91
C GLU D 44 52.97 -0.39 -27.48
N ASN D 45 54.17 0.01 -27.08
CA ASN D 45 54.60 -0.18 -25.71
C ASN D 45 54.56 1.03 -24.75
N VAL D 46 53.38 1.57 -24.55
CA VAL D 46 53.16 2.68 -23.66
C VAL D 46 52.13 2.10 -22.73
N ILE D 47 52.21 2.44 -21.47
CA ILE D 47 51.37 1.80 -20.44
C ILE D 47 50.77 2.89 -19.56
N PHE D 48 49.65 2.59 -18.89
CA PHE D 48 49.12 3.44 -17.84
C PHE D 48 48.80 2.60 -16.59
N THR D 49 49.28 3.06 -15.43
CA THR D 49 49.13 2.36 -14.13
C THR D 49 48.19 3.09 -13.14
N ASP D 50 47.72 4.25 -13.54
CA ASP D 50 46.98 5.16 -12.67
C ASP D 50 45.54 5.08 -13.21
N VAL D 51 44.53 5.09 -12.34
CA VAL D 51 43.15 4.77 -12.77
C VAL D 51 42.48 5.96 -13.45
N ASN D 52 42.80 7.16 -12.99
CA ASN D 52 42.35 8.39 -13.64
C ASN D 52 43.05 8.67 -14.96
N SER D 53 44.23 8.12 -15.14
CA SER D 53 44.88 8.13 -16.45
C SER D 53 44.13 7.20 -17.38
N ILE D 54 43.91 5.98 -16.92
CA ILE D 54 43.25 4.97 -17.73
C ILE D 54 41.87 5.52 -18.09
N LEU D 55 41.12 5.91 -17.06
CA LEU D 55 39.91 6.72 -17.24
C LEU D 55 40.03 7.90 -18.25
N ARG D 56 41.00 8.80 -18.06
CA ARG D 56 41.11 9.97 -18.96
C ARG D 56 41.40 9.56 -20.40
N TYR D 57 42.34 8.64 -20.56
CA TYR D 57 42.75 8.20 -21.88
C TYR D 57 41.65 7.44 -22.65
N LEU D 58 40.81 6.69 -21.95
CA LEU D 58 39.70 5.99 -22.60
C LEU D 58 38.65 6.97 -23.12
N ALA D 59 38.20 7.87 -22.26
CA ALA D 59 37.32 8.97 -22.66
C ALA D 59 37.97 9.88 -23.69
N ARG D 60 39.31 9.93 -23.72
CA ARG D 60 40.04 10.76 -24.69
C ARG D 60 40.12 10.19 -26.11
N VAL D 61 40.64 8.98 -26.22
CA VAL D 61 40.64 8.26 -27.50
C VAL D 61 39.22 8.27 -28.02
N ALA D 62 38.33 7.70 -27.21
CA ALA D 62 36.97 7.40 -27.63
C ALA D 62 35.98 8.57 -27.58
N THR D 63 36.08 9.40 -28.60
CA THR D 63 35.35 10.65 -28.72
C THR D 63 33.88 10.48 -29.13
N THR D 64 33.53 9.33 -29.68
CA THR D 64 32.15 9.07 -30.12
C THR D 64 31.23 8.95 -28.91
N ALA D 65 31.73 8.29 -27.86
CA ALA D 65 31.11 8.35 -26.54
C ALA D 65 31.40 9.73 -26.00
N GLY D 66 30.58 10.20 -25.07
CA GLY D 66 30.74 11.58 -24.56
C GLY D 66 31.25 11.64 -23.14
N LEU D 67 31.93 10.60 -22.69
CA LEU D 67 32.28 10.44 -21.25
C LEU D 67 33.16 11.53 -20.67
N TYR D 68 33.50 12.55 -21.46
CA TYR D 68 34.33 13.65 -21.00
C TYR D 68 33.63 15.02 -21.17
N GLY D 69 32.32 15.01 -21.37
CA GLY D 69 31.56 16.26 -21.49
C GLY D 69 31.68 16.88 -22.87
N SER D 70 31.23 18.10 -22.99
CA SER D 70 31.29 18.81 -24.23
C SER D 70 31.98 20.16 -24.32
N ASN D 71 32.26 20.77 -23.22
CA ASN D 71 32.84 22.08 -23.20
C ASN D 71 34.09 22.06 -22.48
N LEU D 72 34.82 23.17 -22.58
CA LEU D 72 36.08 23.36 -21.92
C LEU D 72 35.81 23.34 -20.47
N MET D 73 34.66 23.83 -20.11
CA MET D 73 34.21 23.85 -18.73
C MET D 73 34.11 22.43 -18.23
N GLU D 74 33.29 21.63 -18.92
CA GLU D 74 32.89 20.28 -18.51
C GLU D 74 34.00 19.28 -18.55
N HIS D 75 35.05 19.61 -19.33
CA HIS D 75 36.34 18.96 -19.26
C HIS D 75 36.96 19.13 -17.86
N THR D 76 36.85 20.33 -17.31
CA THR D 76 37.53 20.66 -16.06
C THR D 76 36.78 20.03 -14.89
N GLU D 77 35.45 20.19 -14.83
CA GLU D 77 34.62 19.56 -13.80
C GLU D 77 34.90 18.07 -13.65
N ILE D 78 34.84 17.33 -14.76
CA ILE D 78 35.22 15.93 -14.77
C ILE D 78 36.58 15.65 -14.13
N ASP D 79 37.61 16.43 -14.47
CA ASP D 79 38.91 16.27 -13.80
C ASP D 79 38.83 16.66 -12.30
N HIS D 80 38.14 17.75 -11.97
CA HIS D 80 37.77 18.08 -10.59
C HIS D 80 37.23 16.81 -9.88
N TRP D 81 36.24 16.15 -10.51
CA TRP D 81 35.60 14.94 -9.94
C TRP D 81 36.44 13.67 -9.96
N LEU D 82 37.46 13.64 -10.81
CA LEU D 82 38.42 12.53 -10.82
C LEU D 82 39.38 12.63 -9.64
N GLU D 83 39.75 13.85 -9.29
CA GLU D 83 40.60 14.08 -8.12
C GLU D 83 39.82 13.85 -6.82
N PHE D 84 38.64 14.44 -6.74
CA PHE D 84 37.71 14.28 -5.62
C PHE D 84 37.69 12.85 -5.10
N SER D 85 37.39 11.92 -6.00
CA SER D 85 37.28 10.52 -5.64
C SER D 85 38.65 9.93 -5.32
N ALA D 86 39.68 10.36 -6.03
CA ALA D 86 41.07 9.95 -5.78
C ALA D 86 41.69 10.49 -4.44
N THR D 87 41.19 11.60 -3.90
CA THR D 87 41.71 12.13 -2.63
C THR D 87 40.70 12.00 -1.52
N LYS D 88 39.70 12.88 -1.49
CA LYS D 88 38.71 12.90 -0.41
C LYS D 88 37.96 11.57 -0.21
N LEU D 89 37.68 10.85 -1.26
CA LEU D 89 37.05 9.58 -1.14
C LEU D 89 37.97 8.41 -1.16
N SER D 90 39.25 8.66 -1.27
CA SER D 90 40.24 7.61 -1.12
C SER D 90 40.32 6.95 0.24
N SER D 91 40.39 7.85 1.20
CA SER D 91 40.58 7.60 2.60
C SER D 91 39.55 8.05 3.57
N SER D 92 39.95 8.31 4.81
CA SER D 92 39.00 8.37 5.91
C SER D 92 38.53 9.71 6.42
N ASP D 93 39.42 10.67 6.51
CA ASP D 93 39.23 11.89 7.31
C ASP D 93 38.33 13.00 6.71
N SER D 94 37.43 13.50 7.56
CA SER D 94 36.37 14.46 7.24
C SER D 94 35.37 13.94 6.20
N PHE D 95 35.00 12.66 6.35
CA PHE D 95 33.96 12.02 5.54
C PHE D 95 32.65 12.81 5.52
N THR D 96 32.19 13.26 6.68
CA THR D 96 30.83 13.79 6.85
C THR D 96 30.53 14.96 5.91
N SER D 97 31.35 16.02 5.98
CA SER D 97 31.27 17.10 4.99
C SER D 97 31.86 16.70 3.61
N THR D 98 32.70 15.65 3.54
CA THR D 98 33.16 15.12 2.25
C THR D 98 32.01 14.52 1.41
N ILE D 99 31.03 13.89 2.07
CA ILE D 99 29.82 13.41 1.38
C ILE D 99 28.65 14.39 1.46
N ASN D 100 28.78 15.39 2.33
CA ASN D 100 27.82 16.51 2.37
C ASN D 100 28.06 17.46 1.20
N GLU D 101 29.31 17.54 0.75
CA GLU D 101 29.71 18.32 -0.41
C GLU D 101 29.28 17.63 -1.72
N LEU D 102 29.24 16.30 -1.70
CA LEU D 102 28.70 15.51 -2.82
C LEU D 102 27.17 15.63 -2.94
N ASN D 103 26.47 15.42 -1.82
CA ASN D 103 25.01 15.58 -1.78
C ASN D 103 24.57 16.99 -2.17
N HIS D 104 25.37 17.98 -1.79
CA HIS D 104 25.06 19.37 -2.04
C HIS D 104 25.14 19.76 -3.52
N SER D 105 25.97 19.09 -4.30
CA SER D 105 26.05 19.35 -5.73
C SER D 105 25.03 18.51 -6.50
N LEU D 106 24.89 17.23 -6.11
CA LEU D 106 23.84 16.36 -6.66
C LEU D 106 22.42 16.79 -6.34
N SER D 107 22.24 17.83 -5.51
CA SER D 107 20.94 18.46 -5.26
C SER D 107 20.19 18.88 -6.50
N LEU D 108 20.85 19.62 -7.38
CA LEU D 108 20.19 20.12 -8.58
C LEU D 108 20.70 19.49 -9.88
N ARG D 109 21.38 18.39 -9.77
CA ARG D 109 21.95 17.68 -10.86
C ARG D 109 21.56 16.24 -10.93
N THR D 110 21.60 15.68 -12.11
CA THR D 110 21.26 14.31 -12.36
C THR D 110 22.51 13.48 -12.52
N TYR D 111 23.54 14.10 -13.03
CA TYR D 111 24.79 13.51 -13.26
C TYR D 111 25.66 14.57 -12.76
N LEU D 112 26.88 14.19 -12.46
CA LEU D 112 27.90 15.06 -11.97
C LEU D 112 28.23 16.09 -13.04
N VAL D 113 27.96 15.78 -14.24
CA VAL D 113 28.21 16.59 -15.37
C VAL D 113 27.18 17.61 -15.71
N GLY D 114 26.16 17.78 -14.91
CA GLY D 114 24.96 18.34 -15.47
C GLY D 114 24.10 17.29 -16.08
N ASN D 115 24.32 17.07 -17.36
CA ASN D 115 23.27 16.58 -18.21
C ASN D 115 23.34 15.15 -18.76
N SER D 116 24.50 14.54 -18.81
CA SER D 116 24.68 13.27 -19.43
C SER D 116 25.83 12.57 -18.79
N LEU D 117 26.07 11.33 -19.14
CA LEU D 117 26.99 10.45 -18.40
C LEU D 117 28.45 10.76 -18.74
N SER D 118 29.24 10.97 -17.71
CA SER D 118 30.66 11.22 -17.84
C SER D 118 31.54 10.50 -16.83
N LEU D 119 32.84 10.55 -17.06
CA LEU D 119 33.82 9.94 -16.19
C LEU D 119 33.71 10.47 -14.73
N ALA D 120 33.24 11.70 -14.55
CA ALA D 120 32.86 12.20 -13.22
C ALA D 120 32.00 11.18 -12.47
N ASP D 121 30.98 10.67 -13.16
CA ASP D 121 30.01 9.72 -12.63
C ASP D 121 30.57 8.34 -12.39
N LEU D 122 31.26 7.83 -13.40
CA LEU D 122 31.77 6.48 -13.33
C LEU D 122 32.80 6.41 -12.22
N SER D 123 33.65 7.43 -12.14
CA SER D 123 34.72 7.49 -11.17
C SER D 123 34.22 7.64 -9.75
N VAL D 124 33.35 8.64 -9.53
CA VAL D 124 32.85 8.96 -8.18
C VAL D 124 31.98 7.84 -7.63
N TRP D 125 31.27 7.15 -8.50
CA TRP D 125 30.39 6.07 -8.08
C TRP D 125 31.24 4.93 -7.53
N ALA D 126 32.28 4.54 -8.27
CA ALA D 126 33.13 3.40 -7.92
C ALA D 126 33.87 3.53 -6.57
N THR D 127 34.24 4.76 -6.23
CA THR D 127 34.96 5.03 -4.99
C THR D 127 34.01 5.07 -3.80
N LEU D 128 32.75 5.44 -4.04
CA LEU D 128 31.70 5.24 -3.03
C LEU D 128 31.39 3.77 -2.81
N LYS D 129 31.32 2.97 -3.87
CA LYS D 129 31.17 1.51 -3.71
C LYS D 129 32.33 0.88 -2.93
N GLY D 130 33.55 1.37 -3.17
CA GLY D 130 34.73 0.88 -2.46
C GLY D 130 34.93 1.45 -1.07
N ASN D 131 34.33 2.62 -0.83
CA ASN D 131 34.34 3.28 0.47
C ASN D 131 33.43 2.56 1.44
N ALA D 132 34.01 2.02 2.51
CA ALA D 132 33.26 1.21 3.49
C ALA D 132 32.44 2.07 4.45
N ALA D 133 32.95 3.25 4.80
CA ALA D 133 32.19 4.22 5.63
C ALA D 133 30.85 4.58 5.00
N TRP D 134 30.80 4.55 3.67
CA TRP D 134 29.58 4.78 2.93
C TRP D 134 28.73 3.52 2.81
N GLN D 135 29.36 2.42 2.39
CA GLN D 135 28.73 1.08 2.30
C GLN D 135 28.01 0.63 3.61
N GLU D 136 28.36 1.26 4.73
CA GLU D 136 27.67 1.06 6.00
C GLU D 136 26.56 2.07 6.31
N GLN D 137 26.68 3.29 5.81
CA GLN D 137 25.54 4.24 5.76
C GLN D 137 24.29 3.62 5.09
N LEU D 138 24.53 2.67 4.18
CA LEU D 138 23.47 1.89 3.50
C LEU D 138 22.70 0.95 4.43
N LYS D 139 23.42 0.24 5.31
CA LYS D 139 22.80 -0.69 6.29
C LYS D 139 21.88 0.03 7.27
N GLN D 140 22.32 1.18 7.77
CA GLN D 140 21.48 2.08 8.60
C GLN D 140 21.29 3.44 7.92
N ALA D 143 23.29 7.45 4.64
CA ALA D 143 22.96 7.83 3.27
C ALA D 143 22.27 9.20 3.22
N PRO D 144 22.97 10.27 2.76
CA PRO D 144 22.28 11.53 2.48
C PRO D 144 21.57 11.44 1.12
N VAL D 145 20.39 12.03 1.00
CA VAL D 145 19.40 11.60 -0.02
C VAL D 145 19.71 11.77 -1.54
N HIS D 146 20.38 12.82 -1.96
CA HIS D 146 20.60 13.03 -3.41
C HIS D 146 21.66 12.12 -4.02
N VAL D 147 22.63 11.71 -3.21
CA VAL D 147 23.65 10.75 -3.62
C VAL D 147 23.01 9.38 -3.74
N LYS D 148 22.06 9.10 -2.89
CA LYS D 148 21.33 7.87 -2.86
C LYS D 148 20.56 7.57 -4.09
N ARG D 149 19.89 8.57 -4.64
CA ARG D 149 19.16 8.47 -5.89
C ARG D 149 20.10 8.36 -7.04
N TRP D 150 21.14 9.13 -7.00
CA TRP D 150 22.15 9.11 -8.00
C TRP D 150 22.90 7.81 -7.95
N PHE D 151 23.18 7.30 -6.79
CA PHE D 151 23.89 6.05 -6.67
C PHE D 151 23.02 4.91 -7.23
N GLY D 152 21.73 4.92 -6.89
CA GLY D 152 20.79 3.89 -7.31
C GLY D 152 20.39 4.03 -8.77
N PHE D 153 20.18 5.26 -9.21
CA PHE D 153 19.97 5.54 -10.63
C PHE D 153 21.15 4.98 -11.46
N LEU D 154 22.39 5.23 -11.03
CA LEU D 154 23.56 4.67 -11.74
C LEU D 154 23.64 3.18 -11.58
N GLU D 155 23.48 2.71 -10.34
CA GLU D 155 23.44 1.27 -10.07
C GLU D 155 22.47 0.52 -11.01
N ALA D 156 21.29 1.09 -11.24
CA ALA D 156 20.21 0.44 -12.02
C ALA D 156 20.42 0.28 -13.54
N GLN D 157 21.54 0.76 -14.08
CA GLN D 157 21.75 0.73 -15.53
C GLN D 157 22.44 -0.50 -16.05
N GLN D 158 22.22 -0.73 -17.33
CA GLN D 158 22.46 -2.01 -17.99
C GLN D 158 23.94 -2.35 -17.98
N ALA D 159 24.76 -1.32 -18.12
CA ALA D 159 26.22 -1.45 -18.12
C ALA D 159 26.76 -1.60 -16.70
N PHE D 160 26.25 -0.81 -15.77
CA PHE D 160 26.56 -0.94 -14.33
C PHE D 160 26.10 -2.28 -13.78
N GLN D 161 25.00 -2.79 -14.34
CA GLN D 161 24.49 -4.12 -13.98
C GLN D 161 25.42 -5.25 -14.39
N SER D 162 26.08 -5.12 -15.54
CA SER D 162 27.09 -6.11 -15.90
C SER D 162 28.30 -6.04 -14.96
N VAL D 163 28.91 -4.86 -14.91
CA VAL D 163 30.12 -4.68 -14.13
C VAL D 163 29.86 -5.18 -12.71
N GLY D 164 28.79 -4.68 -12.08
CA GLY D 164 28.38 -5.12 -10.76
C GLY D 164 28.23 -6.62 -10.59
N THR D 165 27.49 -7.28 -11.48
CA THR D 165 27.19 -8.72 -11.34
C THR D 165 28.37 -9.63 -11.71
N LYS D 166 28.99 -9.39 -12.87
CA LYS D 166 30.06 -10.27 -13.37
C LYS D 166 31.40 -10.06 -12.65
N TRP D 167 31.59 -8.91 -12.00
CA TRP D 167 32.88 -8.60 -11.35
C TRP D 167 32.92 -8.62 -9.82
N ASP D 168 31.78 -8.72 -9.12
CA ASP D 168 31.76 -8.79 -7.63
C ASP D 168 30.41 -8.90 -6.92
N HIS E 2 -29.61 13.86 -1.88
CA HIS E 2 -28.25 14.27 -2.28
C HIS E 2 -27.26 13.15 -2.02
N MET E 3 -27.38 12.50 -0.87
CA MET E 3 -26.60 11.31 -0.59
C MET E 3 -27.53 10.15 -0.31
N ALA E 4 -27.31 9.07 -1.05
CA ALA E 4 -28.10 7.87 -0.98
C ALA E 4 -27.83 7.15 0.34
N ALA E 5 -28.88 6.68 1.00
CA ALA E 5 -28.72 5.95 2.24
C ALA E 5 -27.74 4.78 2.12
N ALA E 6 -27.76 4.08 0.98
CA ALA E 6 -26.82 2.95 0.76
C ALA E 6 -25.37 3.40 0.48
N ALA E 7 -25.17 4.68 0.15
CA ALA E 7 -23.85 5.33 0.17
C ALA E 7 -23.44 5.72 1.57
N GLU E 8 -24.41 6.22 2.34
CA GLU E 8 -24.17 6.63 3.73
C GLU E 8 -23.73 5.46 4.61
N LEU E 9 -24.40 4.31 4.42
CA LEU E 9 -24.14 3.12 5.19
C LEU E 9 -22.75 2.55 4.92
N SER E 10 -22.23 2.77 3.71
CA SER E 10 -20.87 2.33 3.33
C SER E 10 -19.84 3.16 4.04
N LEU E 11 -20.06 4.46 4.01
CA LEU E 11 -19.33 5.41 4.84
C LEU E 11 -19.34 4.94 6.32
N LEU E 12 -20.51 4.51 6.84
CA LEU E 12 -20.67 4.10 8.26
C LEU E 12 -19.98 2.79 8.63
N GLU E 13 -20.02 1.82 7.74
CA GLU E 13 -19.26 0.61 7.92
C GLU E 13 -17.79 0.94 8.18
N LYS E 14 -17.23 1.87 7.41
CA LYS E 14 -15.82 2.25 7.56
C LYS E 14 -15.58 3.07 8.83
N SER E 15 -16.46 4.04 9.11
CA SER E 15 -16.41 4.84 10.37
C SER E 15 -16.38 3.97 11.60
N LEU E 16 -17.14 2.88 11.56
CA LEU E 16 -17.22 1.90 12.63
C LEU E 16 -15.99 0.99 12.73
N GLY E 17 -15.21 0.91 11.67
CA GLY E 17 -14.00 0.08 11.66
C GLY E 17 -14.21 -1.32 11.14
N LEU E 18 -15.35 -1.59 10.50
CA LEU E 18 -15.61 -2.88 9.88
C LEU E 18 -14.76 -3.02 8.61
N SER E 19 -14.31 -4.23 8.32
CA SER E 19 -13.53 -4.51 7.09
C SER E 19 -14.41 -4.90 5.89
N LYS E 20 -15.54 -5.57 6.14
CA LYS E 20 -16.49 -5.94 5.07
C LYS E 20 -17.60 -4.90 4.95
N GLY E 21 -17.87 -4.44 3.73
CA GLY E 21 -18.95 -3.50 3.43
C GLY E 21 -19.91 -4.19 2.51
N ASN E 22 -21.19 -4.24 2.90
CA ASN E 22 -22.17 -5.17 2.34
C ASN E 22 -22.83 -4.70 1.06
N LYS E 23 -23.49 -5.64 0.38
CA LYS E 23 -24.34 -5.35 -0.77
C LYS E 23 -25.67 -4.74 -0.31
N TYR E 24 -25.90 -3.47 -0.64
CA TYR E 24 -27.18 -2.82 -0.43
C TYR E 24 -27.96 -2.77 -1.72
N SER E 25 -29.28 -2.97 -1.59
CA SER E 25 -30.25 -2.61 -2.59
C SER E 25 -30.96 -1.37 -2.08
N ALA E 26 -31.86 -0.85 -2.89
CA ALA E 26 -32.66 0.30 -2.55
C ALA E 26 -33.97 0.09 -3.25
N GLN E 27 -35.07 0.43 -2.58
CA GLN E 27 -36.40 0.16 -3.10
C GLN E 27 -37.20 1.45 -3.26
N GLY E 28 -37.88 1.54 -4.41
CA GLY E 28 -38.84 2.59 -4.68
C GLY E 28 -38.27 3.99 -4.83
N GLU E 29 -39.16 4.91 -5.15
CA GLU E 29 -38.87 6.36 -5.25
C GLU E 29 -37.98 6.94 -4.13
N ARG E 30 -38.34 6.65 -2.89
CA ARG E 30 -37.51 6.96 -1.72
C ARG E 30 -36.11 6.32 -1.69
N GLN E 31 -35.96 5.18 -2.38
CA GLN E 31 -34.70 4.39 -2.45
C GLN E 31 -34.13 4.07 -1.07
N ILE E 32 -34.97 3.38 -0.31
CA ILE E 32 -34.68 3.03 1.07
C ILE E 32 -33.74 1.84 1.05
N PRO E 33 -32.66 1.88 1.88
CA PRO E 33 -31.66 0.81 1.80
C PRO E 33 -32.15 -0.47 2.44
N VAL E 34 -31.80 -1.59 1.80
CA VAL E 34 -32.17 -2.93 2.24
C VAL E 34 -30.87 -3.73 2.30
N LEU E 35 -30.78 -4.66 3.24
CA LEU E 35 -29.60 -5.51 3.40
C LEU E 35 -30.01 -6.94 3.61
N GLN E 36 -29.97 -7.71 2.53
CA GLN E 36 -30.23 -9.14 2.58
C GLN E 36 -29.11 -9.82 3.39
N THR E 37 -29.43 -10.09 4.65
CA THR E 37 -28.44 -10.42 5.68
C THR E 37 -28.07 -11.91 5.68
N ASN E 38 -26.88 -12.22 6.17
CA ASN E 38 -26.43 -13.63 6.29
C ASN E 38 -27.29 -14.44 7.28
N ASN E 39 -27.46 -13.93 8.50
CA ASN E 39 -28.21 -14.62 9.55
C ASN E 39 -29.54 -13.88 9.83
N GLY E 40 -30.66 -14.46 9.39
CA GLY E 40 -31.99 -13.87 9.62
C GLY E 40 -32.53 -13.01 8.48
N PRO E 41 -33.65 -12.28 8.70
CA PRO E 41 -34.32 -11.65 7.55
C PRO E 41 -33.73 -10.31 7.14
N SER E 42 -34.22 -9.84 6.01
CA SER E 42 -33.72 -8.66 5.34
C SER E 42 -34.07 -7.40 6.16
N LEU E 43 -33.07 -6.56 6.37
CA LEU E 43 -33.20 -5.33 7.13
C LEU E 43 -33.28 -4.19 6.14
N THR E 44 -34.26 -3.30 6.33
CA THR E 44 -34.72 -2.36 5.28
C THR E 44 -34.89 -0.87 5.68
N GLY E 45 -34.11 -0.34 6.62
CA GLY E 45 -34.12 1.09 6.93
C GLY E 45 -32.77 1.70 7.27
N LEU E 46 -32.58 2.99 6.98
CA LEU E 46 -31.26 3.61 7.25
C LEU E 46 -30.81 3.47 8.72
N THR E 47 -31.70 3.85 9.66
CA THR E 47 -31.34 3.87 11.10
C THR E 47 -31.43 2.48 11.71
N THR E 48 -32.26 1.64 11.11
CA THR E 48 -32.39 0.20 11.47
C THR E 48 -31.11 -0.56 11.06
N ILE E 49 -30.77 -0.43 9.78
CA ILE E 49 -29.52 -1.02 9.27
C ILE E 49 -28.29 -0.53 10.04
N ALA E 50 -28.29 0.76 10.36
CA ALA E 50 -27.13 1.39 11.03
C ALA E 50 -26.86 0.73 12.38
N ALA E 51 -27.85 0.74 13.26
CA ALA E 51 -27.77 0.08 14.58
C ALA E 51 -27.27 -1.39 14.54
N HIS E 52 -27.56 -2.09 13.45
CA HIS E 52 -27.07 -3.44 13.24
C HIS E 52 -25.57 -3.47 13.05
N LEU E 53 -25.07 -2.54 12.26
CA LEU E 53 -23.62 -2.46 12.01
C LEU E 53 -22.85 -2.08 13.28
N VAL E 54 -23.47 -1.32 14.17
CA VAL E 54 -22.84 -0.95 15.42
C VAL E 54 -22.69 -2.19 16.30
N LYS E 55 -23.79 -2.93 16.46
CA LYS E 55 -23.77 -4.26 17.06
C LYS E 55 -22.65 -5.10 16.46
N GLN E 56 -22.80 -5.39 15.16
CA GLN E 56 -21.82 -6.09 14.30
C GLN E 56 -20.35 -5.65 14.44
N ALA E 57 -20.11 -4.36 14.65
CA ALA E 57 -18.75 -3.87 14.94
C ALA E 57 -18.35 -4.07 16.41
N ASN E 58 -19.23 -4.72 17.17
CA ASN E 58 -19.12 -4.93 18.61
C ASN E 58 -18.87 -3.66 19.40
N LYS E 59 -19.59 -2.61 19.02
CA LYS E 59 -19.50 -1.28 19.61
C LYS E 59 -20.87 -0.76 19.95
N GLU E 60 -21.64 -1.58 20.67
CA GLU E 60 -23.02 -1.25 21.09
C GLU E 60 -23.11 0.00 21.99
N TYR E 61 -21.99 0.46 22.51
CA TYR E 61 -21.93 1.73 23.26
C TYR E 61 -22.18 3.00 22.41
N LEU E 62 -22.19 2.87 21.07
CA LEU E 62 -22.59 3.97 20.20
C LEU E 62 -24.12 4.16 20.19
N LEU E 63 -24.84 3.18 20.71
CA LEU E 63 -26.26 3.32 20.91
C LEU E 63 -26.58 3.86 22.32
N GLY E 64 -25.53 4.02 23.17
CA GLY E 64 -25.67 4.43 24.55
C GLY E 64 -25.51 3.27 25.52
N SER E 65 -25.00 3.53 26.73
CA SER E 65 -24.79 2.50 27.79
C SER E 65 -25.92 2.49 28.83
N THR E 66 -26.20 3.66 29.37
CA THR E 66 -27.36 3.88 30.24
C THR E 66 -28.59 3.92 29.32
N ALA E 67 -29.74 3.48 29.80
CA ALA E 67 -30.96 3.48 28.97
C ALA E 67 -31.48 4.90 28.60
N GLU E 68 -31.13 5.90 29.39
CA GLU E 68 -31.51 7.30 29.15
C GLU E 68 -30.78 7.87 27.94
N GLU E 69 -29.49 7.53 27.79
CA GLU E 69 -28.74 7.80 26.56
C GLU E 69 -29.32 7.06 25.32
N LYS E 70 -29.75 5.82 25.53
CA LYS E 70 -30.49 5.05 24.52
C LYS E 70 -31.82 5.67 24.11
N ALA E 71 -32.51 6.30 25.05
CA ALA E 71 -33.73 6.97 24.70
C ALA E 71 -33.37 8.15 23.79
N ILE E 72 -32.25 8.82 24.09
CA ILE E 72 -31.76 9.93 23.29
C ILE E 72 -31.27 9.42 21.93
N VAL E 73 -30.25 8.56 21.89
CA VAL E 73 -29.75 8.05 20.61
C VAL E 73 -30.91 7.74 19.64
N GLN E 74 -31.91 7.04 20.12
CA GLN E 74 -33.12 6.80 19.31
C GLN E 74 -33.88 8.06 18.84
N GLN E 75 -34.03 9.06 19.73
CA GLN E 75 -34.80 10.29 19.45
C GLN E 75 -34.24 11.05 18.25
N TRP E 76 -32.90 11.20 18.26
CA TRP E 76 -32.16 11.78 17.15
C TRP E 76 -32.15 10.80 15.92
N LEU E 77 -31.95 9.51 16.10
CA LEU E 77 -32.14 8.58 14.98
C LEU E 77 -33.52 8.90 14.30
N GLU E 78 -34.60 8.94 15.10
CA GLU E 78 -35.97 9.21 14.61
C GLU E 78 -36.18 10.63 13.99
N TYR E 79 -35.46 11.63 14.51
CA TYR E 79 -35.49 13.04 14.07
C TYR E 79 -34.76 13.19 12.74
N ARG E 80 -33.72 12.38 12.59
CA ARG E 80 -32.90 12.34 11.38
C ARG E 80 -33.73 11.85 10.21
N VAL E 81 -34.58 10.85 10.44
CA VAL E 81 -35.40 10.31 9.34
C VAL E 81 -36.79 10.98 9.20
N THR E 82 -37.25 11.70 10.22
CA THR E 82 -38.47 12.52 10.06
C THR E 82 -38.19 13.93 9.55
N GLN E 83 -37.31 14.65 10.24
CA GLN E 83 -37.05 16.09 9.97
C GLN E 83 -35.92 16.39 8.99
N VAL E 84 -34.83 15.65 9.09
CA VAL E 84 -33.63 15.91 8.29
C VAL E 84 -33.78 15.33 6.87
N ASP E 85 -34.30 14.12 6.75
CA ASP E 85 -34.59 13.51 5.44
C ASP E 85 -35.86 14.00 4.83
N GLY E 86 -36.80 14.36 5.70
CA GLY E 86 -38.19 14.58 5.29
C GLY E 86 -38.60 15.96 4.78
N HIS E 87 -39.91 16.10 4.66
CA HIS E 87 -40.57 17.22 3.99
C HIS E 87 -40.22 18.65 4.46
N SER E 88 -40.47 19.62 3.60
CA SER E 88 -40.13 20.99 3.94
C SER E 88 -38.67 20.93 4.35
N SER E 89 -37.90 20.06 3.70
CA SER E 89 -36.49 19.88 4.02
C SER E 89 -35.64 21.14 3.79
N LYS E 90 -35.90 21.81 2.67
CA LYS E 90 -35.18 23.03 2.33
C LYS E 90 -36.10 24.22 2.61
N ASN E 91 -37.25 23.96 3.20
CA ASN E 91 -38.20 25.03 3.46
C ASN E 91 -37.47 25.83 4.52
N ASP E 92 -37.33 25.22 5.70
CA ASP E 92 -36.59 25.87 6.77
C ASP E 92 -35.71 24.88 7.54
N ILE E 93 -34.43 24.96 7.19
CA ILE E 93 -33.38 24.22 7.82
C ILE E 93 -32.92 25.11 8.95
N HIS E 94 -33.21 26.42 8.84
CA HIS E 94 -32.86 27.40 9.85
C HIS E 94 -33.59 27.11 11.15
N THR E 95 -34.89 26.83 11.09
CA THR E 95 -35.66 26.43 12.29
C THR E 95 -35.09 25.19 12.97
N LEU E 96 -34.54 24.26 12.18
CA LEU E 96 -33.86 23.09 12.75
C LEU E 96 -32.58 23.54 13.41
N LEU E 97 -31.84 24.37 12.69
CA LEU E 97 -30.57 24.90 13.17
C LEU E 97 -30.72 25.80 14.40
N LYS E 98 -31.79 26.59 14.45
CA LYS E 98 -32.05 27.48 15.59
C LYS E 98 -32.27 26.63 16.83
N ASP E 99 -33.14 25.62 16.67
CA ASP E 99 -33.45 24.69 17.73
C ASP E 99 -32.19 24.00 18.24
N LEU E 100 -31.46 23.34 17.34
CA LEU E 100 -30.28 22.54 17.70
C LEU E 100 -29.15 23.45 18.25
N ASN E 101 -28.95 24.63 17.67
CA ASN E 101 -28.09 25.66 18.30
C ASN E 101 -28.39 25.91 19.80
N SER E 102 -29.65 25.90 20.19
CA SER E 102 -30.02 25.94 21.60
C SER E 102 -29.71 24.63 22.32
N TYR E 103 -30.28 23.53 21.81
CA TYR E 103 -30.09 22.19 22.38
C TYR E 103 -28.64 21.83 22.73
N LEU E 104 -27.69 22.27 21.88
CA LEU E 104 -26.27 21.98 22.04
C LEU E 104 -25.50 22.84 23.09
N GLU E 105 -26.08 23.98 23.47
CA GLU E 105 -25.41 24.99 24.32
C GLU E 105 -24.74 24.41 25.58
N ASP E 106 -25.34 23.41 26.19
CA ASP E 106 -24.72 22.73 27.36
C ASP E 106 -24.03 21.38 27.06
N LYS E 107 -23.72 21.07 25.80
CA LYS E 107 -23.24 19.72 25.44
C LYS E 107 -22.22 19.65 24.33
N VAL E 108 -21.43 18.57 24.37
CA VAL E 108 -20.38 18.29 23.41
C VAL E 108 -20.90 17.34 22.33
N TYR E 109 -21.56 16.27 22.75
CA TYR E 109 -22.29 15.38 21.83
C TYR E 109 -23.77 15.58 21.94
N LEU E 110 -24.52 14.84 21.15
CA LEU E 110 -25.96 14.85 21.14
C LEU E 110 -26.56 14.31 22.42
N THR E 111 -25.97 13.26 22.95
CA THR E 111 -26.47 12.66 24.15
C THR E 111 -26.01 13.16 25.51
N GLY E 112 -25.19 14.16 25.58
CA GLY E 112 -24.65 14.58 26.85
C GLY E 112 -23.16 14.64 26.60
N TYR E 113 -22.41 13.77 27.24
CA TYR E 113 -20.96 13.81 27.10
C TYR E 113 -20.29 12.65 26.39
N ASN E 114 -21.03 11.71 25.84
CA ASN E 114 -20.47 10.57 25.12
C ASN E 114 -20.80 10.55 23.61
N PHE E 115 -19.91 9.90 22.86
CA PHE E 115 -19.99 9.84 21.41
C PHE E 115 -20.80 8.63 21.03
N THR E 116 -21.81 8.85 20.18
CA THR E 116 -22.80 7.84 19.78
C THR E 116 -23.19 7.96 18.28
N LEU E 117 -23.98 6.99 17.81
CA LEU E 117 -24.40 6.84 16.40
C LEU E 117 -25.25 7.99 15.93
N ALA E 118 -26.02 8.58 16.85
CA ALA E 118 -26.68 9.85 16.63
C ALA E 118 -25.76 10.89 15.96
N ASP E 119 -24.64 11.18 16.60
CA ASP E 119 -23.70 12.20 16.15
C ASP E 119 -23.18 11.99 14.74
N ILE E 120 -22.63 10.79 14.52
CA ILE E 120 -22.15 10.33 13.20
C ILE E 120 -23.26 10.56 12.20
N LEU E 121 -24.43 10.08 12.55
CA LEU E 121 -25.54 10.12 11.62
C LEU E 121 -26.09 11.54 11.40
N LEU E 122 -26.28 12.34 12.46
CA LEU E 122 -26.78 13.74 12.27
C LEU E 122 -25.74 14.55 11.51
N TYR E 123 -24.47 14.17 11.65
CA TYR E 123 -23.41 14.77 10.88
C TYR E 123 -23.48 14.46 9.38
N TYR E 124 -23.75 13.21 8.99
CA TYR E 124 -23.89 12.92 7.54
C TYR E 124 -25.15 13.54 6.92
N GLY E 125 -26.19 13.68 7.72
CA GLY E 125 -27.41 14.28 7.27
C GLY E 125 -27.34 15.78 7.18
N LEU E 126 -26.62 16.38 8.11
CA LEU E 126 -26.43 17.83 8.08
C LEU E 126 -25.24 18.33 7.26
N HIS E 127 -24.42 17.45 6.68
CA HIS E 127 -23.21 17.89 5.92
C HIS E 127 -23.53 18.74 4.70
N ARG E 128 -24.38 18.23 3.81
CA ARG E 128 -24.84 18.98 2.63
C ARG E 128 -25.35 20.39 2.93
N PHE E 129 -26.02 20.55 4.07
CA PHE E 129 -26.60 21.84 4.45
C PHE E 129 -25.58 22.80 5.09
N ILE E 130 -24.63 22.26 5.85
CA ILE E 130 -23.57 23.04 6.51
C ILE E 130 -22.46 23.55 5.57
N VAL E 131 -22.11 22.74 4.56
CA VAL E 131 -21.18 23.12 3.48
C VAL E 131 -21.65 24.43 2.83
N ASP E 132 -22.97 24.54 2.61
CA ASP E 132 -23.57 25.74 2.01
C ASP E 132 -23.83 26.94 2.95
N LEU E 133 -23.50 26.84 4.23
CA LEU E 133 -23.67 27.98 5.13
C LEU E 133 -22.64 29.09 4.79
N THR E 134 -23.06 30.36 4.97
CA THR E 134 -22.14 31.51 4.90
C THR E 134 -21.37 31.65 6.22
N VAL E 135 -20.30 32.43 6.18
CA VAL E 135 -19.46 32.68 7.35
C VAL E 135 -20.27 33.29 8.52
N GLN E 136 -21.25 34.13 8.20
CA GLN E 136 -22.23 34.70 9.14
C GLN E 136 -23.10 33.64 9.83
N GLU E 137 -23.58 32.67 9.04
CA GLU E 137 -24.45 31.63 9.58
C GLU E 137 -23.73 30.64 10.47
N LYS E 138 -22.48 30.34 10.17
CA LYS E 138 -21.68 29.47 11.04
C LYS E 138 -21.36 30.20 12.35
N GLU E 139 -21.26 31.52 12.26
CA GLU E 139 -21.09 32.40 13.41
C GLU E 139 -22.37 32.52 14.20
N LYS E 140 -23.48 32.66 13.49
CA LYS E 140 -24.82 32.67 14.06
C LYS E 140 -25.12 31.35 14.74
N TYR E 141 -24.97 30.27 13.96
CA TYR E 141 -25.19 28.93 14.45
C TYR E 141 -23.91 28.45 15.09
N LEU E 142 -23.57 29.13 16.18
CA LEU E 142 -22.29 28.99 16.82
C LEU E 142 -22.07 27.57 17.38
N ASN E 143 -23.02 27.12 18.21
CA ASN E 143 -22.92 25.84 18.88
C ASN E 143 -22.99 24.67 17.89
N VAL E 144 -23.78 24.85 16.83
CA VAL E 144 -23.89 23.87 15.74
C VAL E 144 -22.58 23.74 14.98
N SER E 145 -21.98 24.89 14.68
CA SER E 145 -20.67 25.01 14.04
C SER E 145 -19.57 24.36 14.84
N ARG E 146 -19.67 24.43 16.16
CA ARG E 146 -18.71 23.77 17.04
C ARG E 146 -18.87 22.25 17.05
N TRP E 147 -20.07 21.77 17.39
CA TRP E 147 -20.40 20.32 17.37
C TRP E 147 -20.00 19.65 16.06
N PHE E 148 -20.43 20.23 14.95
CA PHE E 148 -20.11 19.79 13.60
C PHE E 148 -18.59 19.83 13.29
N CYS E 149 -17.90 20.87 13.74
CA CYS E 149 -16.43 20.94 13.60
C CYS E 149 -15.74 19.81 14.37
N HIS E 150 -16.26 19.51 15.56
CA HIS E 150 -15.88 18.35 16.34
C HIS E 150 -16.13 17.02 15.64
N ILE E 151 -17.25 16.83 14.96
CA ILE E 151 -17.51 15.53 14.30
C ILE E 151 -16.73 15.37 12.96
N GLN E 152 -16.60 16.41 12.14
CA GLN E 152 -15.82 16.30 10.86
C GLN E 152 -14.36 15.87 11.05
N HIS E 153 -13.71 16.33 12.14
CA HIS E 153 -12.35 15.91 12.46
C HIS E 153 -12.31 14.64 13.31
N TYR E 154 -13.43 14.15 13.80
CA TYR E 154 -13.44 13.00 14.72
C TYR E 154 -12.87 11.74 13.98
N PRO E 155 -12.03 10.91 14.65
CA PRO E 155 -11.29 9.84 13.95
C PRO E 155 -12.14 8.86 13.18
N GLY E 156 -11.84 8.71 11.91
CA GLY E 156 -12.60 7.79 11.04
C GLY E 156 -13.94 8.31 10.51
N ILE E 157 -14.28 9.56 10.81
CA ILE E 157 -15.65 10.00 10.56
C ILE E 157 -15.83 10.69 9.23
N ARG E 158 -15.09 11.75 8.94
CA ARG E 158 -15.26 12.49 7.70
C ARG E 158 -15.01 11.71 6.42
N GLN E 159 -14.02 10.82 6.47
CA GLN E 159 -13.57 10.03 5.33
C GLN E 159 -13.29 10.96 4.15
N HIS E 160 -13.99 10.76 3.03
CA HIS E 160 -13.83 11.53 1.81
C HIS E 160 -14.55 12.87 1.83
N LEU E 161 -15.50 13.05 2.72
CA LEU E 161 -16.38 14.18 2.66
C LEU E 161 -15.59 15.48 2.83
N SER E 162 -16.05 16.51 2.13
CA SER E 162 -15.50 17.88 2.21
C SER E 162 -15.45 18.46 3.64
N SER E 163 -14.29 19.02 4.03
CA SER E 163 -14.14 19.77 5.30
C SER E 163 -14.79 21.16 5.24
N VAL E 164 -15.37 21.59 6.37
CA VAL E 164 -15.96 22.94 6.51
C VAL E 164 -15.07 23.83 7.42
N VAL E 165 -14.68 25.00 6.92
CA VAL E 165 -13.79 25.86 7.67
C VAL E 165 -14.58 26.69 8.67
N PHE E 166 -14.05 26.70 9.87
CA PHE E 166 -14.57 27.32 11.03
C PHE E 166 -13.43 28.07 11.65
N ILE E 167 -13.61 29.36 11.85
CA ILE E 167 -12.56 30.18 12.39
C ILE E 167 -12.46 30.07 13.92
N LYS E 168 -11.95 28.94 14.40
CA LYS E 168 -11.83 28.68 15.82
C LYS E 168 -10.96 29.75 16.40
N ASN E 169 -11.32 30.30 17.55
CA ASN E 169 -10.57 31.40 18.12
C ASN E 169 -10.05 31.22 19.51
N THR F 3 11.50 3.37 37.30
CA THR F 3 10.48 4.11 38.11
C THR F 3 10.59 5.61 37.88
N LEU F 4 9.44 6.25 37.67
CA LEU F 4 9.31 7.69 37.64
C LEU F 4 8.29 8.02 38.73
N SER F 5 8.78 8.55 39.84
CA SER F 5 8.02 8.75 41.07
C SER F 5 7.51 10.19 41.22
N LEU F 6 6.20 10.40 41.09
CA LEU F 6 5.64 11.70 41.50
C LEU F 6 5.49 11.63 42.99
N THR F 7 5.85 12.71 43.64
CA THR F 7 5.80 12.83 45.06
C THR F 7 5.03 14.11 45.35
N VAL F 8 3.89 13.98 46.00
CA VAL F 8 2.98 15.09 46.05
C VAL F 8 2.43 15.34 47.44
N ASN F 9 2.04 16.58 47.68
CA ASN F 9 1.47 16.96 48.96
C ASN F 9 -0.04 16.71 49.01
N SER F 10 -0.49 16.08 50.09
CA SER F 10 -1.92 15.87 50.33
C SER F 10 -2.64 17.14 50.83
N GLY F 11 -1.87 18.12 51.31
CA GLY F 11 -2.38 19.46 51.63
C GLY F 11 -3.06 20.15 50.47
N ASP F 12 -2.29 20.44 49.41
CA ASP F 12 -2.87 20.83 48.14
C ASP F 12 -2.21 20.10 47.00
N PRO F 13 -2.83 19.07 46.45
CA PRO F 13 -2.24 18.31 45.34
C PRO F 13 -2.29 18.90 43.96
N PRO F 14 -1.37 18.53 43.10
CA PRO F 14 -1.38 19.11 41.78
C PRO F 14 -2.36 18.34 40.97
N LEU F 15 -3.52 18.93 40.78
CA LEU F 15 -4.55 18.24 40.07
C LEU F 15 -4.19 18.00 38.70
N GLY F 16 -3.71 19.02 38.04
CA GLY F 16 -3.42 18.91 36.65
C GLY F 16 -2.40 17.87 36.50
N ALA F 17 -1.41 17.90 37.36
CA ALA F 17 -0.37 16.93 37.27
C ALA F 17 -0.81 15.53 37.48
N LEU F 18 -1.59 15.30 38.50
CA LEU F 18 -2.08 14.00 38.83
C LEU F 18 -2.90 13.45 37.71
N LEU F 19 -3.61 14.34 37.05
CA LEU F 19 -4.41 13.97 35.94
C LEU F 19 -3.51 13.48 34.85
N ALA F 20 -2.44 14.20 34.66
CA ALA F 20 -1.51 13.91 33.63
C ALA F 20 -0.83 12.61 33.77
N VAL F 21 -0.50 12.31 35.01
CA VAL F 21 0.25 11.11 35.43
C VAL F 21 -0.51 9.87 35.04
N GLU F 22 -1.73 9.78 35.55
CA GLU F 22 -2.57 8.59 35.42
C GLU F 22 -3.24 8.53 34.05
N HIS F 23 -3.12 9.62 33.34
CA HIS F 23 -3.55 9.71 31.99
C HIS F 23 -2.51 9.08 31.10
N VAL F 24 -1.39 8.69 31.67
CA VAL F 24 -0.32 7.94 31.03
C VAL F 24 0.25 6.84 31.97
N LYS F 25 -0.64 6.11 32.64
CA LYS F 25 -0.24 4.92 33.39
C LYS F 25 0.56 3.96 32.53
N ASP F 26 0.01 3.65 31.35
CA ASP F 26 0.45 2.53 30.50
C ASP F 26 1.33 2.90 29.30
N ASP F 27 1.84 4.14 29.26
CA ASP F 27 2.91 4.52 28.32
C ASP F 27 4.26 4.77 29.04
N VAL F 28 4.27 4.65 30.37
CA VAL F 28 5.46 4.94 31.17
C VAL F 28 5.23 4.45 32.60
N SER F 29 6.21 3.73 33.16
CA SER F 29 6.12 3.20 34.52
C SER F 29 6.13 4.35 35.53
N ILE F 30 5.16 4.34 36.44
CA ILE F 30 4.99 5.41 37.44
C ILE F 30 5.12 4.84 38.85
N SER F 31 5.44 5.71 39.81
CA SER F 31 5.36 5.37 41.24
C SER F 31 4.29 6.25 41.94
N VAL F 32 4.20 6.06 43.26
CA VAL F 32 3.20 6.73 44.12
C VAL F 32 3.84 7.13 45.46
N GLU F 33 3.84 8.44 45.75
CA GLU F 33 4.36 8.95 47.03
C GLU F 33 3.62 10.22 47.43
N GLU F 34 3.27 10.32 48.70
CA GLU F 34 2.55 11.46 49.26
C GLU F 34 3.36 12.14 50.38
N GLY F 35 3.28 13.49 50.45
CA GLY F 35 3.90 14.30 51.50
C GLY F 35 4.55 15.58 50.99
N LYS F 36 5.20 16.30 51.90
CA LYS F 36 6.12 17.41 51.59
C LYS F 36 5.53 18.46 50.61
N GLU F 37 6.30 18.95 49.62
CA GLU F 37 5.79 19.79 48.53
C GLU F 37 5.72 18.90 47.29
N ASN F 38 5.74 19.50 46.08
CA ASN F 38 5.83 18.74 44.82
C ASN F 38 7.27 18.55 44.37
N ILE F 39 7.59 17.31 44.00
CA ILE F 39 8.84 16.96 43.30
C ILE F 39 8.58 15.73 42.42
N LEU F 40 9.30 15.60 41.32
CA LEU F 40 9.12 14.49 40.37
C LEU F 40 10.48 13.85 40.08
N HIS F 41 10.46 12.56 39.80
CA HIS F 41 11.64 11.76 39.79
C HIS F 41 11.95 11.16 38.45
N VAL F 42 13.23 11.06 38.17
CA VAL F 42 13.75 10.76 36.89
C VAL F 42 14.90 9.84 37.17
N SER F 43 15.52 9.26 36.17
CA SER F 43 16.32 8.09 36.35
C SER F 43 17.53 8.16 37.31
N GLU F 44 18.34 9.21 37.28
CA GLU F 44 19.32 9.42 38.32
C GLU F 44 18.84 10.69 38.86
N ASN F 45 19.12 11.04 40.09
CA ASN F 45 18.22 11.97 40.73
C ASN F 45 18.39 13.25 40.00
N VAL F 46 17.30 13.69 39.40
CA VAL F 46 17.19 15.01 38.79
C VAL F 46 15.70 15.36 38.85
N ILE F 47 15.39 16.53 39.39
CA ILE F 47 14.02 16.85 39.80
C ILE F 47 13.42 18.02 39.01
N PHE F 48 12.10 18.00 38.93
CA PHE F 48 11.27 19.08 38.45
C PHE F 48 10.34 19.26 39.63
N THR F 49 10.30 20.44 40.21
CA THR F 49 9.49 20.70 41.38
C THR F 49 8.24 21.50 41.17
N ASP F 50 8.40 22.58 40.47
CA ASP F 50 7.32 23.48 40.26
C ASP F 50 6.41 22.61 39.47
N VAL F 51 5.15 23.00 39.33
CA VAL F 51 4.21 22.24 38.56
C VAL F 51 4.24 22.23 37.03
N ASN F 52 4.36 23.35 36.37
CA ASN F 52 4.26 23.35 34.91
C ASN F 52 5.29 22.52 34.20
N SER F 53 6.46 22.42 34.77
CA SER F 53 7.50 21.61 34.22
C SER F 53 7.18 20.17 34.30
N ILE F 54 6.61 19.75 35.39
CA ILE F 54 6.27 18.32 35.65
C ILE F 54 5.26 17.77 34.61
N LEU F 55 4.27 18.59 34.25
CA LEU F 55 3.38 18.30 33.11
C LEU F 55 4.19 18.14 31.81
N ARG F 56 4.99 19.16 31.49
CA ARG F 56 5.78 19.21 30.26
C ARG F 56 6.71 18.03 30.10
N TYR F 57 7.29 17.59 31.20
CA TYR F 57 8.19 16.47 31.18
C TYR F 57 7.45 15.16 30.94
N LEU F 58 6.27 15.04 31.53
CA LEU F 58 5.43 13.87 31.33
C LEU F 58 4.85 13.80 29.91
N ALA F 59 4.46 14.95 29.36
CA ALA F 59 4.01 14.99 27.97
C ALA F 59 5.12 14.67 26.97
N ARG F 60 6.37 14.94 27.35
CA ARG F 60 7.53 14.64 26.51
C ARG F 60 8.03 13.20 26.68
N VAL F 61 8.03 12.69 27.90
CA VAL F 61 8.44 11.29 28.12
C VAL F 61 7.42 10.34 27.50
N ALA F 62 6.13 10.66 27.65
CA ALA F 62 5.04 9.87 27.06
C ALA F 62 4.70 10.38 25.67
N THR F 63 5.59 10.11 24.75
CA THR F 63 5.39 10.46 23.39
C THR F 63 4.18 9.72 22.91
N THR F 64 3.98 8.53 23.42
CA THR F 64 2.89 7.70 22.98
C THR F 64 1.47 8.06 23.38
N ALA F 65 1.32 8.95 24.33
CA ALA F 65 0.04 9.43 24.72
C ALA F 65 -0.17 10.49 23.71
N GLY F 66 -1.19 11.32 23.82
CA GLY F 66 -1.39 12.36 22.87
C GLY F 66 -1.19 13.75 23.36
N LEU F 67 -0.67 13.90 24.55
CA LEU F 67 -0.64 15.13 25.33
C LEU F 67 -0.13 16.45 24.82
N TYR F 68 0.87 16.48 23.97
CA TYR F 68 1.42 17.74 23.44
C TYR F 68 0.92 18.13 22.03
N GLY F 69 -0.16 17.52 21.55
CA GLY F 69 -0.65 17.84 20.21
C GLY F 69 0.31 17.44 19.09
N SER F 70 0.00 17.83 17.87
CA SER F 70 0.54 17.17 16.68
C SER F 70 1.37 18.06 15.73
N ASN F 71 1.07 19.36 15.71
CA ASN F 71 1.78 20.33 14.89
C ASN F 71 2.73 21.12 15.82
N LEU F 72 3.63 21.92 15.25
CA LEU F 72 4.44 22.87 16.03
C LEU F 72 3.55 23.94 16.67
N MET F 73 2.57 24.41 15.90
CA MET F 73 1.61 25.42 16.34
C MET F 73 0.78 24.91 17.53
N GLU F 74 0.40 23.64 17.48
CA GLU F 74 -0.30 23.02 18.59
C GLU F 74 0.60 22.88 19.81
N HIS F 75 1.91 22.74 19.60
CA HIS F 75 2.83 22.73 20.74
C HIS F 75 2.77 24.09 21.45
N THR F 76 2.73 25.19 20.68
CA THR F 76 2.90 26.51 21.27
C THR F 76 1.65 27.09 21.96
N GLU F 77 0.46 26.59 21.61
CA GLU F 77 -0.79 27.02 22.26
C GLU F 77 -0.96 26.29 23.58
N ILE F 78 -0.54 25.02 23.57
CA ILE F 78 -0.45 24.26 24.79
C ILE F 78 0.40 24.97 25.80
N ASP F 79 1.48 25.61 25.35
CA ASP F 79 2.43 26.28 26.24
C ASP F 79 1.87 27.57 26.82
N HIS F 80 1.32 28.40 25.93
CA HIS F 80 0.54 29.56 26.34
C HIS F 80 -0.46 29.14 27.42
N TRP F 81 -1.26 28.08 27.16
CA TRP F 81 -2.29 27.60 28.10
C TRP F 81 -1.74 27.18 29.47
N LEU F 82 -0.52 26.72 29.54
CA LEU F 82 0.12 26.43 30.79
C LEU F 82 0.49 27.70 31.52
N GLU F 83 0.99 28.64 30.76
CA GLU F 83 1.31 29.93 31.28
C GLU F 83 0.07 30.64 31.69
N PHE F 84 -0.98 30.52 30.91
CA PHE F 84 -2.25 31.14 31.20
C PHE F 84 -2.87 30.66 32.48
N SER F 85 -2.85 29.37 32.71
CA SER F 85 -3.34 28.83 33.95
C SER F 85 -2.53 29.27 35.16
N ALA F 86 -1.23 29.23 35.03
CA ALA F 86 -0.36 29.57 36.12
C ALA F 86 -0.34 31.03 36.33
N THR F 87 -0.76 31.76 35.33
CA THR F 87 -0.51 33.16 35.33
C THR F 87 -1.82 33.78 35.74
N LYS F 88 -2.70 33.90 34.81
CA LYS F 88 -3.90 34.70 34.89
C LYS F 88 -5.02 34.10 35.72
N LEU F 89 -5.10 32.80 35.71
CA LEU F 89 -6.07 32.04 36.46
C LEU F 89 -5.63 31.91 37.90
N SER F 90 -4.57 32.61 38.24
CA SER F 90 -3.98 32.59 39.53
C SER F 90 -4.89 33.02 40.68
N SER F 91 -5.63 34.08 40.48
CA SER F 91 -6.23 34.77 41.60
C SER F 91 -7.42 35.54 41.16
N SER F 92 -7.80 36.50 41.99
CA SER F 92 -8.82 37.50 41.70
C SER F 92 -8.66 38.54 40.60
N ASP F 93 -7.49 39.13 40.40
CA ASP F 93 -7.43 40.34 39.58
C ASP F 93 -7.90 39.95 38.20
N SER F 94 -8.86 40.70 37.70
CA SER F 94 -9.39 40.59 36.32
C SER F 94 -9.96 39.19 36.00
N PHE F 95 -10.37 38.42 37.01
CA PHE F 95 -10.87 37.04 36.81
C PHE F 95 -12.02 36.95 35.78
N THR F 96 -12.88 37.98 35.74
CA THR F 96 -14.02 38.01 34.81
C THR F 96 -13.58 38.19 33.36
N SER F 97 -12.63 39.10 33.12
CA SER F 97 -11.98 39.22 31.80
C SER F 97 -10.97 38.08 31.50
N THR F 98 -10.55 37.34 32.53
CA THR F 98 -9.74 36.12 32.34
C THR F 98 -10.63 34.96 31.87
N ILE F 99 -11.80 34.82 32.47
CA ILE F 99 -12.75 33.76 32.11
C ILE F 99 -13.68 34.16 30.96
N ASN F 100 -13.46 35.34 30.39
CA ASN F 100 -14.08 35.72 29.15
C ASN F 100 -13.18 35.30 28.00
N GLU F 101 -11.87 35.53 28.11
CA GLU F 101 -10.96 35.01 27.08
C GLU F 101 -11.06 33.47 26.99
N LEU F 102 -11.28 32.80 28.14
CA LEU F 102 -11.53 31.36 28.15
C LEU F 102 -12.89 30.97 27.55
N ASN F 103 -13.90 31.78 27.79
CA ASN F 103 -15.21 31.57 27.20
C ASN F 103 -15.18 31.81 25.70
N HIS F 104 -14.45 32.84 25.29
CA HIS F 104 -14.39 33.27 23.90
C HIS F 104 -13.50 32.43 23.02
N SER F 105 -12.47 31.81 23.60
CA SER F 105 -11.64 30.86 22.84
C SER F 105 -12.24 29.44 22.83
N LEU F 106 -13.12 29.11 23.79
CA LEU F 106 -13.83 27.81 23.81
C LEU F 106 -15.15 27.78 23.04
N SER F 107 -15.50 28.89 22.39
CA SER F 107 -16.69 28.97 21.55
C SER F 107 -16.79 27.91 20.44
N LEU F 108 -15.73 27.75 19.65
CA LEU F 108 -15.69 26.80 18.52
C LEU F 108 -14.77 25.60 18.77
N ARG F 109 -14.35 25.40 20.02
CA ARG F 109 -13.52 24.25 20.38
C ARG F 109 -14.24 23.35 21.40
N THR F 110 -14.06 22.08 21.25
CA THR F 110 -14.47 21.06 22.19
C THR F 110 -13.27 20.86 23.12
N TYR F 111 -12.08 20.81 22.54
CA TYR F 111 -10.84 20.71 23.26
C TYR F 111 -10.21 22.01 22.90
N LEU F 112 -9.74 22.72 23.88
CA LEU F 112 -9.21 24.04 23.67
C LEU F 112 -7.89 24.05 22.93
N VAL F 113 -7.47 22.88 22.56
CA VAL F 113 -6.20 22.61 21.93
C VAL F 113 -6.21 21.73 20.66
N GLY F 114 -6.88 22.14 19.62
CA GLY F 114 -7.08 21.28 18.44
C GLY F 114 -8.29 20.38 18.65
N ASN F 115 -8.13 19.07 18.46
CA ASN F 115 -9.28 18.17 18.50
C ASN F 115 -9.39 17.17 19.65
N SER F 116 -8.31 17.00 20.41
CA SER F 116 -8.28 15.97 21.43
C SER F 116 -7.63 16.55 22.68
N LEU F 117 -7.89 15.88 23.80
CA LEU F 117 -7.38 16.25 25.11
C LEU F 117 -5.87 16.47 25.10
N SER F 118 -5.42 17.49 25.82
CA SER F 118 -4.00 17.80 25.96
C SER F 118 -3.73 18.44 27.31
N LEU F 119 -2.45 18.70 27.59
CA LEU F 119 -2.04 19.48 28.78
C LEU F 119 -2.63 20.89 28.85
N ALA F 120 -2.95 21.45 27.70
CA ALA F 120 -3.69 22.72 27.63
C ALA F 120 -4.98 22.61 28.42
N ASP F 121 -5.69 21.49 28.26
CA ASP F 121 -6.93 21.25 28.98
C ASP F 121 -6.69 20.89 30.43
N LEU F 122 -5.82 19.90 30.66
CA LEU F 122 -5.48 19.45 32.02
C LEU F 122 -5.11 20.61 32.92
N SER F 123 -4.22 21.46 32.42
CA SER F 123 -3.72 22.61 33.19
C SER F 123 -4.76 23.67 33.50
N VAL F 124 -5.63 23.95 32.53
CA VAL F 124 -6.71 24.92 32.75
C VAL F 124 -7.88 24.30 33.54
N TRP F 125 -8.12 22.99 33.34
CA TRP F 125 -9.13 22.29 34.13
C TRP F 125 -8.78 22.18 35.62
N ALA F 126 -7.49 21.94 35.91
CA ALA F 126 -7.00 21.91 37.29
C ALA F 126 -7.08 23.28 37.97
N THR F 127 -6.53 24.31 37.32
CA THR F 127 -6.49 25.65 37.91
C THR F 127 -7.86 26.38 38.00
N LEU F 128 -8.93 25.81 37.45
CA LEU F 128 -10.28 26.33 37.71
C LEU F 128 -10.92 25.63 38.92
N LYS F 129 -10.61 24.35 39.10
CA LYS F 129 -11.18 23.56 40.17
C LYS F 129 -10.49 23.82 41.53
N GLY F 130 -9.24 24.31 41.48
CA GLY F 130 -8.51 24.79 42.67
C GLY F 130 -8.85 26.25 42.96
N ASN F 131 -9.06 27.03 41.91
CA ASN F 131 -9.59 28.38 42.02
C ASN F 131 -10.98 28.36 42.65
N ALA F 132 -11.24 29.38 43.48
CA ALA F 132 -12.51 29.56 44.16
C ALA F 132 -13.42 30.59 43.47
N ALA F 133 -12.84 31.44 42.61
CA ALA F 133 -13.59 32.41 41.80
C ALA F 133 -14.44 31.74 40.73
N TRP F 134 -13.95 30.65 40.15
CA TRP F 134 -14.77 29.81 39.25
C TRP F 134 -15.97 29.25 40.01
N GLN F 135 -15.70 28.60 41.15
CA GLN F 135 -16.77 28.01 41.98
C GLN F 135 -17.81 29.06 42.46
N GLU F 136 -17.38 30.33 42.53
CA GLU F 136 -18.32 31.47 42.69
C GLU F 136 -19.25 31.60 41.49
N GLN F 137 -18.68 31.54 40.28
CA GLN F 137 -19.46 31.58 39.03
C GLN F 137 -20.45 30.42 38.89
N LEU F 138 -20.13 29.24 39.45
CA LEU F 138 -21.06 28.10 39.48
C LEU F 138 -22.16 28.25 40.54
N LYS F 139 -21.77 28.66 41.75
CA LYS F 139 -22.73 28.91 42.84
C LYS F 139 -23.72 30.03 42.50
N GLN F 140 -23.26 31.04 41.76
CA GLN F 140 -24.12 32.11 41.25
C GLN F 140 -25.08 31.61 40.14
N LYS F 141 -24.57 30.72 39.30
CA LYS F 141 -25.20 30.36 38.01
C LYS F 141 -25.16 31.55 37.03
N LYS F 142 -24.14 32.41 37.20
CA LYS F 142 -23.83 33.50 36.27
C LYS F 142 -22.52 33.18 35.53
N ALA F 143 -22.27 31.88 35.32
CA ALA F 143 -21.10 31.41 34.59
C ALA F 143 -21.22 31.75 33.10
N PRO F 144 -20.09 31.79 32.39
CA PRO F 144 -20.17 31.79 30.94
C PRO F 144 -20.36 30.33 30.40
N VAL F 145 -21.28 30.18 29.48
CA VAL F 145 -21.80 28.85 29.07
C VAL F 145 -20.81 27.90 28.38
N HIS F 146 -19.92 28.44 27.56
CA HIS F 146 -18.96 27.62 26.81
C HIS F 146 -17.95 26.94 27.73
N VAL F 147 -17.46 27.69 28.72
CA VAL F 147 -16.54 27.13 29.72
C VAL F 147 -17.24 26.04 30.53
N LYS F 148 -18.52 26.30 30.85
CA LYS F 148 -19.36 25.44 31.71
C LYS F 148 -19.63 24.08 31.08
N ARG F 149 -19.74 24.07 29.75
CA ARG F 149 -19.88 22.83 28.99
C ARG F 149 -18.57 22.10 29.00
N TRP F 150 -17.51 22.85 28.69
CA TRP F 150 -16.16 22.30 28.55
C TRP F 150 -15.70 21.70 29.88
N PHE F 151 -15.96 22.43 30.97
CA PHE F 151 -15.56 22.02 32.31
C PHE F 151 -16.36 20.82 32.78
N GLY F 152 -17.69 20.88 32.61
CA GLY F 152 -18.56 19.75 32.95
C GLY F 152 -18.28 18.50 32.12
N PHE F 153 -17.90 18.71 30.85
CA PHE F 153 -17.50 17.63 29.92
C PHE F 153 -16.26 16.84 30.37
N LEU F 154 -15.13 17.52 30.62
CA LEU F 154 -13.90 16.82 31.02
C LEU F 154 -14.09 16.09 32.36
N GLU F 155 -14.69 16.79 33.34
CA GLU F 155 -14.99 16.23 34.65
C GLU F 155 -15.70 14.89 34.57
N ALA F 156 -16.72 14.81 33.69
CA ALA F 156 -17.50 13.59 33.51
C ALA F 156 -16.78 12.43 32.80
N GLN F 157 -15.50 12.60 32.43
CA GLN F 157 -14.69 11.51 31.87
C GLN F 157 -14.04 10.64 32.98
N GLN F 158 -13.56 9.47 32.59
CA GLN F 158 -13.25 8.37 33.52
C GLN F 158 -12.01 8.62 34.36
N ALA F 159 -10.92 8.97 33.68
CA ALA F 159 -9.64 9.31 34.32
C ALA F 159 -9.84 10.50 35.23
N PHE F 160 -10.44 11.57 34.70
CA PHE F 160 -10.71 12.81 35.44
C PHE F 160 -11.42 12.60 36.78
N GLN F 161 -12.30 11.60 36.86
CA GLN F 161 -13.02 11.27 38.09
C GLN F 161 -12.18 10.49 39.09
N SER F 162 -11.62 9.35 38.65
CA SER F 162 -10.92 8.42 39.56
C SER F 162 -9.87 9.13 40.40
N VAL F 163 -8.90 9.71 39.72
CA VAL F 163 -7.85 10.51 40.35
C VAL F 163 -8.51 11.72 41.04
N GLY F 164 -9.42 12.40 40.34
CA GLY F 164 -10.02 13.64 40.81
C GLY F 164 -10.88 13.52 42.06
N THR F 165 -11.31 12.30 42.40
CA THR F 165 -11.95 12.01 43.70
C THR F 165 -10.96 11.35 44.70
N LYS F 166 -10.06 10.50 44.21
CA LYS F 166 -9.11 9.84 45.12
C LYS F 166 -8.26 10.88 45.86
N TRP F 167 -7.78 11.89 45.15
CA TRP F 167 -7.04 12.99 45.77
C TRP F 167 -7.91 14.24 45.96
N ASP F 168 -9.16 14.05 46.40
CA ASP F 168 -10.02 15.17 46.84
C ASP F 168 -10.85 14.77 48.04
N HIS G 2 35.35 -16.85 40.75
CA HIS G 2 34.47 -17.94 41.28
C HIS G 2 34.44 -19.19 40.36
N MET G 3 35.05 -19.13 39.18
CA MET G 3 35.36 -20.32 38.40
C MET G 3 36.76 -20.18 37.78
N ALA G 4 37.65 -21.07 38.18
CA ALA G 4 39.00 -21.11 37.66
C ALA G 4 39.02 -21.31 36.12
N ALA G 5 39.82 -20.50 35.44
CA ALA G 5 39.98 -20.55 33.99
C ALA G 5 40.20 -21.99 33.48
N ALA G 6 40.99 -22.77 34.21
CA ALA G 6 41.23 -24.19 33.89
C ALA G 6 39.94 -24.99 33.72
N ALA G 7 39.04 -24.83 34.68
CA ALA G 7 37.75 -25.51 34.69
C ALA G 7 36.86 -25.10 33.51
N GLU G 8 36.95 -23.83 33.16
CA GLU G 8 36.28 -23.27 32.00
C GLU G 8 36.84 -23.79 30.69
N LEU G 9 38.15 -24.04 30.68
CA LEU G 9 38.82 -24.60 29.55
C LEU G 9 38.50 -26.07 29.33
N SER G 10 38.41 -26.87 30.41
CA SER G 10 37.82 -28.23 30.31
C SER G 10 36.47 -28.06 29.69
N LEU G 11 35.70 -27.15 30.26
CA LEU G 11 34.33 -26.86 29.79
C LEU G 11 34.34 -26.29 28.34
N LEU G 12 35.41 -25.58 27.95
CA LEU G 12 35.58 -25.14 26.55
C LEU G 12 35.95 -26.25 25.55
N GLU G 13 36.79 -27.20 25.97
CA GLU G 13 37.11 -28.33 25.13
C GLU G 13 35.88 -29.13 24.70
N LYS G 14 34.99 -29.47 25.63
CA LYS G 14 33.88 -30.36 25.33
C LYS G 14 32.81 -29.66 24.45
N SER G 15 32.69 -28.35 24.57
CA SER G 15 31.77 -27.54 23.77
C SER G 15 32.23 -27.37 22.32
N LEU G 16 33.50 -27.63 22.06
CA LEU G 16 34.14 -27.50 20.73
C LEU G 16 34.26 -28.82 19.98
N GLY G 17 33.82 -29.91 20.59
CA GLY G 17 33.89 -31.24 19.96
C GLY G 17 35.18 -31.98 20.22
N LEU G 18 36.06 -31.43 21.04
CA LEU G 18 37.34 -32.05 21.32
C LEU G 18 37.15 -33.19 22.29
N SER G 19 37.69 -34.36 21.94
CA SER G 19 37.69 -35.53 22.81
C SER G 19 38.90 -35.53 23.74
N LYS G 20 39.96 -34.81 23.36
CA LYS G 20 41.15 -34.63 24.21
C LYS G 20 41.01 -33.53 25.30
N GLY G 21 41.00 -33.93 26.57
CA GLY G 21 41.24 -33.00 27.69
C GLY G 21 42.73 -32.75 27.91
N ASN G 22 43.20 -31.52 27.73
CA ASN G 22 44.60 -31.19 27.93
C ASN G 22 44.87 -30.94 29.39
N LYS G 23 46.15 -31.03 29.77
CA LYS G 23 46.61 -30.68 31.12
C LYS G 23 46.93 -29.19 31.18
N TYR G 24 46.36 -28.52 32.18
CA TYR G 24 46.61 -27.12 32.47
C TYR G 24 47.18 -27.04 33.85
N SER G 25 48.11 -26.11 33.99
CA SER G 25 48.54 -25.66 35.26
C SER G 25 47.97 -24.27 35.46
N ALA G 26 48.18 -23.76 36.68
CA ALA G 26 47.71 -22.49 37.11
C ALA G 26 48.89 -21.77 37.73
N GLN G 27 48.98 -20.47 37.47
CA GLN G 27 50.13 -19.69 37.88
C GLN G 27 49.67 -18.53 38.73
N GLY G 28 50.10 -18.54 39.99
CA GLY G 28 50.22 -17.32 40.77
C GLY G 28 48.96 -16.74 41.37
N GLU G 29 48.94 -15.42 41.43
CA GLU G 29 47.97 -14.66 42.22
C GLU G 29 46.53 -14.76 41.74
N ARG G 30 46.34 -14.54 40.45
CA ARG G 30 45.03 -14.66 39.81
C ARG G 30 44.83 -16.09 39.25
N GLN G 31 45.86 -16.94 39.43
CA GLN G 31 45.80 -18.37 39.12
C GLN G 31 45.53 -18.61 37.64
N ILE G 32 46.32 -17.92 36.82
CA ILE G 32 46.14 -17.80 35.35
C ILE G 32 46.40 -19.18 34.74
N PRO G 33 45.79 -19.50 33.58
CA PRO G 33 46.07 -20.85 33.07
C PRO G 33 47.32 -20.90 32.19
N VAL G 34 48.08 -22.00 32.28
CA VAL G 34 49.19 -22.29 31.39
C VAL G 34 48.93 -23.63 30.70
N LEU G 35 49.18 -23.69 29.39
CA LEU G 35 49.08 -24.93 28.61
C LEU G 35 50.40 -25.18 27.92
N GLN G 36 51.11 -26.23 28.34
CA GLN G 36 52.38 -26.63 27.70
C GLN G 36 51.92 -27.42 26.52
N THR G 37 52.33 -26.97 25.33
CA THR G 37 51.63 -27.26 24.09
C THR G 37 52.09 -28.53 23.43
N ASN G 38 51.24 -29.05 22.56
CA ASN G 38 51.66 -29.99 21.56
C ASN G 38 52.67 -29.53 20.51
N ASN G 39 52.41 -28.43 19.87
CA ASN G 39 53.09 -28.11 18.66
C ASN G 39 53.66 -26.74 18.87
N GLY G 40 54.64 -26.66 19.74
CA GLY G 40 55.18 -25.39 20.12
C GLY G 40 55.40 -25.22 21.57
N PRO G 41 55.70 -24.00 21.97
CA PRO G 41 55.95 -23.67 23.37
C PRO G 41 54.68 -23.42 24.21
N SER G 42 54.90 -22.98 25.43
CA SER G 42 53.86 -22.76 26.43
C SER G 42 52.90 -21.64 26.02
N LEU G 43 51.62 -21.78 26.35
CA LEU G 43 50.63 -20.72 26.13
C LEU G 43 50.02 -20.30 27.45
N THR G 44 49.71 -19.00 27.57
CA THR G 44 49.25 -18.44 28.85
C THR G 44 48.10 -17.43 28.68
N GLY G 45 46.93 -17.81 29.22
CA GLY G 45 45.80 -16.92 29.45
C GLY G 45 44.48 -17.56 29.01
N LEU G 46 43.41 -17.27 29.73
CA LEU G 46 42.09 -17.74 29.31
C LEU G 46 41.84 -17.61 27.78
N THR G 47 42.01 -16.40 27.23
CA THR G 47 41.61 -16.09 25.83
C THR G 47 42.58 -16.66 24.80
N THR G 48 43.88 -16.72 25.12
CA THR G 48 44.87 -17.20 24.16
C THR G 48 44.99 -18.70 24.07
N ILE G 49 44.74 -19.35 25.21
CA ILE G 49 44.42 -20.77 25.24
C ILE G 49 43.12 -21.03 24.48
N ALA G 50 42.12 -20.16 24.62
CA ALA G 50 40.78 -20.38 24.03
C ALA G 50 40.81 -20.28 22.49
N ALA G 51 41.39 -19.20 22.00
CA ALA G 51 41.82 -19.11 20.60
C ALA G 51 42.42 -20.40 20.08
N HIS G 52 43.42 -20.89 20.80
CA HIS G 52 44.15 -22.09 20.44
C HIS G 52 43.31 -23.33 20.38
N LEU G 53 42.47 -23.53 21.40
CA LEU G 53 41.57 -24.67 21.42
C LEU G 53 40.58 -24.63 20.25
N VAL G 54 40.03 -23.46 19.96
CA VAL G 54 39.15 -23.26 18.81
C VAL G 54 39.86 -23.72 17.53
N LYS G 55 41.14 -23.33 17.43
CA LYS G 55 42.03 -23.70 16.32
C LYS G 55 42.27 -25.21 16.17
N GLN G 56 42.73 -25.89 17.23
CA GLN G 56 42.92 -27.35 17.20
C GLN G 56 41.69 -28.06 16.62
N ALA G 57 40.52 -27.70 17.14
CA ALA G 57 39.24 -28.34 16.81
C ALA G 57 38.66 -28.04 15.41
N ASN G 58 39.35 -27.23 14.62
CA ASN G 58 38.92 -26.86 13.25
C ASN G 58 37.60 -26.09 13.19
N LYS G 59 37.58 -24.98 13.94
CA LYS G 59 36.42 -24.09 14.02
C LYS G 59 36.94 -22.67 14.21
N GLU G 60 37.87 -22.29 13.33
CA GLU G 60 38.46 -20.96 13.28
C GLU G 60 37.42 -19.87 12.89
N TYR G 61 36.22 -20.29 12.49
CA TYR G 61 35.07 -19.39 12.24
C TYR G 61 34.38 -18.92 13.53
N LEU G 62 34.66 -19.57 14.65
CA LEU G 62 34.25 -19.08 15.97
C LEU G 62 35.15 -17.94 16.47
N LEU G 63 36.24 -17.67 15.76
CA LEU G 63 37.04 -16.45 15.97
C LEU G 63 36.56 -15.32 15.07
N GLY G 64 35.82 -15.67 14.01
CA GLY G 64 35.21 -14.72 13.08
C GLY G 64 35.65 -15.11 11.68
N SER G 65 34.87 -14.75 10.67
CA SER G 65 35.24 -15.01 9.26
C SER G 65 35.63 -13.74 8.47
N THR G 66 34.92 -12.63 8.72
CA THR G 66 35.29 -11.31 8.18
C THR G 66 36.17 -10.59 9.19
N ALA G 67 37.21 -9.90 8.69
CA ALA G 67 38.00 -8.96 9.50
C ALA G 67 37.22 -8.20 10.60
N GLU G 68 36.05 -7.67 10.26
CA GLU G 68 35.26 -6.83 11.16
C GLU G 68 34.60 -7.62 12.29
N GLU G 69 34.32 -8.90 12.04
CA GLU G 69 33.84 -9.84 13.06
C GLU G 69 34.97 -10.24 14.01
N LYS G 70 36.16 -10.42 13.47
CA LYS G 70 37.36 -10.81 14.25
C LYS G 70 37.78 -9.72 15.20
N ALA G 71 37.55 -8.46 14.82
CA ALA G 71 37.88 -7.36 15.71
C ALA G 71 36.90 -7.38 16.89
N ILE G 72 35.63 -7.71 16.62
CA ILE G 72 34.55 -7.74 17.63
C ILE G 72 34.60 -8.96 18.58
N VAL G 73 35.13 -10.09 18.11
CA VAL G 73 35.57 -11.13 19.02
C VAL G 73 36.67 -10.56 19.96
N GLN G 74 37.77 -10.09 19.36
CA GLN G 74 38.94 -9.58 20.12
C GLN G 74 38.49 -8.67 21.25
N GLN G 75 37.58 -7.77 20.89
CA GLN G 75 36.93 -6.84 21.77
C GLN G 75 36.27 -7.51 22.97
N TRP G 76 35.45 -8.52 22.70
CA TRP G 76 34.66 -9.16 23.74
C TRP G 76 35.48 -10.17 24.57
N LEU G 77 36.49 -10.80 23.99
CA LEU G 77 37.51 -11.50 24.79
C LEU G 77 38.18 -10.54 25.80
N GLU G 78 38.64 -9.36 25.34
CA GLU G 78 39.30 -8.36 26.20
C GLU G 78 38.40 -7.90 27.33
N TYR G 79 37.16 -7.54 26.98
CA TYR G 79 36.14 -7.19 27.96
C TYR G 79 36.02 -8.27 29.03
N ARG G 80 36.14 -9.53 28.62
CA ARG G 80 36.03 -10.68 29.52
C ARG G 80 37.12 -10.77 30.58
N VAL G 81 38.36 -10.59 30.16
CA VAL G 81 39.50 -10.71 31.06
C VAL G 81 39.85 -9.46 31.87
N THR G 82 39.28 -8.29 31.49
CA THR G 82 39.41 -7.05 32.32
C THR G 82 38.18 -6.74 33.15
N GLN G 83 37.11 -6.34 32.47
CA GLN G 83 35.86 -5.86 33.12
C GLN G 83 35.10 -6.90 33.93
N VAL G 84 35.29 -8.18 33.67
CA VAL G 84 34.50 -9.25 34.33
C VAL G 84 35.37 -10.01 35.33
N ASP G 85 36.53 -10.48 34.91
CA ASP G 85 37.44 -11.19 35.80
C ASP G 85 37.99 -10.27 36.88
N GLY G 86 38.12 -9.02 36.56
CA GLY G 86 38.60 -8.08 37.52
C GLY G 86 37.61 -7.57 38.55
N HIS G 87 37.97 -6.46 39.15
CA HIS G 87 37.37 -5.96 40.36
C HIS G 87 35.92 -5.58 40.31
N SER G 88 35.55 -4.87 39.27
CA SER G 88 34.26 -4.22 39.27
C SER G 88 33.22 -5.15 38.73
N SER G 89 33.62 -6.36 38.40
CA SER G 89 32.66 -7.39 38.21
C SER G 89 31.87 -7.62 39.48
N LYS G 90 32.51 -7.84 40.61
CA LYS G 90 31.78 -7.77 41.87
C LYS G 90 31.37 -6.37 42.32
N ASN G 91 32.27 -5.42 42.15
CA ASN G 91 32.04 -4.03 42.47
C ASN G 91 30.99 -3.29 41.68
N ASP G 92 30.87 -3.49 40.38
CA ASP G 92 29.57 -3.24 39.80
C ASP G 92 29.11 -3.95 38.59
N ILE G 93 28.13 -4.76 38.83
CA ILE G 93 27.62 -5.64 37.79
C ILE G 93 26.42 -5.07 37.06
N HIS G 94 25.78 -4.04 37.61
CA HIS G 94 24.55 -3.49 37.06
C HIS G 94 24.83 -2.60 35.88
N THR G 95 25.98 -1.93 35.91
CA THR G 95 26.46 -1.09 34.80
C THR G 95 26.83 -1.97 33.61
N LEU G 96 27.55 -3.07 33.87
CA LEU G 96 27.90 -4.01 32.80
C LEU G 96 26.61 -4.51 32.15
N LEU G 97 25.71 -4.96 33.00
CA LEU G 97 24.40 -5.41 32.54
C LEU G 97 23.59 -4.29 31.83
N LYS G 98 23.59 -3.07 32.35
CA LYS G 98 22.86 -1.99 31.68
C LYS G 98 23.36 -1.75 30.28
N ASP G 99 24.68 -1.69 30.13
CA ASP G 99 25.31 -1.42 28.84
C ASP G 99 25.02 -2.53 27.86
N LEU G 100 25.36 -3.75 28.27
CA LEU G 100 25.11 -4.94 27.45
C LEU G 100 23.66 -4.96 27.05
N ASN G 101 22.76 -4.70 27.99
CA ASN G 101 21.31 -4.61 27.70
C ASN G 101 20.96 -3.65 26.56
N SER G 102 21.67 -2.53 26.47
CA SER G 102 21.58 -1.63 25.31
C SER G 102 22.23 -2.28 24.08
N TYR G 103 23.43 -2.80 24.29
CA TYR G 103 24.21 -3.40 23.21
C TYR G 103 23.49 -4.56 22.48
N LEU G 104 22.60 -5.26 23.17
CA LEU G 104 21.91 -6.43 22.60
C LEU G 104 20.61 -6.19 21.87
N GLU G 105 20.08 -4.96 21.88
CA GLU G 105 18.79 -4.67 21.27
C GLU G 105 18.74 -5.05 19.76
N ASP G 106 19.71 -4.60 19.00
CA ASP G 106 19.74 -4.85 17.54
C ASP G 106 20.27 -6.25 17.09
N LYS G 107 20.63 -7.14 18.04
CA LYS G 107 21.50 -8.30 17.75
C LYS G 107 21.09 -9.57 18.48
N VAL G 108 21.41 -10.73 17.89
CA VAL G 108 21.20 -12.07 18.49
C VAL G 108 22.49 -12.61 19.17
N TYR G 109 23.65 -12.32 18.59
CA TYR G 109 24.96 -12.68 19.16
C TYR G 109 25.74 -11.44 19.43
N LEU G 110 26.95 -11.63 19.98
CA LEU G 110 27.83 -10.54 20.37
C LEU G 110 28.49 -9.85 19.16
N THR G 111 28.96 -10.67 18.22
CA THR G 111 29.26 -10.24 16.86
C THR G 111 27.85 -10.25 16.34
N GLY G 112 27.49 -9.54 15.30
CA GLY G 112 26.05 -9.44 15.00
C GLY G 112 25.15 -10.67 14.96
N TYR G 113 25.29 -11.49 13.92
CA TYR G 113 24.30 -12.52 13.64
C TYR G 113 24.78 -13.93 13.58
N ASN G 114 26.06 -14.11 13.87
CA ASN G 114 26.72 -15.39 13.86
C ASN G 114 27.19 -15.71 15.25
N PHE G 115 27.40 -16.99 15.52
CA PHE G 115 27.89 -17.49 16.78
C PHE G 115 29.40 -17.47 16.78
N THR G 116 29.99 -17.00 17.89
CA THR G 116 31.45 -16.99 18.08
C THR G 116 31.86 -17.38 19.51
N LEU G 117 33.18 -17.43 19.72
CA LEU G 117 33.78 -17.82 20.98
C LEU G 117 33.40 -16.85 22.08
N ALA G 118 33.47 -15.56 21.74
CA ALA G 118 33.06 -14.44 22.60
C ALA G 118 31.70 -14.64 23.25
N ASP G 119 30.74 -15.17 22.50
CA ASP G 119 29.47 -15.61 23.12
C ASP G 119 29.67 -16.66 24.25
N ILE G 120 30.43 -17.71 23.94
CA ILE G 120 30.73 -18.80 24.86
C ILE G 120 31.44 -18.28 26.13
N LEU G 121 32.55 -17.56 25.95
CA LEU G 121 33.23 -16.93 27.08
C LEU G 121 32.44 -15.96 27.97
N LEU G 122 31.58 -15.16 27.35
CA LEU G 122 30.82 -14.16 28.10
C LEU G 122 29.68 -14.82 28.85
N TYR G 123 29.17 -15.93 28.31
CA TYR G 123 28.24 -16.83 29.01
C TYR G 123 28.80 -17.48 30.29
N TYR G 124 30.03 -17.97 30.22
CA TYR G 124 30.65 -18.57 31.39
C TYR G 124 31.00 -17.49 32.43
N GLY G 125 31.46 -16.34 31.95
CA GLY G 125 31.78 -15.24 32.82
C GLY G 125 30.63 -14.58 33.53
N LEU G 126 29.44 -14.60 32.92
CA LEU G 126 28.26 -14.04 33.55
C LEU G 126 27.42 -15.06 34.30
N HIS G 127 27.61 -16.34 34.01
CA HIS G 127 26.79 -17.36 34.64
C HIS G 127 26.53 -17.13 36.16
N ARG G 128 27.60 -16.86 36.92
CA ARG G 128 27.52 -16.65 38.37
C ARG G 128 26.59 -15.50 38.74
N PHE G 129 26.79 -14.36 38.09
CA PHE G 129 25.98 -13.18 38.36
C PHE G 129 24.53 -13.34 37.92
N ILE G 130 24.31 -14.00 36.78
CA ILE G 130 22.96 -14.18 36.21
C ILE G 130 22.12 -15.18 37.00
N VAL G 131 22.73 -16.19 37.60
CA VAL G 131 22.00 -17.08 38.54
C VAL G 131 21.35 -16.28 39.67
N ASP G 132 22.05 -15.25 40.15
CA ASP G 132 21.62 -14.49 41.32
C ASP G 132 20.54 -13.46 41.05
N LEU G 133 20.44 -13.01 39.81
CA LEU G 133 19.40 -12.06 39.40
C LEU G 133 18.00 -12.40 39.97
N THR G 134 17.30 -11.37 40.45
CA THR G 134 15.92 -11.51 40.89
C THR G 134 15.07 -11.47 39.64
N VAL G 135 13.81 -11.89 39.78
CA VAL G 135 12.94 -12.06 38.61
C VAL G 135 12.78 -10.70 37.93
N GLN G 136 12.61 -9.63 38.70
CA GLN G 136 12.51 -8.26 38.16
C GLN G 136 13.79 -7.76 37.47
N GLU G 137 14.96 -8.16 37.98
CA GLU G 137 16.23 -7.87 37.31
C GLU G 137 16.38 -8.61 35.97
N LYS G 138 15.97 -9.87 35.94
CA LYS G 138 15.91 -10.65 34.70
C LYS G 138 15.00 -9.96 33.65
N GLU G 139 13.88 -9.38 34.12
CA GLU G 139 13.01 -8.56 33.28
C GLU G 139 13.72 -7.28 32.85
N LYS G 140 14.20 -6.51 33.83
CA LYS G 140 14.93 -5.24 33.66
C LYS G 140 16.10 -5.34 32.68
N TYR G 141 16.89 -6.40 32.80
CA TYR G 141 17.99 -6.69 31.89
C TYR G 141 17.51 -7.70 30.83
N LEU G 142 16.48 -7.29 30.10
CA LEU G 142 15.66 -8.16 29.23
C LEU G 142 16.43 -8.91 28.12
N ASN G 143 17.23 -8.17 27.38
CA ASN G 143 17.89 -8.69 26.18
C ASN G 143 19.06 -9.59 26.55
N VAL G 144 19.69 -9.24 27.67
CA VAL G 144 20.72 -10.06 28.27
C VAL G 144 20.14 -11.43 28.60
N SER G 145 18.90 -11.43 29.08
CA SER G 145 18.16 -12.62 29.46
C SER G 145 17.72 -13.42 28.26
N ARG G 146 17.26 -12.74 27.21
CA ARG G 146 17.15 -13.38 25.89
C ARG G 146 18.45 -14.03 25.37
N TRP G 147 19.53 -13.26 25.20
CA TRP G 147 20.84 -13.82 24.69
C TRP G 147 21.33 -14.99 25.53
N PHE G 148 21.41 -14.77 26.83
CA PHE G 148 21.84 -15.79 27.79
C PHE G 148 21.02 -17.04 27.66
N CYS G 149 19.70 -16.88 27.62
CA CYS G 149 18.84 -18.05 27.48
C CYS G 149 19.20 -18.74 26.18
N HIS G 150 19.36 -17.94 25.13
CA HIS G 150 19.77 -18.51 23.86
C HIS G 150 21.07 -19.33 23.90
N ILE G 151 22.04 -18.93 24.69
CA ILE G 151 23.32 -19.65 24.80
C ILE G 151 23.21 -20.91 25.71
N GLN G 152 22.65 -20.81 26.90
CA GLN G 152 22.46 -22.01 27.78
C GLN G 152 21.71 -23.14 27.06
N HIS G 153 20.94 -22.84 26.02
CA HIS G 153 20.34 -23.90 25.20
C HIS G 153 21.04 -24.13 23.83
N TYR G 154 22.23 -23.58 23.63
CA TYR G 154 23.01 -23.89 22.43
C TYR G 154 23.70 -25.28 22.60
N PRO G 155 23.78 -26.10 21.54
CA PRO G 155 24.27 -27.47 21.67
C PRO G 155 25.69 -27.58 22.22
N GLY G 156 25.81 -28.32 23.32
CA GLY G 156 27.08 -28.54 24.00
C GLY G 156 27.63 -27.45 24.90
N ILE G 157 27.06 -26.24 24.90
CA ILE G 157 27.73 -25.11 25.54
C ILE G 157 27.58 -25.18 27.06
N ARG G 158 26.33 -25.24 27.53
CA ARG G 158 25.98 -25.32 28.95
C ARG G 158 26.60 -26.45 29.78
N GLN G 159 26.81 -27.63 29.18
CA GLN G 159 27.39 -28.80 29.88
C GLN G 159 26.62 -29.09 31.17
N HIS G 160 27.30 -28.97 32.31
CA HIS G 160 26.80 -29.27 33.64
C HIS G 160 26.41 -27.98 34.42
N LEU G 161 26.60 -26.82 33.81
CA LEU G 161 26.32 -25.55 34.48
C LEU G 161 24.83 -25.42 34.74
N SER G 162 24.50 -24.78 35.86
CA SER G 162 23.10 -24.57 36.26
C SER G 162 22.33 -23.73 35.24
N SER G 163 21.11 -24.14 34.98
CA SER G 163 20.19 -23.42 34.12
C SER G 163 19.53 -22.27 34.89
N VAL G 164 19.18 -21.21 34.17
CA VAL G 164 18.43 -20.08 34.74
C VAL G 164 17.01 -19.92 34.15
N VAL G 165 16.02 -19.69 35.01
CA VAL G 165 14.63 -19.70 34.57
C VAL G 165 14.25 -18.31 34.04
N PHE G 166 13.84 -18.30 32.78
CA PHE G 166 13.50 -17.16 31.98
C PHE G 166 12.21 -17.39 31.29
N ILE G 167 11.16 -16.77 31.75
CA ILE G 167 9.85 -16.95 31.22
C ILE G 167 9.61 -16.77 29.71
N LYS G 168 8.84 -17.69 29.14
CA LYS G 168 8.47 -17.67 27.74
C LYS G 168 7.45 -16.56 27.62
N ASN G 169 7.06 -16.22 26.42
CA ASN G 169 6.08 -15.19 26.24
C ASN G 169 4.94 -15.60 25.36
N LEU H 4 8.99 -36.89 -7.01
CA LEU H 4 8.26 -35.68 -6.50
C LEU H 4 8.23 -34.53 -7.52
N SER H 5 7.30 -33.60 -7.30
CA SER H 5 7.18 -32.39 -8.11
C SER H 5 6.64 -31.26 -7.23
N LEU H 6 7.26 -30.09 -7.31
CA LEU H 6 6.80 -28.92 -6.55
C LEU H 6 6.62 -27.72 -7.49
N THR H 7 5.38 -27.27 -7.57
CA THR H 7 4.95 -26.28 -8.55
C THR H 7 4.42 -25.07 -7.79
N VAL H 8 4.70 -23.88 -8.33
CA VAL H 8 4.41 -22.62 -7.66
C VAL H 8 4.28 -21.46 -8.67
N ASN H 9 3.46 -20.47 -8.33
CA ASN H 9 3.16 -19.34 -9.22
C ASN H 9 4.28 -18.32 -9.29
N SER H 10 5.07 -18.35 -10.37
CA SER H 10 6.15 -17.37 -10.61
C SER H 10 5.67 -15.90 -10.56
N GLY H 11 4.38 -15.68 -10.83
CA GLY H 11 3.71 -14.41 -10.56
C GLY H 11 3.87 -13.94 -9.13
N ASP H 12 3.60 -14.84 -8.17
CA ASP H 12 3.74 -14.57 -6.72
C ASP H 12 4.20 -15.82 -5.96
N PRO H 13 5.50 -15.99 -5.76
CA PRO H 13 6.00 -17.18 -5.09
C PRO H 13 5.60 -17.24 -3.69
N PRO H 14 5.44 -18.53 -3.25
CA PRO H 14 5.04 -18.63 -1.87
C PRO H 14 6.29 -18.81 -1.10
N LEU H 15 6.60 -17.80 -0.34
CA LEU H 15 7.78 -17.84 0.46
C LEU H 15 7.40 -18.77 1.49
N GLY H 16 8.36 -19.19 2.26
CA GLY H 16 8.05 -20.12 3.29
C GLY H 16 7.92 -21.44 2.66
N ALA H 17 7.10 -21.62 1.63
CA ALA H 17 7.02 -22.93 1.03
C ALA H 17 8.39 -23.27 0.55
N LEU H 18 8.98 -22.33 -0.15
CA LEU H 18 10.30 -22.51 -0.64
C LEU H 18 11.26 -22.64 0.50
N LEU H 19 11.13 -21.79 1.49
CA LEU H 19 12.01 -21.84 2.66
C LEU H 19 12.13 -23.24 3.27
N ALA H 20 10.99 -23.88 3.50
CA ALA H 20 10.95 -25.25 4.00
C ALA H 20 11.61 -26.20 3.00
N VAL H 21 11.35 -25.99 1.71
CA VAL H 21 11.95 -26.78 0.62
C VAL H 21 13.46 -26.55 0.55
N GLU H 22 13.89 -25.30 0.79
CA GLU H 22 15.29 -24.94 0.85
C GLU H 22 15.99 -25.55 2.07
N HIS H 23 15.38 -25.40 3.24
CA HIS H 23 15.90 -26.04 4.48
C HIS H 23 15.72 -27.58 4.54
N VAL H 24 15.12 -28.18 3.51
CA VAL H 24 14.98 -29.63 3.39
C VAL H 24 15.49 -30.13 2.01
N LYS H 25 16.35 -29.37 1.34
CA LYS H 25 17.01 -29.87 0.13
C LYS H 25 17.60 -31.26 0.37
N ASP H 26 18.45 -31.36 1.40
CA ASP H 26 19.38 -32.48 1.59
C ASP H 26 18.89 -33.51 2.62
N ASP H 27 17.58 -33.57 2.81
CA ASP H 27 16.93 -34.54 3.69
C ASP H 27 15.97 -35.45 2.88
N VAL H 28 15.23 -34.88 1.93
CA VAL H 28 14.39 -35.64 0.97
C VAL H 28 14.51 -35.08 -0.45
N SER H 29 14.22 -35.92 -1.44
CA SER H 29 14.33 -35.53 -2.85
C SER H 29 13.10 -34.73 -3.28
N ILE H 30 13.32 -33.50 -3.75
CA ILE H 30 12.25 -32.60 -4.24
C ILE H 30 12.71 -31.97 -5.55
N SER H 31 11.76 -31.63 -6.43
CA SER H 31 12.05 -30.89 -7.68
C SER H 31 11.33 -29.53 -7.77
N VAL H 32 11.66 -28.76 -8.81
CA VAL H 32 11.12 -27.42 -9.08
C VAL H 32 10.05 -27.45 -10.20
N GLU H 33 9.16 -26.47 -10.20
CA GLU H 33 8.22 -26.26 -11.31
C GLU H 33 7.61 -24.86 -11.22
N GLU H 34 7.47 -24.20 -12.38
CA GLU H 34 6.97 -22.84 -12.47
C GLU H 34 5.76 -22.79 -13.40
N GLY H 35 4.84 -21.88 -13.08
CA GLY H 35 3.51 -21.83 -13.70
C GLY H 35 2.46 -22.20 -12.68
N LYS H 36 1.19 -22.15 -13.07
CA LYS H 36 0.07 -22.58 -12.22
C LYS H 36 -0.02 -21.75 -10.92
N GLU H 37 0.04 -22.40 -9.75
CA GLU H 37 -0.15 -21.80 -8.43
C GLU H 37 0.56 -22.75 -7.45
N ASN H 38 0.28 -22.67 -6.15
CA ASN H 38 1.00 -23.48 -5.15
C ASN H 38 0.43 -24.89 -5.04
N ILE H 39 1.10 -25.86 -5.66
CA ILE H 39 0.70 -27.27 -5.62
C ILE H 39 1.95 -28.16 -5.40
N LEU H 40 2.04 -28.80 -4.24
CA LEU H 40 3.06 -29.81 -3.95
C LEU H 40 2.49 -31.17 -4.29
N HIS H 41 2.96 -31.75 -5.40
CA HIS H 41 2.54 -33.10 -5.79
C HIS H 41 3.25 -34.12 -4.92
N VAL H 42 2.47 -34.92 -4.23
CA VAL H 42 2.93 -35.90 -3.30
C VAL H 42 2.56 -37.23 -3.83
N SER H 43 3.29 -38.25 -3.45
CA SER H 43 2.96 -39.60 -3.88
C SER H 43 2.89 -39.72 -5.38
N GLU H 44 1.73 -40.07 -5.90
CA GLU H 44 1.52 -40.18 -7.29
C GLU H 44 0.66 -39.01 -7.58
N ASN H 45 -0.58 -39.09 -7.11
CA ASN H 45 -1.47 -37.97 -7.28
C ASN H 45 -2.14 -37.59 -6.03
N VAL H 46 -1.38 -36.92 -5.20
CA VAL H 46 -1.86 -36.43 -3.96
C VAL H 46 -1.46 -35.00 -4.05
N ILE H 47 -2.26 -34.12 -3.52
CA ILE H 47 -1.99 -32.72 -3.59
C ILE H 47 -2.28 -31.92 -2.34
N PHE H 48 -1.46 -30.94 -2.10
CA PHE H 48 -1.74 -29.89 -1.12
C PHE H 48 -1.67 -28.56 -1.86
N THR H 49 -2.73 -27.76 -1.74
CA THR H 49 -2.81 -26.42 -2.34
C THR H 49 -2.93 -25.29 -1.32
N ASP H 50 -3.03 -25.62 -0.04
CA ASP H 50 -3.06 -24.57 0.97
C ASP H 50 -1.59 -24.21 1.35
N VAL H 51 -1.44 -23.08 2.02
CA VAL H 51 -0.14 -22.58 2.44
C VAL H 51 0.52 -23.47 3.53
N ASN H 52 -0.20 -23.67 4.61
CA ASN H 52 0.29 -24.33 5.77
C ASN H 52 0.16 -25.86 5.65
N SER H 53 -0.48 -26.35 4.59
CA SER H 53 -0.59 -27.78 4.33
C SER H 53 0.74 -28.28 3.86
N ILE H 54 1.29 -27.55 2.90
CA ILE H 54 2.60 -27.86 2.31
C ILE H 54 3.67 -27.74 3.40
N LEU H 55 3.61 -26.67 4.18
CA LEU H 55 4.55 -26.45 5.29
C LEU H 55 4.46 -27.52 6.40
N ARG H 56 3.25 -27.99 6.70
CA ARG H 56 3.03 -29.06 7.69
C ARG H 56 3.48 -30.44 7.20
N TYR H 57 3.16 -30.78 5.96
CA TYR H 57 3.56 -32.06 5.38
C TYR H 57 5.08 -32.26 5.26
N LEU H 58 5.75 -31.32 4.60
CA LEU H 58 7.19 -31.40 4.33
C LEU H 58 8.01 -31.51 5.61
N ALA H 59 7.54 -30.84 6.66
CA ALA H 59 8.13 -30.96 7.97
C ALA H 59 7.90 -32.37 8.55
N ARG H 60 6.78 -33.00 8.18
CA ARG H 60 6.45 -34.35 8.63
C ARG H 60 7.18 -35.47 7.89
N VAL H 61 7.41 -35.30 6.60
CA VAL H 61 8.24 -36.25 5.82
C VAL H 61 9.70 -36.14 6.28
N ALA H 62 10.26 -34.93 6.21
CA ALA H 62 11.66 -34.70 6.60
C ALA H 62 11.86 -34.64 8.11
N THR H 63 11.89 -35.82 8.73
CA THR H 63 12.13 -35.95 10.17
C THR H 63 13.58 -35.68 10.57
N THR H 64 14.52 -35.78 9.64
CA THR H 64 15.95 -35.52 9.89
C THR H 64 16.19 -34.03 10.16
N ALA H 65 15.45 -33.18 9.44
CA ALA H 65 15.34 -31.76 9.78
C ALA H 65 14.53 -31.63 11.07
N GLY H 66 14.59 -30.47 11.71
CA GLY H 66 13.85 -30.22 12.96
C GLY H 66 12.89 -29.06 12.80
N LEU H 67 12.12 -29.10 11.71
CA LEU H 67 11.21 -28.01 11.38
C LEU H 67 9.94 -28.00 12.22
N TYR H 68 9.64 -29.09 12.86
CA TYR H 68 8.45 -29.19 13.65
C TYR H 68 8.53 -29.24 15.15
N GLY H 69 9.63 -28.84 15.74
CA GLY H 69 9.80 -28.81 17.20
C GLY H 69 10.10 -30.17 17.80
N SER H 70 10.38 -30.16 19.10
CA SER H 70 10.81 -31.35 19.84
C SER H 70 9.67 -31.96 20.65
N ASN H 71 9.02 -31.16 21.50
CA ASN H 71 7.94 -31.63 22.39
C ASN H 71 6.60 -31.83 21.63
N LEU H 72 5.59 -32.33 22.34
CA LEU H 72 4.19 -32.25 21.88
C LEU H 72 3.74 -30.79 21.99
N MET H 73 4.28 -30.10 22.99
CA MET H 73 3.98 -28.72 23.22
C MET H 73 4.48 -27.79 22.10
N GLU H 74 5.70 -28.00 21.65
CA GLU H 74 6.24 -27.26 20.52
C GLU H 74 5.48 -27.60 19.24
N HIS H 75 5.02 -28.85 19.13
CA HIS H 75 4.21 -29.30 17.99
C HIS H 75 2.95 -28.45 17.82
N THR H 76 2.37 -28.03 18.94
CA THR H 76 1.10 -27.30 18.95
C THR H 76 1.36 -25.81 18.74
N GLU H 77 2.31 -25.27 19.51
CA GLU H 77 2.75 -23.84 19.41
C GLU H 77 3.16 -23.39 18.02
N ILE H 78 3.94 -24.24 17.34
CA ILE H 78 4.25 -24.08 15.92
C ILE H 78 3.00 -23.97 15.03
N ASP H 79 1.99 -24.82 15.28
CA ASP H 79 0.78 -24.87 14.42
C ASP H 79 0.00 -23.58 14.58
N HIS H 80 -0.19 -23.17 15.84
CA HIS H 80 -0.72 -21.86 16.19
C HIS H 80 -0.08 -20.70 15.44
N TRP H 81 1.25 -20.70 15.24
CA TRP H 81 1.95 -19.62 14.52
C TRP H 81 1.68 -19.65 13.02
N LEU H 82 1.46 -20.84 12.46
CA LEU H 82 1.03 -20.97 11.08
C LEU H 82 -0.39 -20.40 10.91
N GLU H 83 -1.20 -20.54 11.97
CA GLU H 83 -2.53 -19.92 12.00
C GLU H 83 -2.45 -18.40 12.12
N PHE H 84 -1.49 -17.94 12.93
CA PHE H 84 -1.09 -16.52 13.04
C PHE H 84 -0.80 -15.92 11.64
N SER H 85 0.12 -16.55 10.90
CA SER H 85 0.44 -16.12 9.53
C SER H 85 -0.72 -16.22 8.51
N ALA H 86 -1.85 -16.82 8.88
CA ALA H 86 -3.09 -16.77 8.08
C ALA H 86 -4.20 -15.88 8.66
N THR H 87 -4.29 -15.77 9.98
CA THR H 87 -5.32 -14.93 10.62
C THR H 87 -4.93 -13.45 10.69
N LYS H 88 -3.95 -13.12 11.54
CA LYS H 88 -3.65 -11.72 11.91
C LYS H 88 -2.57 -11.00 11.09
N LEU H 89 -1.79 -11.74 10.30
CA LEU H 89 -0.86 -11.15 9.31
C LEU H 89 -1.36 -11.27 7.86
N SER H 90 -2.59 -11.74 7.69
CA SER H 90 -3.25 -11.84 6.38
C SER H 90 -3.49 -10.49 5.69
N SER H 91 -3.99 -9.50 6.43
CA SER H 91 -4.52 -8.26 5.85
C SER H 91 -4.23 -7.00 6.67
N SER H 92 -4.59 -5.85 6.09
CA SER H 92 -4.30 -4.50 6.62
C SER H 92 -4.62 -4.24 8.09
N ASP H 93 -5.88 -4.44 8.45
CA ASP H 93 -6.44 -4.00 9.74
C ASP H 93 -5.72 -4.54 10.99
N SER H 94 -5.65 -3.71 12.04
CA SER H 94 -5.07 -4.06 13.34
C SER H 94 -3.61 -4.56 13.24
N PHE H 95 -2.69 -3.66 12.86
CA PHE H 95 -1.29 -4.06 12.69
C PHE H 95 -0.42 -3.88 13.93
N THR H 96 -0.63 -2.78 14.67
CA THR H 96 0.08 -2.59 15.94
C THR H 96 -0.42 -3.54 17.04
N SER H 97 -1.57 -4.18 16.82
CA SER H 97 -2.04 -5.27 17.67
C SER H 97 -1.29 -6.59 17.39
N THR H 98 -1.17 -6.94 16.11
CA THR H 98 -0.55 -8.21 15.70
C THR H 98 0.98 -8.19 15.80
N ILE H 99 1.61 -7.10 15.37
CA ILE H 99 3.07 -6.98 15.45
C ILE H 99 3.52 -6.66 16.88
N ASN H 100 2.62 -6.17 17.72
CA ASN H 100 2.92 -6.07 19.15
C ASN H 100 3.04 -7.46 19.76
N GLU H 101 2.06 -8.31 19.48
CA GLU H 101 2.10 -9.68 20.00
C GLU H 101 3.32 -10.44 19.45
N LEU H 102 3.66 -10.24 18.18
CA LEU H 102 4.89 -10.80 17.60
C LEU H 102 6.14 -10.27 18.30
N ASN H 103 6.11 -8.98 18.65
CA ASN H 103 7.18 -8.31 19.42
C ASN H 103 7.24 -8.74 20.89
N HIS H 104 6.08 -8.91 21.51
CA HIS H 104 5.99 -9.31 22.91
C HIS H 104 6.30 -10.78 23.14
N SER H 105 5.91 -11.67 22.21
CA SER H 105 6.42 -13.05 22.29
C SER H 105 7.91 -13.14 21.86
N LEU H 106 8.37 -12.27 20.95
CA LEU H 106 9.78 -12.28 20.52
C LEU H 106 10.83 -11.76 21.53
N SER H 107 10.41 -11.18 22.66
CA SER H 107 11.33 -10.46 23.53
C SER H 107 12.41 -11.31 24.21
N LEU H 108 12.04 -12.55 24.56
CA LEU H 108 12.96 -13.50 25.22
C LEU H 108 13.21 -14.73 24.35
N ARG H 109 13.01 -14.60 23.05
CA ARG H 109 13.02 -15.73 22.15
C ARG H 109 13.87 -15.40 20.93
N THR H 110 14.93 -16.17 20.75
CA THR H 110 15.77 -16.04 19.57
C THR H 110 14.93 -16.46 18.37
N TYR H 111 14.42 -17.69 18.42
CA TYR H 111 13.46 -18.24 17.47
C TYR H 111 12.08 -18.19 18.11
N LEU H 112 11.03 -18.36 17.31
CA LEU H 112 9.68 -18.42 17.87
C LEU H 112 9.41 -19.72 18.65
N VAL H 113 10.39 -20.61 18.66
CA VAL H 113 10.34 -22.04 19.03
C VAL H 113 10.96 -22.31 20.41
N GLY H 114 11.84 -21.40 20.87
CA GLY H 114 12.71 -21.62 22.04
C GLY H 114 14.08 -22.20 21.70
N ASN H 115 14.12 -23.04 20.67
CA ASN H 115 15.30 -23.78 20.25
C ASN H 115 15.84 -23.38 18.87
N SER H 116 15.22 -23.89 17.81
CA SER H 116 15.82 -23.94 16.50
C SER H 116 14.93 -23.16 15.55
N LEU H 117 15.44 -22.95 14.33
CA LEU H 117 14.61 -22.55 13.20
C LEU H 117 13.47 -23.56 12.91
N SER H 118 12.22 -23.12 13.03
CA SER H 118 11.03 -23.97 12.78
C SER H 118 10.12 -23.35 11.74
N LEU H 119 9.04 -24.05 11.42
CA LEU H 119 7.97 -23.49 10.58
C LEU H 119 7.33 -22.24 11.18
N ALA H 120 7.29 -22.15 12.51
CA ALA H 120 6.84 -20.93 13.16
C ALA H 120 7.61 -19.79 12.49
N ASP H 121 8.93 -19.84 12.59
CA ASP H 121 9.79 -18.78 12.06
C ASP H 121 9.69 -18.56 10.53
N LEU H 122 9.52 -19.63 9.75
CA LEU H 122 9.50 -19.52 8.27
C LEU H 122 8.23 -18.81 7.78
N SER H 123 7.09 -19.35 8.15
CA SER H 123 5.80 -18.86 7.68
C SER H 123 5.59 -17.43 8.13
N VAL H 124 5.80 -17.20 9.42
CA VAL H 124 5.65 -15.88 10.03
C VAL H 124 6.64 -14.88 9.40
N TRP H 125 7.86 -15.33 9.07
CA TRP H 125 8.87 -14.50 8.39
C TRP H 125 8.54 -14.18 6.94
N ALA H 126 7.90 -15.12 6.26
CA ALA H 126 7.48 -14.97 4.85
C ALA H 126 6.25 -14.09 4.74
N THR H 127 5.35 -14.23 5.71
CA THR H 127 4.10 -13.46 5.79
C THR H 127 4.31 -12.05 6.38
N LEU H 128 5.54 -11.73 6.81
CA LEU H 128 5.93 -10.36 7.16
C LEU H 128 6.54 -9.65 5.96
N LYS H 129 7.49 -10.34 5.33
CA LYS H 129 8.13 -9.89 4.08
C LYS H 129 7.10 -9.52 2.99
N GLY H 130 6.04 -10.32 2.87
CA GLY H 130 4.97 -10.06 1.91
C GLY H 130 4.08 -8.90 2.31
N ASN H 131 3.68 -8.89 3.57
CA ASN H 131 2.83 -7.84 4.14
C ASN H 131 3.49 -6.44 4.11
N ALA H 132 2.86 -5.51 3.40
CA ALA H 132 3.41 -4.18 3.10
C ALA H 132 3.71 -3.30 4.32
N ALA H 133 2.89 -3.41 5.37
CA ALA H 133 3.09 -2.65 6.62
C ALA H 133 4.47 -2.88 7.30
N TRP H 134 5.03 -4.08 7.14
CA TRP H 134 6.37 -4.37 7.68
C TRP H 134 7.41 -3.46 7.01
N GLN H 135 7.32 -3.29 5.70
CA GLN H 135 8.08 -2.24 5.00
C GLN H 135 7.72 -0.82 5.51
N GLU H 136 6.44 -0.58 5.77
CA GLU H 136 5.96 0.72 6.27
C GLU H 136 6.80 1.24 7.44
N GLN H 137 6.89 0.43 8.50
CA GLN H 137 7.58 0.83 9.72
C GLN H 137 9.11 0.74 9.53
N LEU H 138 9.56 -0.08 8.57
CA LEU H 138 10.97 -0.06 8.10
C LEU H 138 11.31 1.12 7.17
N LYS H 139 10.30 1.90 6.77
CA LYS H 139 10.51 3.23 6.18
C LYS H 139 10.53 4.29 7.27
N GLN H 140 9.46 4.32 8.08
CA GLN H 140 9.32 5.23 9.23
C GLN H 140 10.52 5.19 10.20
N LYS H 141 11.07 4.01 10.42
CA LYS H 141 12.04 3.74 11.48
C LYS H 141 11.36 3.77 12.87
N LYS H 142 10.10 3.35 12.90
CA LYS H 142 9.40 3.01 14.15
C LYS H 142 8.98 1.53 14.12
N ALA H 143 9.84 0.70 13.53
CA ALA H 143 9.63 -0.76 13.47
C ALA H 143 10.12 -1.32 14.80
N PRO H 144 9.19 -1.81 15.66
CA PRO H 144 9.57 -2.16 17.04
C PRO H 144 10.69 -3.22 17.11
N VAL H 145 11.53 -3.05 18.13
CA VAL H 145 12.93 -3.51 18.09
C VAL H 145 13.15 -5.03 18.09
N HIS H 146 12.32 -5.75 18.82
CA HIS H 146 12.48 -7.19 18.95
C HIS H 146 12.16 -7.89 17.62
N VAL H 147 11.05 -7.49 16.99
CA VAL H 147 10.72 -8.03 15.66
C VAL H 147 11.77 -7.65 14.57
N LYS H 148 12.44 -6.49 14.74
CA LYS H 148 13.47 -6.07 13.80
C LYS H 148 14.71 -6.98 13.80
N ARG H 149 15.21 -7.33 14.99
CA ARG H 149 16.42 -8.17 15.08
C ARG H 149 16.16 -9.60 14.58
N TRP H 150 15.00 -10.16 14.97
CA TRP H 150 14.61 -11.53 14.62
C TRP H 150 14.35 -11.68 13.13
N PHE H 151 13.78 -10.66 12.51
CA PHE H 151 13.53 -10.68 11.06
C PHE H 151 14.85 -10.63 10.27
N GLY H 152 15.64 -9.60 10.53
CA GLY H 152 16.91 -9.39 9.86
C GLY H 152 17.98 -10.43 10.19
N PHE H 153 17.84 -11.09 11.35
CA PHE H 153 18.67 -12.23 11.71
C PHE H 153 18.38 -13.36 10.73
N LEU H 154 17.11 -13.76 10.67
CA LEU H 154 16.67 -14.75 9.68
C LEU H 154 17.07 -14.34 8.25
N GLU H 155 16.79 -13.09 7.89
CA GLU H 155 17.05 -12.57 6.53
C GLU H 155 18.49 -12.78 6.08
N ALA H 156 19.44 -12.54 6.98
CA ALA H 156 20.88 -12.72 6.70
C ALA H 156 21.33 -14.17 6.55
N GLN H 157 20.56 -15.14 7.04
CA GLN H 157 20.94 -16.57 6.95
C GLN H 157 21.03 -17.08 5.51
N GLN H 158 21.69 -18.22 5.34
CA GLN H 158 22.16 -18.65 4.01
C GLN H 158 21.01 -18.95 3.06
N ALA H 159 20.09 -19.80 3.50
CA ALA H 159 18.91 -20.21 2.71
C ALA H 159 17.93 -19.06 2.46
N PHE H 160 17.67 -18.25 3.48
CA PHE H 160 16.81 -17.06 3.38
C PHE H 160 17.38 -16.02 2.39
N GLN H 161 18.70 -15.83 2.39
CA GLN H 161 19.37 -14.96 1.40
C GLN H 161 19.24 -15.52 -0.02
N SER H 162 19.26 -16.85 -0.11
CA SER H 162 19.17 -17.58 -1.38
C SER H 162 17.76 -17.61 -1.99
N VAL H 163 16.75 -17.15 -1.26
CA VAL H 163 15.37 -17.07 -1.76
C VAL H 163 15.12 -15.73 -2.46
N GLY H 164 15.61 -14.65 -1.87
CA GLY H 164 15.50 -13.30 -2.46
C GLY H 164 16.42 -13.09 -3.66
N THR H 165 17.40 -13.99 -3.83
CA THR H 165 18.26 -14.02 -5.01
C THR H 165 17.59 -14.81 -6.13
N LYS H 166 17.18 -16.04 -5.81
CA LYS H 166 16.57 -16.96 -6.78
C LYS H 166 15.06 -16.77 -7.00
N TRP H 167 14.47 -15.69 -6.46
CA TRP H 167 13.05 -15.41 -6.66
C TRP H 167 12.66 -13.97 -6.25
N ASP H 168 13.11 -12.98 -7.01
CA ASP H 168 12.75 -11.57 -6.80
C ASP H 168 13.23 -10.66 -7.94
#